data_2B35
#
_entry.id   2B35
#
_cell.length_a   99.955
_cell.length_b   81.827
_cell.length_c   188.656
_cell.angle_alpha   90.00
_cell.angle_beta   95.69
_cell.angle_gamma   90.00
#
_symmetry.space_group_name_H-M   'C 1 2 1'
#
loop_
_entity.id
_entity.type
_entity.pdbx_description
1 polymer 'Enoyl-[acyl-carrier-protein] reductase [NADH]'
2 non-polymer TRICLOSAN
3 non-polymer NICOTINAMIDE-ADENINE-DINUCLEOTIDE
#
_entity_poly.entity_id   1
_entity_poly.type   'polypeptide(L)'
_entity_poly.pdbx_seq_one_letter_code
;MTGLLDGKRILVSGIITDSSIAFHIARVAQEQGAQLVLTGFDRLRLIQRITDRLPAKAPLLELDVQNEEHLASLAGRVTE
AIGAGNKLDGVVHSIGFMPQTGMGINPFFDAPYADVSKGIHISAYSYASMAKALLPIMNPGGSIVGMDFDPSRAMPAYNW
MTVAKSALESVNRFVAREAGKYGVRSNLVAAGPIRTLAMSAIVGGALGEEAGAQIQLLEEGWDQRAPIGWNMKDATPVAK
TVCALLSDWLPATTGDIIYADGGAHTQLL
;
_entity_poly.pdbx_strand_id   A,B,C,D,E,F
#
loop_
_chem_comp.id
_chem_comp.type
_chem_comp.name
_chem_comp.formula
NAD non-polymer NICOTINAMIDE-ADENINE-DINUCLEOTIDE 'C21 H27 N7 O14 P2'
TCL non-polymer TRICLOSAN 'C12 H7 Cl3 O2'
#
# COMPACT_ATOMS: atom_id res chain seq x y z
N THR A 2 -21.63 7.77 10.70
CA THR A 2 -21.46 6.37 10.21
C THR A 2 -22.32 6.18 8.97
N GLY A 3 -21.86 5.34 8.05
CA GLY A 3 -22.50 5.15 6.77
C GLY A 3 -23.23 3.82 6.65
N LEU A 4 -23.98 3.71 5.56
CA LEU A 4 -24.84 2.57 5.29
C LEU A 4 -24.12 1.22 5.28
N LEU A 5 -22.87 1.20 4.81
CA LEU A 5 -22.15 -0.04 4.52
C LEU A 5 -20.83 -0.14 5.32
N ASP A 6 -20.88 0.33 6.57
CA ASP A 6 -19.66 0.46 7.40
C ASP A 6 -19.08 -0.89 7.72
N GLY A 7 -17.79 -1.04 7.43
CA GLY A 7 -17.05 -2.28 7.65
C GLY A 7 -17.37 -3.41 6.69
N LYS A 8 -18.24 -3.20 5.72
CA LYS A 8 -18.62 -4.27 4.77
C LYS A 8 -17.62 -4.31 3.65
N ARG A 9 -17.13 -5.47 3.32
CA ARG A 9 -16.21 -5.59 2.17
C ARG A 9 -16.98 -6.00 0.92
N ILE A 10 -16.91 -5.18 -0.12
CA ILE A 10 -17.77 -5.38 -1.29
C ILE A 10 -16.97 -5.37 -2.59
N LEU A 11 -17.11 -6.45 -3.35
CA LEU A 11 -16.55 -6.56 -4.70
C LEU A 11 -17.47 -5.90 -5.72
N VAL A 12 -16.91 -4.96 -6.49
CA VAL A 12 -17.65 -4.30 -7.56
C VAL A 12 -16.95 -4.56 -8.91
N SER A 13 -17.68 -5.19 -9.82
CA SER A 13 -17.24 -5.38 -11.20
C SER A 13 -17.90 -4.37 -12.09
N GLY A 14 -17.36 -4.18 -13.27
CA GLY A 14 -18.07 -3.46 -14.36
C GLY A 14 -17.73 -2.00 -14.58
N ILE A 15 -16.65 -1.54 -13.96
CA ILE A 15 -16.14 -0.19 -14.23
C ILE A 15 -15.28 -0.24 -15.48
N ILE A 16 -15.72 0.49 -16.51
CA ILE A 16 -14.88 0.75 -17.68
C ILE A 16 -14.63 2.26 -17.81
N THR A 17 -15.65 3.10 -17.62
CA THR A 17 -15.43 4.56 -17.52
C THR A 17 -16.08 5.15 -16.26
N ASP A 18 -15.92 6.47 -16.09
CA ASP A 18 -16.57 7.17 -15.00
C ASP A 18 -18.06 7.40 -15.21
N SER A 19 -18.56 7.12 -16.42
CA SER A 19 -20.01 7.14 -16.69
C SER A 19 -20.72 5.80 -16.38
N SER A 20 -19.93 4.74 -16.21
CA SER A 20 -20.42 3.40 -15.87
C SER A 20 -21.27 3.46 -14.61
N ILE A 21 -22.31 2.63 -14.53
CA ILE A 21 -23.18 2.58 -13.34
C ILE A 21 -22.40 2.05 -12.13
N ALA A 22 -21.40 1.21 -12.40
CA ALA A 22 -20.55 0.62 -11.40
C ALA A 22 -19.54 1.64 -10.81
N PHE A 23 -19.30 2.75 -11.50
CA PHE A 23 -18.44 3.80 -10.94
C PHE A 23 -19.18 4.50 -9.81
N HIS A 24 -20.45 4.75 -10.05
CA HIS A 24 -21.31 5.42 -9.08
C HIS A 24 -21.66 4.52 -7.92
N ILE A 25 -21.89 3.24 -8.19
CA ILE A 25 -22.11 2.24 -7.15
C ILE A 25 -20.88 2.17 -6.26
N ALA A 26 -19.72 2.10 -6.88
CA ALA A 26 -18.47 2.12 -6.14
C ALA A 26 -18.33 3.42 -5.38
N ARG A 27 -18.50 4.54 -6.06
CA ARG A 27 -18.40 5.87 -5.44
C ARG A 27 -19.30 5.97 -4.23
N VAL A 28 -20.56 5.56 -4.36
CA VAL A 28 -21.52 5.71 -3.27
C VAL A 28 -21.26 4.70 -2.16
N ALA A 29 -20.87 3.49 -2.53
CA ALA A 29 -20.52 2.51 -1.51
C ALA A 29 -19.35 2.99 -0.64
N GLN A 30 -18.34 3.60 -1.23
CA GLN A 30 -17.18 4.09 -0.44
C GLN A 30 -17.58 5.27 0.41
N GLU A 31 -18.45 6.15 -0.12
CA GLU A 31 -19.00 7.27 0.66
C GLU A 31 -19.67 6.74 1.92
N GLN A 32 -20.36 5.61 1.81
CA GLN A 32 -21.01 4.97 2.97
C GLN A 32 -20.12 4.01 3.82
N GLY A 33 -18.80 4.09 3.67
CA GLY A 33 -17.86 3.38 4.55
C GLY A 33 -17.59 1.94 4.19
N ALA A 34 -17.77 1.63 2.91
CA ALA A 34 -17.55 0.29 2.40
C ALA A 34 -16.13 0.16 1.88
N GLN A 35 -15.56 -1.02 2.07
CA GLN A 35 -14.21 -1.35 1.67
C GLN A 35 -14.31 -2.15 0.37
N LEU A 36 -13.87 -1.56 -0.73
CA LEU A 36 -14.02 -2.18 -2.04
C LEU A 36 -12.81 -2.95 -2.56
N VAL A 37 -13.17 -3.99 -3.32
CA VAL A 37 -12.31 -4.67 -4.26
C VAL A 37 -13.02 -4.49 -5.60
N LEU A 38 -12.25 -4.20 -6.64
CA LEU A 38 -12.80 -3.87 -7.95
C LEU A 38 -12.21 -4.83 -8.96
N THR A 39 -13.00 -5.17 -9.97
CA THR A 39 -12.49 -6.00 -11.10
C THR A 39 -12.75 -5.28 -12.42
N GLY A 40 -12.01 -5.66 -13.46
CA GLY A 40 -12.18 -5.09 -14.79
C GLY A 40 -11.84 -6.09 -15.87
N PHE A 41 -12.18 -5.79 -17.13
CA PHE A 41 -12.20 -6.82 -18.17
C PHE A 41 -10.95 -6.87 -19.00
N ASP A 42 -10.68 -5.78 -19.73
CA ASP A 42 -9.59 -5.74 -20.71
C ASP A 42 -8.73 -4.50 -20.54
N ARG A 43 -9.33 -3.33 -20.73
CA ARG A 43 -8.61 -2.04 -20.72
C ARG A 43 -8.19 -1.62 -19.29
N LEU A 44 -7.32 -2.43 -18.67
CA LEU A 44 -6.99 -2.26 -17.25
C LEU A 44 -6.26 -0.97 -16.94
N ARG A 45 -5.43 -0.53 -17.87
CA ARG A 45 -4.64 0.69 -17.70
C ARG A 45 -5.54 1.90 -17.59
N LEU A 46 -6.57 1.90 -18.42
CA LEU A 46 -7.56 2.96 -18.40
C LEU A 46 -8.32 2.97 -17.06
N ILE A 47 -8.80 1.80 -16.63
CA ILE A 47 -9.65 1.75 -15.45
C ILE A 47 -8.84 1.93 -14.14
N GLN A 48 -7.51 1.85 -14.23
CA GLN A 48 -6.69 2.22 -13.09
C GLN A 48 -6.79 3.71 -12.84
N ARG A 49 -6.69 4.49 -13.91
CA ARG A 49 -6.85 5.95 -13.84
C ARG A 49 -8.28 6.38 -13.52
N ILE A 50 -9.26 5.60 -13.98
CA ILE A 50 -10.65 5.90 -13.74
C ILE A 50 -10.96 5.74 -12.25
N THR A 51 -10.60 4.58 -11.72
CA THR A 51 -10.90 4.23 -10.33
C THR A 51 -10.06 5.01 -9.33
N ASP A 52 -9.05 5.74 -9.82
CA ASP A 52 -8.29 6.70 -9.01
C ASP A 52 -9.16 7.93 -8.70
N ARG A 53 -10.11 8.23 -9.60
CA ARG A 53 -11.06 9.31 -9.39
C ARG A 53 -12.18 8.93 -8.41
N LEU A 54 -12.02 7.77 -7.77
CA LEU A 54 -12.92 7.32 -6.73
C LEU A 54 -12.48 7.90 -5.41
N PRO A 55 -13.43 8.07 -4.47
CA PRO A 55 -13.10 8.59 -3.15
C PRO A 55 -11.94 7.91 -2.42
N ALA A 56 -11.90 6.57 -2.42
CA ALA A 56 -10.90 5.82 -1.63
C ALA A 56 -10.18 4.79 -2.48
N LYS A 57 -8.99 4.39 -2.03
CA LYS A 57 -8.23 3.37 -2.75
C LYS A 57 -8.87 1.99 -2.59
N ALA A 58 -8.57 1.13 -3.57
CA ALA A 58 -9.17 -0.20 -3.66
C ALA A 58 -8.39 -1.05 -4.66
N PRO A 59 -8.00 -2.26 -4.24
CA PRO A 59 -7.32 -3.18 -5.14
C PRO A 59 -8.14 -3.49 -6.38
N LEU A 60 -7.45 -3.61 -7.52
CA LEU A 60 -8.10 -3.75 -8.79
C LEU A 60 -7.61 -5.05 -9.40
N LEU A 61 -8.53 -6.00 -9.57
CA LEU A 61 -8.22 -7.28 -10.17
C LEU A 61 -8.83 -7.41 -11.60
N GLU A 62 -8.33 -8.38 -12.35
CA GLU A 62 -8.77 -8.63 -13.73
C GLU A 62 -9.74 -9.80 -13.71
N LEU A 63 -10.83 -9.66 -14.45
CA LEU A 63 -11.89 -10.65 -14.49
C LEU A 63 -12.66 -10.53 -15.79
N ASP A 64 -12.27 -11.36 -16.75
CA ASP A 64 -13.01 -11.64 -17.95
C ASP A 64 -13.86 -12.84 -17.54
N VAL A 65 -15.18 -12.68 -17.60
CA VAL A 65 -16.12 -13.71 -17.14
C VAL A 65 -16.29 -14.85 -18.17
N GLN A 66 -15.75 -14.66 -19.36
CA GLN A 66 -15.59 -15.74 -20.32
C GLN A 66 -14.34 -16.58 -20.01
N ASN A 67 -13.36 -15.95 -19.40
CA ASN A 67 -12.11 -16.62 -19.07
C ASN A 67 -12.31 -17.58 -17.88
N GLU A 68 -12.01 -18.85 -18.12
CA GLU A 68 -12.22 -19.90 -17.14
C GLU A 68 -11.11 -19.97 -16.09
N GLU A 69 -9.93 -19.52 -16.47
CA GLU A 69 -8.85 -19.42 -15.49
C GLU A 69 -9.07 -18.25 -14.52
N HIS A 70 -9.59 -17.14 -15.03
CA HIS A 70 -9.86 -15.96 -14.21
C HIS A 70 -10.82 -16.33 -13.09
N LEU A 71 -11.83 -17.14 -13.39
CA LEU A 71 -12.90 -17.52 -12.46
C LEU A 71 -12.43 -18.49 -11.37
N ALA A 72 -11.65 -19.48 -11.76
CA ALA A 72 -11.16 -20.47 -10.82
C ALA A 72 -10.13 -19.89 -9.86
N SER A 73 -9.44 -18.82 -10.26
CA SER A 73 -8.43 -18.19 -9.40
C SER A 73 -9.01 -17.03 -8.59
N LEU A 74 -10.24 -16.62 -8.92
CA LEU A 74 -10.83 -15.39 -8.40
C LEU A 74 -11.04 -15.31 -6.89
N ALA A 75 -11.32 -16.45 -6.26
CA ALA A 75 -11.48 -16.49 -4.81
C ALA A 75 -10.15 -16.13 -4.11
N GLY A 76 -9.10 -16.86 -4.45
CA GLY A 76 -7.75 -16.60 -3.94
C GLY A 76 -7.21 -15.22 -4.26
N ARG A 77 -7.51 -14.67 -5.42
CA ARG A 77 -7.04 -13.32 -5.72
C ARG A 77 -7.70 -12.25 -4.86
N VAL A 78 -9.00 -12.39 -4.65
CA VAL A 78 -9.75 -11.53 -3.76
C VAL A 78 -9.20 -11.69 -2.35
N THR A 79 -9.10 -12.92 -1.87
CA THR A 79 -8.62 -13.19 -0.52
C THR A 79 -7.26 -12.54 -0.24
N GLU A 80 -6.31 -12.72 -1.16
CA GLU A 80 -5.03 -12.01 -1.08
C GLU A 80 -5.28 -10.49 -0.96
N ALA A 81 -6.22 -9.95 -1.73
CA ALA A 81 -6.43 -8.50 -1.81
C ALA A 81 -7.08 -7.86 -0.56
N ILE A 82 -7.92 -8.64 0.14
CA ILE A 82 -8.60 -8.17 1.34
C ILE A 82 -7.95 -8.72 2.60
N GLY A 83 -7.00 -9.64 2.44
CA GLY A 83 -6.30 -10.27 3.52
C GLY A 83 -6.95 -11.58 3.84
N ALA A 84 -6.14 -12.64 3.90
CA ALA A 84 -6.59 -13.94 4.40
C ALA A 84 -7.35 -13.81 5.71
N GLY A 85 -8.41 -14.59 5.82
CA GLY A 85 -9.27 -14.62 7.01
C GLY A 85 -10.43 -13.65 6.91
N ASN A 86 -10.29 -12.65 6.04
CA ASN A 86 -11.39 -11.75 5.70
C ASN A 86 -12.31 -12.36 4.63
N LYS A 87 -13.56 -11.89 4.60
CA LYS A 87 -14.53 -12.34 3.60
C LYS A 87 -15.38 -11.19 3.07
N LEU A 88 -15.99 -11.42 1.90
CA LEU A 88 -16.80 -10.41 1.25
C LEU A 88 -18.21 -10.43 1.82
N ASP A 89 -18.77 -9.25 2.02
CA ASP A 89 -20.15 -9.10 2.47
C ASP A 89 -21.07 -8.74 1.30
N GLY A 90 -20.47 -8.35 0.19
CA GLY A 90 -21.21 -7.89 -0.96
C GLY A 90 -20.49 -8.22 -2.24
N VAL A 91 -21.24 -8.42 -3.31
CA VAL A 91 -20.71 -8.62 -4.64
C VAL A 91 -21.59 -7.90 -5.62
N VAL A 92 -21.03 -7.01 -6.44
CA VAL A 92 -21.81 -6.31 -7.49
C VAL A 92 -21.44 -6.78 -8.88
N HIS A 93 -22.42 -7.34 -9.58
CA HIS A 93 -22.33 -7.68 -10.99
C HIS A 93 -22.95 -6.56 -11.80
N SER A 94 -22.16 -5.82 -12.57
CA SER A 94 -22.70 -4.73 -13.43
C SER A 94 -22.19 -4.95 -14.83
N ILE A 95 -22.14 -6.21 -15.21
CA ILE A 95 -21.57 -6.60 -16.46
C ILE A 95 -22.67 -6.93 -17.43
N GLY A 96 -22.51 -6.47 -18.66
CA GLY A 96 -23.40 -6.80 -19.76
C GLY A 96 -22.72 -6.46 -21.08
N PHE A 97 -22.98 -7.27 -22.09
CA PHE A 97 -22.55 -7.02 -23.44
C PHE A 97 -23.46 -7.80 -24.43
N MET A 98 -23.80 -7.17 -25.54
CA MET A 98 -24.41 -7.85 -26.68
C MET A 98 -23.87 -7.24 -27.97
N PRO A 99 -23.33 -8.06 -28.89
CA PRO A 99 -22.84 -7.48 -30.13
C PRO A 99 -23.93 -6.76 -30.96
N GLN A 100 -23.50 -5.74 -31.73
CA GLN A 100 -24.44 -4.82 -32.41
C GLN A 100 -25.26 -5.56 -33.47
N THR A 101 -24.81 -6.75 -33.80
CA THR A 101 -25.57 -7.71 -34.58
C THR A 101 -26.91 -8.08 -33.88
N GLY A 102 -26.93 -8.05 -32.55
CA GLY A 102 -28.10 -8.45 -31.77
C GLY A 102 -28.82 -7.34 -31.03
N MET A 103 -28.36 -6.10 -31.19
CA MET A 103 -28.91 -5.02 -30.43
C MET A 103 -28.85 -3.72 -31.22
N GLY A 104 -30.01 -3.14 -31.56
CA GLY A 104 -30.05 -1.77 -32.14
C GLY A 104 -30.77 -1.65 -33.46
N ILE A 105 -30.02 -1.42 -34.53
CA ILE A 105 -30.62 -1.24 -35.85
C ILE A 105 -30.82 -2.61 -36.52
N ASN A 106 -29.89 -3.55 -36.30
CA ASN A 106 -29.97 -4.85 -36.94
C ASN A 106 -31.32 -5.53 -36.71
N PRO A 107 -31.95 -6.06 -37.77
CA PRO A 107 -33.15 -6.86 -37.57
C PRO A 107 -32.98 -8.03 -36.60
N PHE A 108 -33.92 -8.17 -35.67
CA PHE A 108 -33.90 -9.28 -34.68
C PHE A 108 -33.49 -10.64 -35.29
N PHE A 109 -34.05 -10.96 -36.47
CA PHE A 109 -33.81 -12.22 -37.16
C PHE A 109 -32.41 -12.38 -37.79
N ASP A 110 -31.67 -11.29 -37.90
CA ASP A 110 -30.32 -11.33 -38.47
C ASP A 110 -29.18 -11.55 -37.48
N ALA A 111 -29.46 -11.57 -36.19
CA ALA A 111 -28.43 -11.93 -35.20
C ALA A 111 -28.02 -13.44 -35.23
N PRO A 112 -26.74 -13.75 -35.54
CA PRO A 112 -26.26 -15.14 -35.51
C PRO A 112 -26.03 -15.65 -34.09
N TYR A 113 -26.21 -16.93 -33.87
CA TYR A 113 -26.26 -17.47 -32.53
C TYR A 113 -24.97 -17.33 -31.75
N ALA A 114 -23.83 -17.43 -32.42
CA ALA A 114 -22.56 -17.31 -31.75
C ALA A 114 -22.48 -15.95 -31.03
N ASP A 115 -23.01 -14.92 -31.66
CA ASP A 115 -23.00 -13.59 -31.10
C ASP A 115 -23.98 -13.43 -29.97
N VAL A 116 -25.20 -13.94 -30.21
CA VAL A 116 -26.20 -14.00 -29.14
C VAL A 116 -25.68 -14.89 -27.98
N SER A 117 -25.10 -16.02 -28.33
CA SER A 117 -24.50 -16.87 -27.32
C SER A 117 -23.45 -16.13 -26.50
N LYS A 118 -22.64 -15.27 -27.14
CA LYS A 118 -21.55 -14.58 -26.42
C LYS A 118 -22.13 -13.51 -25.47
N GLY A 119 -23.15 -12.80 -25.93
CA GLY A 119 -23.84 -11.83 -25.11
C GLY A 119 -24.59 -12.44 -23.92
N ILE A 120 -25.15 -13.64 -24.12
CA ILE A 120 -25.85 -14.36 -23.03
C ILE A 120 -24.84 -14.90 -22.05
N HIS A 121 -23.72 -15.36 -22.57
CA HIS A 121 -22.61 -15.74 -21.70
C HIS A 121 -22.25 -14.62 -20.73
N ILE A 122 -22.05 -13.41 -21.28
CA ILE A 122 -21.51 -12.27 -20.55
C ILE A 122 -22.56 -11.62 -19.65
N SER A 123 -23.78 -11.48 -20.15
CA SER A 123 -24.82 -10.74 -19.43
C SER A 123 -25.72 -11.52 -18.48
N ALA A 124 -25.79 -12.85 -18.62
CA ALA A 124 -26.63 -13.70 -17.77
C ALA A 124 -25.87 -14.83 -17.04
N TYR A 125 -25.24 -15.73 -17.82
CA TYR A 125 -24.51 -16.89 -17.25
C TYR A 125 -23.39 -16.45 -16.27
N SER A 126 -22.73 -15.34 -16.57
CA SER A 126 -21.65 -14.84 -15.69
C SER A 126 -22.12 -14.44 -14.30
N TYR A 127 -23.43 -14.25 -14.11
CA TYR A 127 -23.98 -13.97 -12.79
C TYR A 127 -23.89 -15.22 -11.96
N ALA A 128 -24.07 -16.37 -12.58
CA ALA A 128 -23.97 -17.64 -11.83
C ALA A 128 -22.50 -17.94 -11.51
N SER A 129 -21.63 -17.92 -12.53
CA SER A 129 -20.24 -18.31 -12.37
C SER A 129 -19.45 -17.37 -11.44
N MET A 130 -19.84 -16.09 -11.38
CA MET A 130 -19.29 -15.14 -10.39
C MET A 130 -19.77 -15.51 -9.00
N ALA A 131 -21.09 -15.69 -8.83
CA ALA A 131 -21.63 -16.17 -7.56
C ALA A 131 -20.93 -17.45 -7.15
N LYS A 132 -20.69 -18.36 -8.09
CA LYS A 132 -19.95 -19.63 -7.83
C LYS A 132 -18.51 -19.43 -7.36
N ALA A 133 -17.81 -18.55 -8.03
CA ALA A 133 -16.46 -18.21 -7.62
C ALA A 133 -16.52 -17.68 -6.17
N LEU A 134 -17.43 -16.76 -5.90
CA LEU A 134 -17.31 -15.88 -4.75
C LEU A 134 -18.04 -16.33 -3.47
N LEU A 135 -19.02 -17.21 -3.64
CA LEU A 135 -19.85 -17.67 -2.55
C LEU A 135 -19.06 -18.34 -1.44
N PRO A 136 -18.01 -19.10 -1.78
CA PRO A 136 -17.19 -19.68 -0.73
C PRO A 136 -16.43 -18.67 0.16
N ILE A 137 -16.19 -17.45 -0.33
CA ILE A 137 -15.52 -16.42 0.45
C ILE A 137 -16.48 -15.27 0.85
N MET A 138 -17.76 -15.60 1.11
CA MET A 138 -18.75 -14.58 1.54
C MET A 138 -19.28 -14.87 2.95
N ASN A 139 -19.48 -13.81 3.72
CA ASN A 139 -20.08 -13.95 5.05
C ASN A 139 -21.59 -14.17 4.96
N PRO A 140 -22.14 -14.92 5.94
CA PRO A 140 -23.60 -14.91 6.14
C PRO A 140 -24.05 -13.48 6.34
N GLY A 141 -25.24 -13.16 5.84
CA GLY A 141 -25.76 -11.79 5.86
C GLY A 141 -25.43 -11.06 4.55
N GLY A 142 -24.56 -11.66 3.75
CA GLY A 142 -24.04 -11.02 2.55
C GLY A 142 -25.09 -10.89 1.48
N SER A 143 -24.70 -10.23 0.39
CA SER A 143 -25.60 -9.77 -0.66
C SER A 143 -24.85 -9.71 -2.01
N ILE A 144 -25.41 -10.41 -3.01
CA ILE A 144 -24.97 -10.32 -4.40
C ILE A 144 -26.00 -9.52 -5.16
N VAL A 145 -25.56 -8.54 -5.93
CA VAL A 145 -26.51 -7.75 -6.72
C VAL A 145 -26.00 -7.50 -8.16
N GLY A 146 -26.86 -7.83 -9.13
CA GLY A 146 -26.60 -7.61 -10.55
C GLY A 146 -27.56 -6.62 -11.18
N MET A 147 -27.13 -6.05 -12.30
CA MET A 147 -27.86 -4.98 -12.98
C MET A 147 -28.77 -5.55 -14.07
N ASP A 148 -29.98 -5.00 -14.15
CA ASP A 148 -31.08 -5.51 -14.97
C ASP A 148 -31.74 -4.33 -15.66
N PHE A 149 -32.49 -4.62 -16.75
CA PHE A 149 -33.33 -3.64 -17.47
C PHE A 149 -34.64 -4.34 -17.83
N ASP A 150 -35.74 -4.02 -17.15
CA ASP A 150 -37.02 -4.76 -17.24
C ASP A 150 -37.26 -5.33 -18.65
N PRO A 151 -37.22 -6.68 -18.79
CA PRO A 151 -37.49 -7.42 -20.02
C PRO A 151 -38.92 -8.03 -20.16
N SER A 152 -39.85 -7.66 -19.27
CA SER A 152 -41.23 -8.17 -19.33
C SER A 152 -41.89 -8.04 -20.70
N ARG A 153 -41.54 -7.01 -21.43
CA ARG A 153 -42.13 -6.73 -22.72
C ARG A 153 -41.01 -6.48 -23.73
N ALA A 154 -41.25 -6.85 -24.98
CA ALA A 154 -40.32 -6.51 -26.06
C ALA A 154 -40.35 -5.00 -26.33
N MET A 155 -39.21 -4.44 -26.70
CA MET A 155 -39.12 -3.04 -27.12
C MET A 155 -38.16 -2.97 -28.31
N PRO A 156 -38.15 -1.85 -29.05
CA PRO A 156 -37.27 -1.73 -30.19
C PRO A 156 -35.83 -1.59 -29.77
N ALA A 157 -34.91 -1.95 -30.66
CA ALA A 157 -33.45 -1.81 -30.40
C ALA A 157 -32.89 -2.90 -29.50
N TYR A 158 -33.54 -3.11 -28.38
CA TYR A 158 -32.91 -3.80 -27.28
C TYR A 158 -32.71 -5.28 -27.64
N ASN A 159 -33.69 -5.81 -28.37
CA ASN A 159 -33.61 -7.04 -29.07
C ASN A 159 -33.02 -8.14 -28.22
N TRP A 160 -31.89 -8.70 -28.61
CA TRP A 160 -31.40 -9.87 -27.94
C TRP A 160 -30.83 -9.54 -26.57
N MET A 161 -30.57 -8.26 -26.28
CA MET A 161 -30.17 -7.91 -24.93
C MET A 161 -31.35 -8.02 -23.95
N THR A 162 -32.56 -7.80 -24.45
CA THR A 162 -33.78 -8.03 -23.72
C THR A 162 -33.83 -9.50 -23.34
N VAL A 163 -33.64 -10.36 -24.33
CA VAL A 163 -33.64 -11.79 -24.13
C VAL A 163 -32.57 -12.23 -23.11
N ALA A 164 -31.40 -11.61 -23.16
CA ALA A 164 -30.32 -11.88 -22.20
C ALA A 164 -30.74 -11.52 -20.78
N LYS A 165 -31.44 -10.40 -20.63
CA LYS A 165 -31.92 -9.93 -19.33
C LYS A 165 -33.05 -10.81 -18.73
N SER A 166 -33.87 -11.40 -19.59
CA SER A 166 -34.87 -12.38 -19.16
C SER A 166 -34.15 -13.62 -18.62
N ALA A 167 -33.08 -14.00 -19.28
CA ALA A 167 -32.28 -15.14 -18.84
C ALA A 167 -31.62 -14.83 -17.51
N LEU A 168 -31.10 -13.61 -17.37
CA LEU A 168 -30.52 -13.13 -16.13
C LEU A 168 -31.46 -13.22 -14.92
N GLU A 169 -32.72 -12.86 -15.17
CA GLU A 169 -33.72 -12.81 -14.11
C GLU A 169 -33.98 -14.20 -13.62
N SER A 170 -33.98 -15.13 -14.57
CA SER A 170 -34.28 -16.52 -14.29
C SER A 170 -33.06 -17.11 -13.64
N VAL A 171 -31.90 -16.71 -14.11
CA VAL A 171 -30.68 -17.07 -13.40
C VAL A 171 -30.65 -16.57 -11.92
N ASN A 172 -30.97 -15.30 -11.68
CA ASN A 172 -31.07 -14.70 -10.29
C ASN A 172 -31.86 -15.54 -9.31
N ARG A 173 -33.01 -16.00 -9.72
CA ARG A 173 -33.86 -16.90 -8.90
C ARG A 173 -33.19 -18.21 -8.53
N PHE A 174 -32.37 -18.73 -9.43
CA PHE A 174 -31.59 -19.93 -9.13
C PHE A 174 -30.34 -19.65 -8.30
N VAL A 175 -29.66 -18.56 -8.58
CA VAL A 175 -28.46 -18.24 -7.77
C VAL A 175 -28.84 -18.09 -6.28
N ALA A 176 -30.01 -17.50 -6.04
CA ALA A 176 -30.56 -17.34 -4.68
C ALA A 176 -30.74 -18.68 -3.93
N ARG A 177 -31.20 -19.70 -4.62
CA ARG A 177 -31.19 -21.04 -4.08
C ARG A 177 -29.79 -21.39 -3.54
N GLU A 178 -28.78 -21.22 -4.38
CA GLU A 178 -27.40 -21.50 -3.97
C GLU A 178 -26.93 -20.57 -2.86
N ALA A 179 -27.07 -19.26 -3.10
CA ALA A 179 -26.60 -18.23 -2.18
C ALA A 179 -27.18 -18.36 -0.78
N GLY A 180 -28.46 -18.69 -0.72
CA GLY A 180 -29.18 -18.96 0.54
C GLY A 180 -28.62 -20.01 1.49
N LYS A 181 -27.94 -21.04 0.96
CA LYS A 181 -27.22 -22.03 1.80
C LYS A 181 -26.04 -21.41 2.52
N TYR A 182 -25.60 -20.26 2.05
CA TYR A 182 -24.58 -19.48 2.74
C TYR A 182 -25.19 -18.32 3.50
N GLY A 183 -26.53 -18.19 3.52
CA GLY A 183 -27.20 -17.03 4.15
C GLY A 183 -26.90 -15.72 3.45
N VAL A 184 -26.86 -15.79 2.13
CA VAL A 184 -26.50 -14.66 1.31
C VAL A 184 -27.62 -14.43 0.32
N ARG A 185 -28.02 -13.18 0.20
CA ARG A 185 -29.10 -12.79 -0.70
C ARG A 185 -28.57 -12.51 -2.11
N SER A 186 -29.47 -12.71 -3.09
CA SER A 186 -29.19 -12.45 -4.50
C SER A 186 -30.35 -11.66 -5.10
N ASN A 187 -30.07 -10.45 -5.53
CA ASN A 187 -31.09 -9.64 -6.14
C ASN A 187 -30.65 -8.87 -7.38
N LEU A 188 -31.62 -8.39 -8.14
CA LEU A 188 -31.32 -7.55 -9.30
C LEU A 188 -31.90 -6.19 -9.01
N VAL A 189 -31.20 -5.16 -9.44
CA VAL A 189 -31.79 -3.84 -9.59
C VAL A 189 -32.13 -3.58 -11.05
N ALA A 190 -33.42 -3.55 -11.37
CA ALA A 190 -33.87 -3.20 -12.71
C ALA A 190 -33.90 -1.69 -12.86
N ALA A 191 -32.89 -1.13 -13.51
CA ALA A 191 -32.67 0.30 -13.61
C ALA A 191 -33.36 0.83 -14.81
N GLY A 192 -33.75 2.11 -14.74
CA GLY A 192 -34.14 2.87 -15.93
C GLY A 192 -32.95 3.23 -16.81
N PRO A 193 -33.20 3.82 -18.01
CA PRO A 193 -32.14 4.08 -18.97
C PRO A 193 -31.16 5.15 -18.45
N ILE A 194 -29.87 4.85 -18.48
CA ILE A 194 -28.84 5.76 -17.98
C ILE A 194 -27.85 6.08 -19.07
N ARG A 195 -27.78 7.37 -19.42
CA ARG A 195 -26.77 7.91 -20.32
C ARG A 195 -25.38 7.57 -19.82
N THR A 196 -24.82 6.49 -20.36
CA THR A 196 -23.43 6.17 -20.07
C THR A 196 -22.52 6.84 -21.11
N GLY A 212 -32.50 5.76 -34.02
CA GLY A 212 -32.02 6.92 -33.24
C GLY A 212 -33.15 7.75 -32.68
N ALA A 213 -34.09 8.11 -33.56
CA ALA A 213 -35.27 8.88 -33.16
C ALA A 213 -36.18 8.02 -32.31
N GLN A 214 -36.20 6.72 -32.63
CA GLN A 214 -36.94 5.73 -31.87
C GLN A 214 -36.43 5.61 -30.44
N ILE A 215 -35.12 5.47 -30.28
CA ILE A 215 -34.54 5.37 -28.93
C ILE A 215 -34.83 6.60 -28.06
N GLN A 216 -34.89 7.78 -28.68
CA GLN A 216 -35.19 9.00 -27.95
C GLN A 216 -36.63 8.93 -27.43
N LEU A 217 -37.50 8.27 -28.20
CA LEU A 217 -38.90 8.13 -27.84
C LEU A 217 -39.08 7.35 -26.52
N LEU A 218 -38.37 6.23 -26.41
CA LEU A 218 -38.37 5.40 -25.19
C LEU A 218 -37.98 6.17 -23.91
N GLU A 219 -36.75 6.72 -23.92
CA GLU A 219 -36.18 7.54 -22.84
C GLU A 219 -37.12 8.67 -22.42
N GLU A 220 -37.77 9.28 -23.41
CA GLU A 220 -38.71 10.35 -23.17
C GLU A 220 -39.90 9.83 -22.36
N GLY A 221 -40.53 8.76 -22.84
CA GLY A 221 -41.69 8.20 -22.17
C GLY A 221 -41.34 7.75 -20.77
N TRP A 222 -40.10 7.31 -20.59
CA TRP A 222 -39.63 6.89 -19.28
C TRP A 222 -39.85 8.01 -18.23
N ASP A 223 -39.32 9.20 -18.48
CA ASP A 223 -39.53 10.36 -17.60
C ASP A 223 -41.00 10.72 -17.49
N GLN A 224 -41.74 10.60 -18.59
CA GLN A 224 -43.16 10.95 -18.59
C GLN A 224 -44.00 9.96 -17.79
N ARG A 225 -43.69 8.67 -17.94
CA ARG A 225 -44.38 7.57 -17.23
C ARG A 225 -44.01 7.49 -15.74
N ALA A 226 -42.73 7.74 -15.43
CA ALA A 226 -42.24 7.81 -14.05
C ALA A 226 -43.04 8.81 -13.22
N PRO A 227 -43.82 8.32 -12.23
CA PRO A 227 -44.57 9.26 -11.41
C PRO A 227 -43.69 10.28 -10.67
N ILE A 228 -42.47 9.88 -10.27
CA ILE A 228 -41.47 10.82 -9.70
C ILE A 228 -40.40 11.33 -10.71
N GLY A 229 -40.64 11.12 -12.00
CA GLY A 229 -39.71 11.57 -13.02
C GLY A 229 -38.52 10.63 -13.17
N TRP A 230 -37.74 10.85 -14.20
CA TRP A 230 -36.55 10.04 -14.47
C TRP A 230 -35.51 10.89 -15.18
N ASN A 231 -34.37 11.08 -14.55
CA ASN A 231 -33.28 11.84 -15.11
C ASN A 231 -32.20 10.89 -15.61
N MET A 232 -32.12 10.75 -16.92
CA MET A 232 -31.18 9.82 -17.55
C MET A 232 -29.71 10.20 -17.39
N LYS A 233 -29.42 11.47 -17.12
CA LYS A 233 -28.04 11.88 -16.81
C LYS A 233 -27.57 11.56 -15.38
N ASP A 234 -28.47 11.18 -14.47
CA ASP A 234 -28.11 10.95 -13.06
C ASP A 234 -28.16 9.47 -12.68
N ALA A 235 -26.96 8.87 -12.52
CA ALA A 235 -26.79 7.47 -12.11
C ALA A 235 -26.90 7.19 -10.61
N THR A 236 -26.91 8.23 -9.79
CA THR A 236 -26.87 8.07 -8.33
C THR A 236 -28.08 7.36 -7.73
N PRO A 237 -29.30 7.71 -8.18
CA PRO A 237 -30.45 6.99 -7.66
C PRO A 237 -30.32 5.47 -7.77
N VAL A 238 -29.77 4.98 -8.87
CA VAL A 238 -29.53 3.53 -9.08
C VAL A 238 -28.42 2.99 -8.19
N ALA A 239 -27.27 3.72 -8.11
CA ALA A 239 -26.21 3.37 -7.17
C ALA A 239 -26.74 3.23 -5.77
N LYS A 240 -27.58 4.16 -5.36
CA LYS A 240 -28.14 4.15 -3.99
C LYS A 240 -28.95 2.91 -3.76
N THR A 241 -29.82 2.57 -4.71
CA THR A 241 -30.69 1.38 -4.63
C THR A 241 -29.87 0.13 -4.41
N VAL A 242 -28.77 0.01 -5.16
CA VAL A 242 -27.87 -1.14 -5.07
C VAL A 242 -27.24 -1.22 -3.68
N CYS A 243 -26.86 -0.07 -3.14
CA CYS A 243 -26.23 -0.03 -1.81
C CYS A 243 -27.26 -0.42 -0.77
N ALA A 244 -28.53 -0.12 -1.04
CA ALA A 244 -29.64 -0.55 -0.15
C ALA A 244 -29.71 -2.07 0.01
N LEU A 245 -29.58 -2.76 -1.11
CA LEU A 245 -29.56 -4.22 -1.16
C LEU A 245 -28.26 -4.76 -0.61
N LEU A 246 -27.18 -4.01 -0.74
CA LEU A 246 -25.90 -4.41 -0.17
C LEU A 246 -25.92 -4.22 1.34
N SER A 247 -26.79 -3.35 1.84
CA SER A 247 -26.89 -3.09 3.27
C SER A 247 -27.73 -4.15 3.92
N ASP A 248 -28.06 -3.90 5.20
CA ASP A 248 -28.77 -4.85 6.03
C ASP A 248 -30.21 -4.39 6.23
N TRP A 249 -30.66 -3.41 5.45
CA TRP A 249 -32.04 -2.90 5.60
C TRP A 249 -33.03 -3.59 4.68
N LEU A 250 -32.56 -4.59 3.95
CA LEU A 250 -33.40 -5.40 3.08
C LEU A 250 -33.08 -6.90 3.22
N PRO A 251 -33.18 -7.46 4.45
CA PRO A 251 -32.67 -8.76 4.80
C PRO A 251 -33.55 -9.96 4.51
N ALA A 252 -34.81 -9.74 4.12
CA ALA A 252 -35.72 -10.83 3.77
C ALA A 252 -36.18 -10.82 2.29
N THR A 253 -35.37 -10.19 1.43
CA THR A 253 -35.61 -10.10 -0.01
C THR A 253 -34.49 -10.77 -0.78
N THR A 254 -34.84 -11.82 -1.50
CA THR A 254 -33.85 -12.55 -2.27
C THR A 254 -34.60 -13.18 -3.38
N GLY A 255 -33.86 -13.64 -4.39
CA GLY A 255 -34.43 -14.14 -5.63
C GLY A 255 -35.19 -13.09 -6.42
N ASP A 256 -34.99 -11.82 -6.06
CA ASP A 256 -35.94 -10.79 -6.42
C ASP A 256 -35.42 -9.76 -7.38
N ILE A 257 -36.33 -8.88 -7.80
CA ILE A 257 -35.98 -7.67 -8.58
C ILE A 257 -36.49 -6.36 -7.95
N ILE A 258 -35.57 -5.42 -7.68
CA ILE A 258 -35.98 -4.07 -7.31
C ILE A 258 -35.84 -3.09 -8.48
N TYR A 259 -36.93 -2.36 -8.72
CA TYR A 259 -37.01 -1.39 -9.82
C TYR A 259 -36.63 0.05 -9.40
N ALA A 260 -35.48 0.51 -9.88
CA ALA A 260 -35.11 1.91 -9.80
C ALA A 260 -35.25 2.56 -11.18
N ASP A 261 -36.49 2.84 -11.56
CA ASP A 261 -36.82 3.32 -12.90
C ASP A 261 -37.74 4.52 -12.84
N GLY A 262 -37.83 5.13 -11.66
CA GLY A 262 -38.74 6.23 -11.42
C GLY A 262 -40.20 5.82 -11.25
N GLY A 263 -40.48 4.51 -11.17
CA GLY A 263 -41.86 3.99 -11.19
C GLY A 263 -42.50 3.77 -12.56
N ALA A 264 -41.70 3.99 -13.61
CA ALA A 264 -42.18 3.89 -14.98
C ALA A 264 -42.78 2.53 -15.34
N HIS A 265 -42.15 1.42 -14.95
CA HIS A 265 -42.73 0.09 -15.28
C HIS A 265 -44.13 -0.18 -14.66
N THR A 266 -44.56 0.64 -13.70
CA THR A 266 -45.84 0.47 -13.01
C THR A 266 -46.91 1.32 -13.67
N GLN A 267 -46.55 2.01 -14.76
CA GLN A 267 -47.46 2.96 -15.43
C GLN A 267 -47.50 2.73 -16.94
N LEU A 268 -48.74 2.62 -17.45
CA LEU A 268 -48.98 2.33 -18.87
C LEU A 268 -48.75 3.60 -19.69
N LEU A 269 -49.40 4.69 -19.34
CA LEU A 269 -49.26 5.93 -20.10
C LEU A 269 -49.19 7.16 -19.16
N THR B 2 -67.68 -29.98 -39.94
CA THR B 2 -66.37 -29.43 -40.38
C THR B 2 -65.39 -29.40 -39.19
N GLY B 3 -64.10 -29.32 -39.47
CA GLY B 3 -63.08 -29.38 -38.45
C GLY B 3 -62.48 -28.02 -38.14
N LEU B 4 -61.87 -27.93 -36.96
CA LEU B 4 -61.39 -26.69 -36.35
C LEU B 4 -60.33 -26.02 -37.20
N LEU B 5 -59.45 -26.83 -37.81
CA LEU B 5 -58.35 -26.33 -38.66
C LEU B 5 -58.58 -26.63 -40.16
N ASP B 6 -59.83 -26.78 -40.56
CA ASP B 6 -60.16 -27.27 -41.88
C ASP B 6 -59.45 -26.53 -42.99
N GLY B 7 -58.73 -27.28 -43.83
CA GLY B 7 -58.02 -26.71 -44.98
C GLY B 7 -56.75 -25.93 -44.68
N LYS B 8 -56.32 -25.91 -43.42
CA LYS B 8 -55.14 -25.17 -43.03
C LYS B 8 -53.92 -26.08 -43.15
N ARG B 9 -52.80 -25.47 -43.59
CA ARG B 9 -51.52 -26.17 -43.72
C ARG B 9 -50.67 -25.76 -42.56
N ILE B 10 -50.23 -26.74 -41.76
CA ILE B 10 -49.56 -26.48 -40.49
C ILE B 10 -48.26 -27.29 -40.40
N LEU B 11 -47.16 -26.61 -40.08
CA LEU B 11 -45.92 -27.30 -39.82
C LEU B 11 -45.93 -27.78 -38.35
N VAL B 12 -45.68 -29.08 -38.16
CA VAL B 12 -45.49 -29.62 -36.82
C VAL B 12 -44.07 -30.15 -36.67
N SER B 13 -43.27 -29.46 -35.87
CA SER B 13 -41.92 -29.89 -35.52
C SER B 13 -41.95 -30.72 -34.23
N GLY B 14 -40.93 -31.52 -34.01
CA GLY B 14 -40.66 -32.10 -32.72
C GLY B 14 -41.15 -33.48 -32.34
N ILE B 15 -41.64 -34.26 -33.31
CA ILE B 15 -41.98 -35.65 -33.00
C ILE B 15 -40.70 -36.48 -32.97
N ILE B 16 -40.54 -37.26 -31.91
CA ILE B 16 -39.46 -38.28 -31.81
C ILE B 16 -40.07 -39.60 -31.33
N THR B 17 -41.10 -39.51 -30.48
CA THR B 17 -41.91 -40.65 -30.09
C THR B 17 -43.40 -40.28 -30.15
N ASP B 18 -44.25 -41.27 -29.86
CA ASP B 18 -45.69 -41.08 -29.85
C ASP B 18 -46.14 -40.61 -28.48
N SER B 19 -45.16 -40.47 -27.58
CA SER B 19 -45.35 -39.80 -26.29
C SER B 19 -45.14 -38.28 -26.42
N SER B 20 -44.44 -37.87 -27.47
CA SER B 20 -44.16 -36.45 -27.73
C SER B 20 -45.42 -35.60 -27.84
N ILE B 21 -45.37 -34.42 -27.18
CA ILE B 21 -46.45 -33.45 -27.22
C ILE B 21 -46.79 -33.17 -28.68
N ALA B 22 -45.77 -32.93 -29.50
CA ALA B 22 -45.92 -32.69 -30.93
C ALA B 22 -46.72 -33.76 -31.70
N PHE B 23 -46.62 -35.03 -31.25
CA PHE B 23 -47.36 -36.14 -31.86
C PHE B 23 -48.86 -35.99 -31.71
N HIS B 24 -49.27 -35.62 -30.49
CA HIS B 24 -50.67 -35.43 -30.13
C HIS B 24 -51.21 -34.16 -30.75
N ILE B 25 -50.40 -33.12 -30.77
CA ILE B 25 -50.77 -31.89 -31.46
C ILE B 25 -51.12 -32.27 -32.90
N ALA B 26 -50.19 -32.95 -33.58
CA ALA B 26 -50.34 -33.35 -34.99
C ALA B 26 -51.56 -34.22 -35.20
N ARG B 27 -51.74 -35.18 -34.29
CA ARG B 27 -52.88 -36.07 -34.28
C ARG B 27 -54.15 -35.31 -34.17
N VAL B 28 -54.21 -34.33 -33.27
CA VAL B 28 -55.43 -33.55 -33.08
C VAL B 28 -55.65 -32.58 -34.25
N ALA B 29 -54.59 -31.95 -34.72
CA ALA B 29 -54.70 -31.06 -35.91
C ALA B 29 -55.24 -31.82 -37.14
N GLN B 30 -54.83 -33.09 -37.29
CA GLN B 30 -55.29 -33.97 -38.36
C GLN B 30 -56.71 -34.47 -38.10
N GLU B 31 -57.02 -34.82 -36.86
CA GLU B 31 -58.40 -35.08 -36.46
C GLU B 31 -59.36 -33.91 -36.81
N GLN B 32 -58.86 -32.68 -36.77
CA GLN B 32 -59.64 -31.45 -37.05
C GLN B 32 -59.45 -30.88 -38.45
N GLY B 33 -58.97 -31.69 -39.37
CA GLY B 33 -58.99 -31.35 -40.79
C GLY B 33 -57.80 -30.60 -41.37
N ALA B 34 -56.72 -30.50 -40.62
CA ALA B 34 -55.56 -29.76 -41.06
C ALA B 34 -54.68 -30.63 -41.95
N GLN B 35 -54.06 -30.00 -42.95
CA GLN B 35 -52.95 -30.60 -43.75
C GLN B 35 -51.57 -30.28 -43.13
N LEU B 36 -50.84 -31.32 -42.74
CA LEU B 36 -49.54 -31.13 -42.09
C LEU B 36 -48.35 -31.32 -43.00
N VAL B 37 -47.29 -30.57 -42.69
CA VAL B 37 -45.92 -30.91 -43.00
C VAL B 37 -45.25 -31.13 -41.63
N LEU B 38 -44.39 -32.14 -41.51
CA LEU B 38 -43.76 -32.48 -40.24
C LEU B 38 -42.24 -32.43 -40.36
N THR B 39 -41.55 -32.01 -39.29
CA THR B 39 -40.08 -32.01 -39.28
C THR B 39 -39.48 -32.95 -38.21
N GLY B 40 -38.30 -33.49 -38.50
CA GLY B 40 -37.59 -34.41 -37.60
C GLY B 40 -36.09 -34.19 -37.56
N PHE B 41 -35.51 -34.51 -36.42
CA PHE B 41 -34.14 -34.10 -36.09
C PHE B 41 -33.04 -35.03 -36.60
N ASP B 42 -32.86 -36.17 -35.92
CA ASP B 42 -31.73 -37.07 -36.16
C ASP B 42 -32.22 -38.44 -36.62
N ARG B 43 -33.06 -39.06 -35.78
CA ARG B 43 -33.62 -40.39 -36.02
C ARG B 43 -34.83 -40.30 -36.99
N LEU B 44 -34.55 -40.16 -38.29
CA LEU B 44 -35.60 -39.93 -39.30
C LEU B 44 -36.45 -41.16 -39.60
N ARG B 45 -35.78 -42.32 -39.63
CA ARG B 45 -36.41 -43.59 -39.95
C ARG B 45 -37.33 -44.00 -38.82
N LEU B 46 -36.86 -43.76 -37.58
CA LEU B 46 -37.64 -44.10 -36.39
C LEU B 46 -38.94 -43.30 -36.33
N ILE B 47 -38.87 -42.02 -36.67
CA ILE B 47 -40.04 -41.16 -36.56
C ILE B 47 -40.92 -41.26 -37.80
N GLN B 48 -40.35 -41.68 -38.92
CA GLN B 48 -41.16 -42.18 -40.04
C GLN B 48 -42.11 -43.27 -39.56
N ARG B 49 -41.60 -44.16 -38.71
CA ARG B 49 -42.37 -45.29 -38.20
C ARG B 49 -43.42 -44.80 -37.19
N ILE B 50 -43.06 -43.78 -36.44
CA ILE B 50 -43.97 -43.14 -35.50
C ILE B 50 -45.02 -42.32 -36.25
N THR B 51 -44.60 -41.53 -37.23
CA THR B 51 -45.52 -40.64 -37.94
C THR B 51 -46.48 -41.39 -38.87
N ASP B 52 -46.18 -42.67 -39.15
CA ASP B 52 -47.13 -43.56 -39.81
C ASP B 52 -48.30 -43.93 -38.87
N ARG B 53 -48.17 -43.62 -37.58
CA ARG B 53 -49.23 -43.93 -36.62
C ARG B 53 -50.33 -42.84 -36.52
N LEU B 54 -50.11 -41.71 -37.17
CA LEU B 54 -51.09 -40.62 -37.18
C LEU B 54 -52.30 -41.01 -38.06
N PRO B 55 -53.45 -40.34 -37.85
CA PRO B 55 -54.66 -40.56 -38.66
C PRO B 55 -54.46 -40.43 -40.18
N ALA B 56 -53.68 -39.42 -40.59
CA ALA B 56 -53.51 -39.10 -42.01
C ALA B 56 -52.03 -38.97 -42.34
N LYS B 57 -51.71 -39.12 -43.63
CA LYS B 57 -50.31 -39.09 -44.06
C LYS B 57 -49.84 -37.67 -44.25
N ALA B 58 -48.52 -37.48 -44.12
CA ALA B 58 -47.89 -36.17 -44.20
C ALA B 58 -46.42 -36.26 -44.55
N PRO B 59 -45.92 -35.33 -45.38
CA PRO B 59 -44.47 -35.22 -45.67
C PRO B 59 -43.57 -34.96 -44.44
N LEU B 60 -42.41 -35.57 -44.45
CA LEU B 60 -41.52 -35.54 -43.31
C LEU B 60 -40.23 -34.93 -43.74
N LEU B 61 -39.98 -33.70 -43.29
CA LEU B 61 -38.72 -33.04 -43.61
C LEU B 61 -37.73 -33.14 -42.47
N GLU B 62 -36.44 -33.16 -42.82
CA GLU B 62 -35.39 -33.17 -41.81
C GLU B 62 -35.14 -31.72 -41.41
N LEU B 63 -35.12 -31.48 -40.10
CA LEU B 63 -34.77 -30.17 -39.56
C LEU B 63 -34.03 -30.32 -38.25
N ASP B 64 -32.73 -30.02 -38.31
CA ASP B 64 -31.88 -29.80 -37.16
C ASP B 64 -31.73 -28.29 -37.08
N VAL B 65 -32.30 -27.67 -36.05
CA VAL B 65 -32.29 -26.20 -35.95
C VAL B 65 -30.93 -25.60 -35.57
N GLN B 66 -29.96 -26.42 -35.19
CA GLN B 66 -28.57 -26.00 -35.07
C GLN B 66 -27.86 -25.91 -36.42
N ASN B 67 -28.46 -26.53 -37.46
CA ASN B 67 -27.87 -26.60 -38.81
C ASN B 67 -28.33 -25.44 -39.69
N GLU B 68 -27.40 -24.59 -40.08
CA GLU B 68 -27.72 -23.39 -40.85
C GLU B 68 -28.22 -23.69 -42.26
N GLU B 69 -27.78 -24.82 -42.82
CA GLU B 69 -28.18 -25.27 -44.16
C GLU B 69 -29.58 -25.87 -44.23
N HIS B 70 -30.00 -26.52 -43.14
CA HIS B 70 -31.39 -26.99 -42.95
C HIS B 70 -32.38 -25.81 -42.85
N LEU B 71 -31.94 -24.72 -42.22
CA LEU B 71 -32.73 -23.48 -42.09
C LEU B 71 -32.95 -22.68 -43.38
N ALA B 72 -31.86 -22.40 -44.10
CA ALA B 72 -31.93 -21.58 -45.30
C ALA B 72 -32.59 -22.34 -46.45
N SER B 73 -32.69 -23.66 -46.31
CA SER B 73 -33.34 -24.45 -47.33
C SER B 73 -34.78 -24.83 -46.98
N LEU B 74 -35.24 -24.47 -45.78
CA LEU B 74 -36.50 -24.99 -45.20
C LEU B 74 -37.71 -24.57 -45.98
N ALA B 75 -37.74 -23.28 -46.32
CA ALA B 75 -38.83 -22.66 -47.09
C ALA B 75 -39.06 -23.38 -48.42
N GLY B 76 -37.98 -23.53 -49.19
CA GLY B 76 -37.98 -24.19 -50.49
C GLY B 76 -38.45 -25.63 -50.41
N ARG B 77 -37.89 -26.38 -49.45
CA ARG B 77 -38.35 -27.76 -49.18
C ARG B 77 -39.82 -27.88 -48.78
N VAL B 78 -40.27 -26.99 -47.88
CA VAL B 78 -41.71 -26.92 -47.49
C VAL B 78 -42.58 -26.62 -48.69
N THR B 79 -42.22 -25.61 -49.47
CA THR B 79 -43.00 -25.24 -50.64
C THR B 79 -43.19 -26.46 -51.55
N GLU B 80 -42.09 -27.09 -51.95
CA GLU B 80 -42.13 -28.36 -52.73
C GLU B 80 -43.10 -29.43 -52.18
N ALA B 81 -43.29 -29.48 -50.86
CA ALA B 81 -44.16 -30.49 -50.24
C ALA B 81 -45.64 -30.13 -50.33
N ILE B 82 -45.96 -28.85 -50.20
CA ILE B 82 -47.36 -28.44 -50.14
C ILE B 82 -47.79 -27.88 -51.48
N GLY B 83 -46.82 -27.77 -52.39
CA GLY B 83 -47.07 -27.25 -53.70
C GLY B 83 -46.80 -25.77 -53.78
N ALA B 84 -46.12 -25.35 -54.84
CA ALA B 84 -45.92 -23.94 -55.11
C ALA B 84 -47.25 -23.15 -55.10
N GLY B 85 -47.15 -21.84 -54.83
CA GLY B 85 -48.31 -20.96 -54.63
C GLY B 85 -48.96 -21.06 -53.26
N ASN B 86 -48.88 -22.24 -52.63
CA ASN B 86 -49.45 -22.49 -51.31
C ASN B 86 -48.55 -21.96 -50.18
N LYS B 87 -49.15 -21.46 -49.11
CA LYS B 87 -48.40 -21.07 -47.93
C LYS B 87 -48.97 -21.73 -46.70
N LEU B 88 -48.12 -21.88 -45.67
CA LEU B 88 -48.55 -22.43 -44.39
C LEU B 88 -49.43 -21.43 -43.69
N ASP B 89 -50.30 -21.96 -42.83
CA ASP B 89 -51.13 -21.16 -41.93
C ASP B 89 -50.78 -21.34 -40.43
N GLY B 90 -49.87 -22.27 -40.14
CA GLY B 90 -49.54 -22.57 -38.76
C GLY B 90 -48.15 -23.19 -38.65
N VAL B 91 -47.45 -22.89 -37.56
CA VAL B 91 -46.14 -23.50 -37.29
C VAL B 91 -46.04 -23.89 -35.81
N VAL B 92 -45.71 -25.15 -35.55
CA VAL B 92 -45.59 -25.64 -34.17
C VAL B 92 -44.10 -25.92 -33.83
N HIS B 93 -43.58 -25.12 -32.89
CA HIS B 93 -42.28 -25.32 -32.28
C HIS B 93 -42.53 -26.12 -31.01
N SER B 94 -42.09 -27.38 -31.01
CA SER B 94 -42.23 -28.28 -29.87
C SER B 94 -40.88 -28.95 -29.77
N ILE B 95 -39.87 -28.10 -29.74
CA ILE B 95 -38.50 -28.51 -29.65
C ILE B 95 -37.92 -27.97 -28.36
N GLY B 96 -37.27 -28.83 -27.60
CA GLY B 96 -36.45 -28.41 -26.47
C GLY B 96 -35.31 -29.38 -26.25
N PHE B 97 -34.22 -28.89 -25.70
CA PHE B 97 -33.15 -29.76 -25.25
C PHE B 97 -32.27 -28.97 -24.29
N MET B 98 -31.91 -29.61 -23.19
CA MET B 98 -30.81 -29.19 -22.32
C MET B 98 -30.01 -30.44 -21.92
N PRO B 99 -28.68 -30.43 -22.14
CA PRO B 99 -27.85 -31.52 -21.66
C PRO B 99 -27.99 -31.74 -20.16
N GLN B 100 -27.78 -32.97 -19.70
CA GLN B 100 -28.02 -33.38 -18.30
C GLN B 100 -27.13 -32.67 -17.30
N THR B 101 -26.08 -32.06 -17.82
CA THR B 101 -25.15 -31.21 -17.07
C THR B 101 -25.82 -29.91 -16.55
N GLY B 102 -26.93 -29.49 -17.15
CA GLY B 102 -27.64 -28.30 -16.71
C GLY B 102 -29.11 -28.53 -16.42
N MET B 103 -29.50 -29.78 -16.17
CA MET B 103 -30.88 -30.15 -15.94
C MET B 103 -30.89 -31.52 -15.33
N GLY B 104 -31.34 -31.63 -14.08
CA GLY B 104 -31.49 -32.91 -13.42
C GLY B 104 -30.98 -32.90 -12.00
N ILE B 105 -30.07 -33.83 -11.71
CA ILE B 105 -29.41 -33.91 -10.40
C ILE B 105 -28.18 -33.00 -10.36
N ASN B 106 -27.53 -32.74 -11.50
CA ASN B 106 -26.38 -31.85 -11.48
C ASN B 106 -26.67 -30.52 -10.78
N PRO B 107 -25.72 -30.04 -9.95
CA PRO B 107 -25.95 -28.74 -9.35
C PRO B 107 -25.93 -27.67 -10.41
N PHE B 108 -26.72 -26.63 -10.15
CA PHE B 108 -26.93 -25.51 -11.06
C PHE B 108 -25.62 -24.75 -11.44
N PHE B 109 -24.64 -24.75 -10.55
CA PHE B 109 -23.36 -24.06 -10.78
C PHE B 109 -22.35 -24.87 -11.58
N ASP B 110 -22.63 -26.14 -11.79
CA ASP B 110 -21.64 -27.01 -12.41
C ASP B 110 -21.88 -27.26 -13.90
N ALA B 111 -22.93 -26.68 -14.47
CA ALA B 111 -23.19 -26.75 -15.92
C ALA B 111 -22.23 -25.85 -16.69
N PRO B 112 -21.38 -26.42 -17.59
CA PRO B 112 -20.54 -25.57 -18.45
C PRO B 112 -21.36 -24.74 -19.42
N TYR B 113 -20.90 -23.54 -19.74
CA TYR B 113 -21.61 -22.68 -20.73
C TYR B 113 -21.85 -23.32 -22.05
N ALA B 114 -20.83 -24.04 -22.55
CA ALA B 114 -20.95 -24.75 -23.81
C ALA B 114 -22.22 -25.60 -23.87
N ASP B 115 -22.63 -26.19 -22.75
CA ASP B 115 -23.81 -27.06 -22.71
C ASP B 115 -25.15 -26.28 -22.57
N VAL B 116 -25.10 -25.23 -21.78
CA VAL B 116 -26.19 -24.31 -21.57
C VAL B 116 -26.43 -23.49 -22.85
N SER B 117 -25.37 -23.13 -23.55
CA SER B 117 -25.47 -22.42 -24.83
C SER B 117 -26.15 -23.28 -25.90
N LYS B 118 -25.90 -24.59 -25.83
CA LYS B 118 -26.45 -25.53 -26.79
C LYS B 118 -27.98 -25.73 -26.53
N GLY B 119 -28.32 -25.92 -25.27
CA GLY B 119 -29.70 -25.98 -24.82
C GLY B 119 -30.54 -24.75 -25.14
N ILE B 120 -29.99 -23.57 -24.88
CA ILE B 120 -30.65 -22.29 -25.24
C ILE B 120 -30.78 -22.08 -26.74
N HIS B 121 -29.78 -22.58 -27.49
CA HIS B 121 -29.86 -22.62 -28.95
C HIS B 121 -31.07 -23.41 -29.44
N ILE B 122 -31.24 -24.60 -28.91
CA ILE B 122 -32.26 -25.56 -29.35
C ILE B 122 -33.64 -25.26 -28.73
N SER B 123 -33.62 -24.83 -27.47
CA SER B 123 -34.88 -24.50 -26.79
C SER B 123 -35.39 -23.07 -27.03
N ALA B 124 -34.51 -22.07 -27.17
CA ALA B 124 -34.95 -20.66 -27.34
C ALA B 124 -34.76 -20.01 -28.74
N TYR B 125 -33.51 -19.86 -29.16
CA TYR B 125 -33.12 -19.11 -30.36
C TYR B 125 -33.75 -19.70 -31.60
N SER B 126 -33.91 -21.03 -31.62
CA SER B 126 -34.58 -21.72 -32.76
C SER B 126 -36.06 -21.36 -32.99
N TYR B 127 -36.73 -20.80 -31.98
CA TYR B 127 -38.10 -20.32 -32.19
C TYR B 127 -38.05 -19.13 -33.15
N ALA B 128 -37.01 -18.32 -33.01
CA ALA B 128 -36.79 -17.16 -33.89
C ALA B 128 -36.34 -17.60 -35.30
N SER B 129 -35.31 -18.42 -35.37
CA SER B 129 -34.81 -18.86 -36.68
C SER B 129 -35.82 -19.74 -37.47
N MET B 130 -36.71 -20.47 -36.79
CA MET B 130 -37.82 -21.15 -37.51
C MET B 130 -38.88 -20.20 -38.06
N ALA B 131 -39.23 -19.20 -37.27
CA ALA B 131 -40.04 -18.06 -37.73
C ALA B 131 -39.36 -17.28 -38.87
N LYS B 132 -38.08 -17.02 -38.71
CA LYS B 132 -37.32 -16.35 -39.76
C LYS B 132 -37.44 -17.10 -41.07
N ALA B 133 -37.24 -18.42 -41.02
CA ALA B 133 -37.33 -19.26 -42.20
C ALA B 133 -38.73 -19.27 -42.85
N LEU B 134 -39.77 -19.46 -42.03
CA LEU B 134 -41.12 -19.80 -42.49
C LEU B 134 -42.09 -18.64 -42.60
N LEU B 135 -41.73 -17.52 -42.02
CA LEU B 135 -42.58 -16.33 -42.14
C LEU B 135 -42.83 -15.92 -43.59
N PRO B 136 -41.78 -15.95 -44.45
CA PRO B 136 -41.98 -15.59 -45.84
C PRO B 136 -42.98 -16.47 -46.58
N ILE B 137 -43.13 -17.70 -46.11
CA ILE B 137 -44.09 -18.64 -46.69
C ILE B 137 -45.32 -18.95 -45.78
N MET B 138 -45.82 -17.92 -45.11
CA MET B 138 -47.06 -18.08 -44.35
C MET B 138 -48.09 -17.05 -44.82
N ASN B 139 -49.36 -17.44 -44.66
CA ASN B 139 -50.51 -16.61 -45.01
C ASN B 139 -50.88 -15.66 -43.90
N PRO B 140 -51.48 -14.53 -44.27
CA PRO B 140 -52.08 -13.65 -43.25
C PRO B 140 -53.14 -14.38 -42.44
N GLY B 141 -53.26 -14.03 -41.16
CA GLY B 141 -54.18 -14.74 -40.25
C GLY B 141 -53.55 -15.98 -39.60
N GLY B 142 -52.34 -16.30 -40.01
CA GLY B 142 -51.66 -17.46 -39.47
C GLY B 142 -51.16 -17.31 -38.05
N SER B 143 -50.65 -18.44 -37.55
CA SER B 143 -50.26 -18.59 -36.15
C SER B 143 -49.02 -19.50 -35.96
N ILE B 144 -48.00 -18.97 -35.27
CA ILE B 144 -46.85 -19.71 -34.76
C ILE B 144 -46.95 -19.92 -33.25
N VAL B 145 -46.89 -21.19 -32.83
CA VAL B 145 -46.95 -21.56 -31.42
C VAL B 145 -45.78 -22.49 -31.02
N GLY B 146 -45.14 -22.12 -29.92
CA GLY B 146 -44.08 -22.89 -29.30
C GLY B 146 -44.49 -23.37 -27.93
N MET B 147 -43.79 -24.39 -27.44
CA MET B 147 -44.08 -25.04 -26.14
C MET B 147 -43.20 -24.49 -25.00
N ASP B 148 -43.80 -24.28 -23.84
CA ASP B 148 -43.25 -23.50 -22.75
C ASP B 148 -43.54 -24.23 -21.46
N PHE B 149 -42.74 -23.97 -20.43
CA PHE B 149 -43.02 -24.44 -19.10
C PHE B 149 -42.73 -23.24 -18.18
N ASP B 150 -43.78 -22.75 -17.50
CA ASP B 150 -43.74 -21.51 -16.75
C ASP B 150 -42.43 -21.37 -15.99
N PRO B 151 -41.61 -20.35 -16.34
CA PRO B 151 -40.32 -20.18 -15.71
C PRO B 151 -40.28 -19.00 -14.77
N SER B 152 -41.46 -18.45 -14.46
CA SER B 152 -41.54 -17.28 -13.62
C SER B 152 -40.96 -17.45 -12.24
N ARG B 153 -40.89 -18.70 -11.76
CA ARG B 153 -40.24 -19.03 -10.49
C ARG B 153 -39.19 -20.13 -10.63
N ALA B 154 -38.20 -20.10 -9.75
CA ALA B 154 -37.15 -21.10 -9.78
C ALA B 154 -37.67 -22.41 -9.18
N MET B 155 -37.19 -23.54 -9.69
CA MET B 155 -37.58 -24.85 -9.14
C MET B 155 -36.47 -25.89 -9.24
N PRO B 156 -36.50 -26.88 -8.35
CA PRO B 156 -35.45 -27.90 -8.40
C PRO B 156 -35.40 -28.66 -9.73
N ALA B 157 -34.24 -29.21 -10.04
CA ALA B 157 -34.01 -30.05 -11.21
C ALA B 157 -34.01 -29.31 -12.56
N TYR B 158 -35.02 -28.50 -12.81
CA TYR B 158 -35.24 -27.93 -14.15
C TYR B 158 -34.08 -26.99 -14.47
N ASN B 159 -33.65 -26.23 -13.48
CA ASN B 159 -32.37 -25.55 -13.55
C ASN B 159 -32.25 -24.67 -14.80
N TRP B 160 -31.21 -24.90 -15.59
CA TRP B 160 -30.97 -24.10 -16.77
C TRP B 160 -31.99 -24.30 -17.89
N MET B 161 -32.80 -25.34 -17.87
CA MET B 161 -33.92 -25.40 -18.85
C MET B 161 -34.97 -24.31 -18.52
N THR B 162 -35.19 -24.07 -17.24
CA THR B 162 -35.98 -22.97 -16.78
C THR B 162 -35.43 -21.68 -17.37
N VAL B 163 -34.11 -21.52 -17.35
CA VAL B 163 -33.48 -20.35 -17.91
C VAL B 163 -33.69 -20.27 -19.41
N ALA B 164 -33.59 -21.42 -20.08
CA ALA B 164 -33.99 -21.54 -21.48
C ALA B 164 -35.42 -21.04 -21.74
N LYS B 165 -36.39 -21.59 -21.01
CA LYS B 165 -37.81 -21.17 -21.17
C LYS B 165 -38.07 -19.68 -20.92
N SER B 166 -37.34 -19.08 -19.98
CA SER B 166 -37.45 -17.65 -19.75
C SER B 166 -36.98 -16.88 -21.00
N ALA B 167 -35.91 -17.34 -21.63
CA ALA B 167 -35.40 -16.76 -22.86
C ALA B 167 -36.38 -16.93 -24.03
N LEU B 168 -36.94 -18.12 -24.17
CA LEU B 168 -37.99 -18.38 -25.17
C LEU B 168 -39.11 -17.38 -25.06
N GLU B 169 -39.61 -17.18 -23.84
CA GLU B 169 -40.68 -16.23 -23.63
C GLU B 169 -40.32 -14.85 -24.10
N SER B 170 -39.05 -14.49 -23.93
CA SER B 170 -38.58 -13.17 -24.33
C SER B 170 -38.47 -13.08 -25.87
N VAL B 171 -37.96 -14.16 -26.48
CA VAL B 171 -37.90 -14.35 -27.92
C VAL B 171 -39.28 -14.31 -28.63
N ASN B 172 -40.26 -15.03 -28.09
CA ASN B 172 -41.69 -15.03 -28.54
C ASN B 172 -42.30 -13.64 -28.73
N ARG B 173 -41.99 -12.76 -27.77
CA ARG B 173 -42.43 -11.37 -27.82
C ARG B 173 -41.74 -10.59 -28.96
N PHE B 174 -40.47 -10.89 -29.22
CA PHE B 174 -39.74 -10.34 -30.42
C PHE B 174 -40.11 -10.97 -31.77
N VAL B 175 -40.37 -12.26 -31.74
CA VAL B 175 -40.93 -12.95 -32.89
C VAL B 175 -42.34 -12.41 -33.31
N ALA B 176 -43.18 -12.01 -32.35
CA ALA B 176 -44.51 -11.47 -32.67
C ALA B 176 -44.42 -10.05 -33.29
N ARG B 177 -43.43 -9.26 -32.86
CA ARG B 177 -43.06 -8.05 -33.57
C ARG B 177 -42.89 -8.30 -35.05
N GLU B 178 -42.07 -9.30 -35.39
CA GLU B 178 -41.71 -9.59 -36.76
C GLU B 178 -42.89 -10.24 -37.45
N ALA B 179 -43.54 -11.18 -36.77
CA ALA B 179 -44.62 -11.95 -37.33
C ALA B 179 -45.76 -11.04 -37.75
N GLY B 180 -46.01 -9.99 -36.95
CA GLY B 180 -47.10 -9.06 -37.18
C GLY B 180 -47.04 -8.31 -38.49
N LYS B 181 -45.83 -8.08 -38.97
CA LYS B 181 -45.58 -7.56 -40.33
C LYS B 181 -46.16 -8.47 -41.43
N TYR B 182 -46.41 -9.72 -41.06
CA TYR B 182 -46.96 -10.70 -41.98
C TYR B 182 -48.42 -11.01 -41.71
N GLY B 183 -49.04 -10.30 -40.78
CA GLY B 183 -50.39 -10.62 -40.30
C GLY B 183 -50.50 -11.95 -39.56
N VAL B 184 -49.39 -12.35 -38.96
CA VAL B 184 -49.26 -13.65 -38.32
C VAL B 184 -49.06 -13.48 -36.80
N ARG B 185 -49.53 -14.46 -36.03
CA ARG B 185 -49.48 -14.42 -34.56
C ARG B 185 -48.41 -15.37 -34.04
N SER B 186 -47.96 -15.09 -32.82
CA SER B 186 -46.91 -15.88 -32.20
C SER B 186 -47.17 -15.95 -30.72
N ASN B 187 -47.38 -17.16 -30.21
CA ASN B 187 -47.78 -17.36 -28.82
C ASN B 187 -47.16 -18.62 -28.29
N LEU B 188 -47.08 -18.72 -26.97
CA LEU B 188 -46.54 -19.91 -26.31
C LEU B 188 -47.66 -20.62 -25.56
N VAL B 189 -47.67 -21.96 -25.59
CA VAL B 189 -48.42 -22.72 -24.60
C VAL B 189 -47.51 -23.25 -23.52
N ALA B 190 -47.66 -22.67 -22.34
CA ALA B 190 -47.02 -23.14 -21.15
C ALA B 190 -47.80 -24.31 -20.55
N ALA B 191 -47.33 -25.54 -20.73
CA ALA B 191 -48.09 -26.73 -20.33
C ALA B 191 -47.66 -27.32 -19.00
N GLY B 192 -48.58 -27.98 -18.28
CA GLY B 192 -48.18 -28.70 -17.07
C GLY B 192 -47.23 -29.87 -17.39
N PRO B 193 -46.78 -30.59 -16.34
CA PRO B 193 -45.84 -31.69 -16.60
C PRO B 193 -46.56 -32.87 -17.27
N ILE B 194 -46.08 -33.31 -18.43
CA ILE B 194 -46.65 -34.44 -19.20
C ILE B 194 -45.68 -35.60 -19.13
N ARG B 195 -46.20 -36.81 -19.03
CA ARG B 195 -45.42 -38.05 -19.01
C ARG B 195 -44.97 -38.51 -20.42
N THR B 196 -43.85 -37.99 -20.90
CA THR B 196 -43.39 -38.24 -22.27
C THR B 196 -42.60 -39.54 -22.31
N GLU B 219 -45.26 -32.21 -9.31
CA GLU B 219 -46.15 -33.03 -10.09
C GLU B 219 -47.42 -33.37 -9.31
N GLU B 220 -47.25 -34.08 -8.21
CA GLU B 220 -48.31 -34.28 -7.24
C GLU B 220 -48.88 -32.91 -6.81
N GLY B 221 -48.02 -31.96 -6.51
CA GLY B 221 -48.43 -30.58 -6.20
C GLY B 221 -49.26 -29.94 -7.30
N TRP B 222 -48.88 -30.24 -8.55
CA TRP B 222 -49.54 -29.71 -9.74
C TRP B 222 -51.05 -30.04 -9.80
N ASP B 223 -51.41 -31.25 -9.40
CA ASP B 223 -52.77 -31.74 -9.55
C ASP B 223 -53.62 -31.19 -8.42
N GLN B 224 -53.01 -31.14 -7.23
CA GLN B 224 -53.62 -30.51 -6.05
C GLN B 224 -53.93 -29.04 -6.27
N ARG B 225 -52.98 -28.32 -6.85
CA ARG B 225 -53.13 -26.90 -7.08
C ARG B 225 -54.13 -26.61 -8.20
N ALA B 226 -54.06 -27.39 -9.28
CA ALA B 226 -54.97 -27.27 -10.41
C ALA B 226 -56.41 -27.30 -9.89
N PRO B 227 -57.15 -26.19 -10.02
CA PRO B 227 -58.55 -26.24 -9.64
C PRO B 227 -59.36 -27.30 -10.38
N ILE B 228 -59.00 -27.54 -11.64
CA ILE B 228 -59.71 -28.53 -12.42
C ILE B 228 -58.96 -29.85 -12.49
N GLY B 229 -57.82 -29.95 -11.82
CA GLY B 229 -57.02 -31.16 -11.85
C GLY B 229 -56.06 -31.26 -13.03
N TRP B 230 -55.07 -32.13 -12.89
CA TRP B 230 -53.99 -32.25 -13.86
C TRP B 230 -53.62 -33.72 -14.01
N ASN B 231 -53.76 -34.22 -15.24
CA ASN B 231 -53.35 -35.57 -15.56
C ASN B 231 -52.08 -35.52 -16.34
N MET B 232 -50.98 -35.97 -15.73
CA MET B 232 -49.70 -35.99 -16.39
C MET B 232 -49.65 -37.10 -17.47
N LYS B 233 -50.48 -38.14 -17.37
CA LYS B 233 -50.55 -39.18 -18.42
C LYS B 233 -51.42 -38.81 -19.63
N ASP B 234 -51.79 -37.54 -19.79
CA ASP B 234 -52.63 -37.15 -20.91
C ASP B 234 -52.18 -35.85 -21.52
N ALA B 235 -51.80 -35.92 -22.78
CA ALA B 235 -51.29 -34.75 -23.45
C ALA B 235 -52.33 -34.11 -24.31
N THR B 236 -53.50 -34.72 -24.40
CA THR B 236 -54.54 -34.26 -25.33
C THR B 236 -55.09 -32.87 -24.97
N PRO B 237 -55.40 -32.62 -23.69
CA PRO B 237 -55.76 -31.25 -23.29
C PRO B 237 -54.75 -30.17 -23.70
N VAL B 238 -53.46 -30.51 -23.76
CA VAL B 238 -52.43 -29.57 -24.22
C VAL B 238 -52.45 -29.48 -25.73
N ALA B 239 -52.62 -30.62 -26.38
CA ALA B 239 -52.70 -30.64 -27.85
C ALA B 239 -53.85 -29.78 -28.32
N LYS B 240 -54.98 -29.85 -27.60
CA LYS B 240 -56.17 -29.09 -27.94
C LYS B 240 -55.91 -27.59 -27.87
N THR B 241 -55.19 -27.16 -26.85
CA THR B 241 -54.90 -25.73 -26.62
C THR B 241 -53.99 -25.18 -27.69
N VAL B 242 -53.08 -26.02 -28.17
CA VAL B 242 -52.26 -25.66 -29.30
C VAL B 242 -53.14 -25.44 -30.54
N CYS B 243 -54.05 -26.36 -30.78
CA CYS B 243 -54.90 -26.27 -31.97
C CYS B 243 -55.81 -25.03 -31.92
N ALA B 244 -56.31 -24.72 -30.73
CA ALA B 244 -57.07 -23.51 -30.49
C ALA B 244 -56.35 -22.25 -30.96
N LEU B 245 -55.04 -22.22 -30.70
CA LEU B 245 -54.16 -21.12 -31.14
C LEU B 245 -53.87 -21.13 -32.62
N LEU B 246 -53.92 -22.31 -33.24
CA LEU B 246 -53.64 -22.43 -34.68
C LEU B 246 -54.88 -22.07 -35.48
N SER B 247 -56.06 -22.12 -34.83
CA SER B 247 -57.32 -21.75 -35.46
C SER B 247 -57.52 -20.23 -35.52
N ASP B 248 -58.73 -19.83 -35.91
CA ASP B 248 -59.15 -18.41 -36.03
C ASP B 248 -60.03 -17.97 -34.86
N TRP B 249 -59.98 -18.70 -33.77
CA TRP B 249 -60.78 -18.40 -32.60
C TRP B 249 -59.99 -17.67 -31.49
N LEU B 250 -58.70 -17.42 -31.71
CA LEU B 250 -57.88 -16.49 -30.88
C LEU B 250 -57.08 -15.52 -31.77
N PRO B 251 -57.77 -14.66 -32.55
CA PRO B 251 -57.13 -13.86 -33.57
C PRO B 251 -56.58 -12.54 -33.12
N ALA B 252 -56.85 -12.20 -31.87
CA ALA B 252 -56.38 -10.99 -31.27
C ALA B 252 -55.29 -11.22 -30.20
N THR B 253 -54.64 -12.38 -30.19
CA THR B 253 -53.59 -12.68 -29.18
C THR B 253 -52.28 -13.06 -29.82
N THR B 254 -51.21 -12.36 -29.43
CA THR B 254 -49.88 -12.57 -30.00
C THR B 254 -48.86 -12.00 -29.04
N GLY B 255 -47.64 -12.53 -29.10
CA GLY B 255 -46.58 -12.20 -28.18
C GLY B 255 -46.82 -12.77 -26.82
N ASP B 256 -47.73 -13.74 -26.74
CA ASP B 256 -48.34 -14.10 -25.46
C ASP B 256 -48.14 -15.56 -25.09
N ILE B 257 -48.71 -15.92 -23.94
CA ILE B 257 -48.59 -17.24 -23.36
C ILE B 257 -49.97 -17.73 -22.87
N ILE B 258 -50.46 -18.82 -23.46
CA ILE B 258 -51.64 -19.50 -22.94
C ILE B 258 -51.18 -20.68 -22.05
N TYR B 259 -51.68 -20.73 -20.83
CA TYR B 259 -51.28 -21.77 -19.88
C TYR B 259 -52.20 -22.93 -19.98
N ALA B 260 -51.68 -24.05 -20.50
CA ALA B 260 -52.46 -25.31 -20.48
C ALA B 260 -51.98 -26.14 -19.30
N ASP B 261 -52.37 -25.76 -18.09
CA ASP B 261 -51.76 -26.35 -16.90
C ASP B 261 -52.76 -26.77 -15.77
N GLY B 262 -54.04 -26.93 -16.12
CA GLY B 262 -55.05 -27.19 -15.13
C GLY B 262 -55.36 -26.03 -14.19
N GLY B 263 -54.82 -24.86 -14.48
CA GLY B 263 -54.95 -23.71 -13.65
C GLY B 263 -53.90 -23.59 -12.56
N ALA B 264 -52.94 -24.51 -12.53
CA ALA B 264 -52.08 -24.68 -11.35
C ALA B 264 -51.29 -23.42 -10.96
N HIS B 265 -50.85 -22.67 -11.97
CA HIS B 265 -49.96 -21.53 -11.80
C HIS B 265 -50.72 -20.32 -11.27
N THR B 266 -52.06 -20.40 -11.26
CA THR B 266 -52.91 -19.38 -10.67
C THR B 266 -53.18 -19.57 -9.19
N GLN B 267 -52.60 -20.62 -8.63
CA GLN B 267 -52.86 -21.06 -7.25
C GLN B 267 -51.56 -21.25 -6.51
N LEU B 268 -51.48 -20.74 -5.29
CA LEU B 268 -50.26 -20.87 -4.48
C LEU B 268 -50.22 -22.21 -3.71
N LEU B 269 -51.35 -22.60 -3.13
CA LEU B 269 -51.44 -23.88 -2.39
C LEU B 269 -52.88 -24.43 -2.44
N THR C 2 13.28 -27.20 -7.20
CA THR C 2 12.58 -25.92 -7.49
C THR C 2 13.43 -24.72 -7.05
N GLY C 3 13.24 -23.60 -7.74
CA GLY C 3 14.11 -22.44 -7.59
C GLY C 3 13.39 -21.26 -6.97
N LEU C 4 14.18 -20.38 -6.36
CA LEU C 4 13.65 -19.26 -5.61
C LEU C 4 12.63 -18.49 -6.44
N LEU C 5 12.87 -18.39 -7.74
CA LEU C 5 12.08 -17.50 -8.60
C LEU C 5 11.41 -18.24 -9.75
N ASP C 6 10.80 -19.38 -9.44
CA ASP C 6 10.24 -20.31 -10.46
C ASP C 6 8.91 -19.86 -11.09
N GLY C 7 8.88 -19.85 -12.42
CA GLY C 7 7.64 -19.52 -13.14
C GLY C 7 7.36 -18.03 -13.11
N LYS C 8 8.38 -17.24 -12.79
CA LYS C 8 8.23 -15.78 -12.71
C LYS C 8 8.91 -15.14 -13.89
N ARG C 9 8.21 -14.18 -14.49
CA ARG C 9 8.71 -13.39 -15.60
C ARG C 9 9.28 -12.06 -15.05
N ILE C 10 10.60 -11.91 -15.13
CA ILE C 10 11.29 -10.74 -14.58
C ILE C 10 12.04 -9.91 -15.65
N LEU C 11 11.76 -8.61 -15.68
CA LEU C 11 12.51 -7.66 -16.52
C LEU C 11 13.76 -7.14 -15.81
N VAL C 12 14.88 -7.14 -16.53
CA VAL C 12 16.15 -6.68 -15.95
C VAL C 12 16.90 -5.68 -16.84
N SER C 13 16.99 -4.45 -16.34
CA SER C 13 17.77 -3.36 -16.94
C SER C 13 19.15 -3.25 -16.34
N GLY C 14 20.04 -2.55 -17.05
CA GLY C 14 21.39 -2.20 -16.53
C GLY C 14 22.59 -3.02 -17.01
N ILE C 15 22.34 -4.00 -17.90
CA ILE C 15 23.43 -4.84 -18.43
C ILE C 15 24.30 -4.06 -19.42
N ILE C 16 25.59 -3.99 -19.12
CA ILE C 16 26.56 -3.40 -20.04
C ILE C 16 27.84 -4.25 -20.11
N THR C 17 28.37 -4.62 -18.96
CA THR C 17 29.56 -5.44 -18.89
C THR C 17 29.23 -6.63 -18.00
N ASP C 18 30.12 -7.62 -17.98
CA ASP C 18 29.93 -8.82 -17.17
C ASP C 18 30.22 -8.53 -15.71
N SER C 19 30.67 -7.31 -15.45
CA SER C 19 30.90 -6.76 -14.10
C SER C 19 29.62 -6.08 -13.59
N SER C 20 28.66 -5.88 -14.50
CA SER C 20 27.42 -5.22 -14.15
C SER C 20 26.78 -5.96 -13.01
N ILE C 21 26.17 -5.21 -12.09
CA ILE C 21 25.36 -5.83 -11.04
C ILE C 21 24.13 -6.51 -11.67
N ALA C 22 23.53 -5.84 -12.64
CA ALA C 22 22.40 -6.38 -13.44
C ALA C 22 22.72 -7.67 -14.15
N PHE C 23 23.98 -7.87 -14.51
CA PHE C 23 24.41 -9.12 -15.14
C PHE C 23 24.38 -10.27 -14.12
N HIS C 24 24.88 -10.03 -12.91
CA HIS C 24 24.81 -11.02 -11.86
C HIS C 24 23.37 -11.13 -11.31
N ILE C 25 22.58 -10.05 -11.37
CA ILE C 25 21.18 -10.11 -10.99
C ILE C 25 20.44 -11.05 -11.95
N ALA C 26 20.70 -10.90 -13.24
CA ALA C 26 20.10 -11.77 -14.24
C ALA C 26 20.59 -13.21 -14.05
N ARG C 27 21.91 -13.37 -13.92
CA ARG C 27 22.52 -14.66 -13.84
C ARG C 27 21.90 -15.47 -12.72
N VAL C 28 21.76 -14.84 -11.54
CA VAL C 28 21.14 -15.47 -10.37
C VAL C 28 19.63 -15.69 -10.55
N ALA C 29 18.94 -14.70 -11.09
CA ALA C 29 17.52 -14.88 -11.43
C ALA C 29 17.32 -16.14 -12.25
N GLN C 30 18.08 -16.26 -13.34
CA GLN C 30 17.95 -17.38 -14.31
C GLN C 30 18.35 -18.74 -13.71
N GLU C 31 19.44 -18.78 -12.91
CA GLU C 31 19.79 -19.96 -12.08
C GLU C 31 18.65 -20.44 -11.17
N GLN C 32 17.77 -19.53 -10.75
CA GLN C 32 16.66 -19.84 -9.85
C GLN C 32 15.32 -20.07 -10.56
N GLY C 33 15.35 -20.31 -11.87
CA GLY C 33 14.14 -20.75 -12.60
C GLY C 33 13.27 -19.65 -13.21
N ALA C 34 13.77 -18.42 -13.17
CA ALA C 34 13.05 -17.28 -13.73
C ALA C 34 13.26 -17.17 -15.25
N GLN C 35 12.28 -16.56 -15.91
CA GLN C 35 12.36 -16.27 -17.34
C GLN C 35 12.46 -14.77 -17.50
N LEU C 36 13.43 -14.32 -18.30
CA LEU C 36 13.83 -12.91 -18.32
C LEU C 36 13.55 -12.15 -19.60
N VAL C 37 13.19 -10.88 -19.42
CA VAL C 37 13.23 -9.84 -20.44
C VAL C 37 14.28 -8.83 -20.01
N LEU C 38 15.26 -8.58 -20.89
CA LEU C 38 16.36 -7.68 -20.58
C LEU C 38 16.23 -6.46 -21.46
N THR C 39 16.90 -5.38 -21.06
CA THR C 39 16.94 -4.15 -21.86
C THR C 39 18.38 -3.60 -21.92
N GLY C 40 18.65 -2.79 -22.94
CA GLY C 40 19.96 -2.16 -23.14
C GLY C 40 19.84 -0.71 -23.58
N PHE C 41 20.89 0.06 -23.34
CA PHE C 41 20.86 1.52 -23.56
C PHE C 41 21.36 1.98 -24.94
N ASP C 42 22.65 1.76 -25.22
CA ASP C 42 23.26 2.31 -26.45
C ASP C 42 24.01 1.22 -27.22
N ARG C 43 24.99 0.61 -26.56
CA ARG C 43 25.82 -0.45 -27.14
C ARG C 43 25.05 -1.78 -27.21
N LEU C 44 24.02 -1.81 -28.06
CA LEU C 44 23.15 -3.00 -28.14
C LEU C 44 23.84 -4.26 -28.70
N ARG C 45 24.77 -4.10 -29.63
CA ARG C 45 25.53 -5.24 -30.16
C ARG C 45 26.45 -5.78 -29.08
N LEU C 46 27.18 -4.87 -28.46
CA LEU C 46 28.14 -5.21 -27.42
C LEU C 46 27.53 -5.99 -26.25
N ILE C 47 26.32 -5.64 -25.83
CA ILE C 47 25.71 -6.30 -24.67
C ILE C 47 25.04 -7.63 -25.01
N GLN C 48 24.55 -7.76 -26.24
CA GLN C 48 24.07 -9.04 -26.77
C GLN C 48 25.13 -10.10 -26.53
N ARG C 49 26.39 -9.74 -26.77
CA ARG C 49 27.53 -10.63 -26.56
C ARG C 49 27.60 -11.06 -25.09
N ILE C 50 27.43 -10.09 -24.20
CA ILE C 50 27.51 -10.31 -22.75
C ILE C 50 26.29 -11.06 -22.18
N THR C 51 25.10 -10.79 -22.71
CA THR C 51 23.92 -11.52 -22.27
C THR C 51 24.02 -12.99 -22.67
N ASP C 52 24.35 -13.25 -23.94
CA ASP C 52 24.57 -14.64 -24.43
C ASP C 52 25.39 -15.45 -23.41
N ARG C 53 26.30 -14.78 -22.69
CA ARG C 53 27.09 -15.40 -21.63
C ARG C 53 26.29 -15.74 -20.33
N LEU C 54 25.03 -15.31 -20.26
CA LEU C 54 24.11 -15.70 -19.18
C LEU C 54 23.70 -17.18 -19.29
N PRO C 55 23.33 -17.82 -18.16
CA PRO C 55 23.06 -19.26 -18.13
C PRO C 55 21.92 -19.72 -19.04
N ALA C 56 20.94 -18.84 -19.27
CA ALA C 56 19.83 -19.09 -20.22
C ALA C 56 19.55 -17.90 -21.14
N LYS C 57 19.00 -18.20 -22.32
CA LYS C 57 18.66 -17.18 -23.32
C LYS C 57 17.50 -16.32 -22.85
N ALA C 58 17.55 -15.05 -23.26
CA ALA C 58 16.45 -14.12 -23.03
C ALA C 58 16.42 -13.05 -24.12
N PRO C 59 15.21 -12.59 -24.50
CA PRO C 59 15.05 -11.47 -25.43
C PRO C 59 15.64 -10.17 -24.89
N LEU C 60 16.27 -9.41 -25.78
CA LEU C 60 16.91 -8.14 -25.41
C LEU C 60 16.21 -6.96 -26.10
N LEU C 61 15.64 -6.06 -25.30
CA LEU C 61 15.00 -4.86 -25.82
C LEU C 61 15.94 -3.64 -25.68
N GLU C 62 15.58 -2.55 -26.36
CA GLU C 62 16.32 -1.31 -26.30
C GLU C 62 15.55 -0.35 -25.43
N LEU C 63 16.23 0.19 -24.43
CA LEU C 63 15.60 1.08 -23.46
C LEU C 63 16.56 2.18 -23.02
N ASP C 64 16.32 3.38 -23.53
CA ASP C 64 16.96 4.62 -23.08
C ASP C 64 15.91 5.37 -22.29
N VAL C 65 16.09 5.38 -20.98
CA VAL C 65 15.12 5.96 -20.05
C VAL C 65 14.92 7.49 -20.19
N GLN C 66 15.65 8.09 -21.11
CA GLN C 66 15.44 9.48 -21.49
C GLN C 66 14.66 9.57 -22.79
N ASN C 67 14.36 8.45 -23.40
CA ASN C 67 13.63 8.44 -24.67
C ASN C 67 12.16 8.15 -24.39
N GLU C 68 11.32 9.14 -24.68
CA GLU C 68 9.87 9.08 -24.38
C GLU C 68 9.08 8.15 -25.31
N GLU C 69 9.67 7.85 -26.46
CA GLU C 69 9.14 6.87 -27.38
C GLU C 69 9.45 5.47 -26.86
N HIS C 70 10.70 5.22 -26.47
CA HIS C 70 11.09 3.93 -25.89
C HIS C 70 10.19 3.56 -24.72
N LEU C 71 10.00 4.53 -23.83
CA LEU C 71 9.14 4.36 -22.65
C LEU C 71 7.72 3.95 -23.09
N ALA C 72 7.19 4.66 -24.09
CA ALA C 72 5.81 4.49 -24.59
C ALA C 72 5.55 3.15 -25.26
N SER C 73 6.56 2.59 -25.92
CA SER C 73 6.41 1.30 -26.60
C SER C 73 6.81 0.11 -25.72
N LEU C 74 7.35 0.37 -24.53
CA LEU C 74 7.91 -0.73 -23.72
C LEU C 74 6.90 -1.86 -23.47
N ALA C 75 5.69 -1.48 -23.06
CA ALA C 75 4.65 -2.42 -22.62
C ALA C 75 4.31 -3.49 -23.69
N GLY C 76 4.00 -3.02 -24.90
CA GLY C 76 3.79 -3.90 -26.05
C GLY C 76 4.98 -4.78 -26.39
N ARG C 77 6.14 -4.14 -26.56
CA ARG C 77 7.39 -4.87 -26.83
C ARG C 77 7.67 -6.00 -25.83
N VAL C 78 7.41 -5.77 -24.54
CA VAL C 78 7.56 -6.82 -23.52
C VAL C 78 6.52 -7.93 -23.75
N THR C 79 5.28 -7.52 -24.02
CA THR C 79 4.18 -8.47 -24.25
C THR C 79 4.47 -9.42 -25.43
N GLU C 80 5.02 -8.87 -26.51
CA GLU C 80 5.44 -9.63 -27.70
C GLU C 80 6.50 -10.65 -27.34
N ALA C 81 7.42 -10.25 -26.46
CA ALA C 81 8.54 -11.09 -26.07
C ALA C 81 8.13 -12.22 -25.12
N ILE C 82 7.12 -11.98 -24.27
CA ILE C 82 6.59 -13.01 -23.37
C ILE C 82 5.29 -13.64 -23.89
N GLY C 83 4.64 -12.97 -24.84
CA GLY C 83 3.44 -13.48 -25.48
C GLY C 83 2.19 -12.94 -24.82
N ALA C 84 1.22 -12.52 -25.62
CA ALA C 84 -0.01 -11.86 -25.12
C ALA C 84 -0.69 -12.71 -24.08
N GLY C 85 -1.34 -12.05 -23.13
CA GLY C 85 -2.02 -12.74 -22.04
C GLY C 85 -1.11 -13.09 -20.89
N ASN C 86 0.18 -12.82 -21.04
CA ASN C 86 1.17 -13.04 -19.99
C ASN C 86 1.62 -11.70 -19.43
N LYS C 87 2.16 -11.73 -18.23
CA LYS C 87 2.61 -10.50 -17.56
C LYS C 87 3.88 -10.70 -16.71
N LEU C 88 4.52 -9.58 -16.37
CA LEU C 88 5.72 -9.62 -15.54
C LEU C 88 5.35 -9.69 -14.07
N ASP C 89 6.17 -10.42 -13.29
CA ASP C 89 6.07 -10.44 -11.83
C ASP C 89 7.27 -9.69 -11.21
N GLY C 90 8.13 -9.13 -12.04
CA GLY C 90 9.29 -8.42 -11.56
C GLY C 90 9.78 -7.35 -12.51
N VAL C 91 10.30 -6.25 -11.95
CA VAL C 91 11.04 -5.25 -12.71
C VAL C 91 12.25 -4.80 -11.92
N VAL C 92 13.44 -4.96 -12.51
CA VAL C 92 14.68 -4.49 -11.91
C VAL C 92 15.24 -3.27 -12.62
N HIS C 93 15.18 -2.15 -11.92
CA HIS C 93 15.81 -0.92 -12.32
C HIS C 93 17.20 -0.91 -11.72
N SER C 94 18.22 -1.04 -12.56
CA SER C 94 19.61 -1.01 -12.11
C SER C 94 20.39 -0.05 -13.00
N ILE C 95 19.89 1.18 -13.06
CA ILE C 95 20.31 2.18 -14.01
C ILE C 95 20.83 3.38 -13.23
N GLY C 96 21.94 3.97 -13.67
CA GLY C 96 22.43 5.18 -13.04
C GLY C 96 23.55 5.83 -13.80
N PHE C 97 23.59 7.15 -13.75
CA PHE C 97 24.55 7.94 -14.51
C PHE C 97 24.70 9.33 -13.89
N MET C 98 25.94 9.81 -13.87
CA MET C 98 26.25 11.18 -13.50
C MET C 98 27.50 11.56 -14.27
N PRO C 99 27.47 12.68 -15.00
CA PRO C 99 28.69 13.12 -15.69
C PRO C 99 29.85 13.47 -14.73
N GLN C 100 31.07 13.42 -15.25
CA GLN C 100 32.24 13.49 -14.39
C GLN C 100 32.27 14.86 -13.75
N THR C 101 31.52 15.78 -14.36
CA THR C 101 31.44 17.17 -13.96
C THR C 101 30.95 17.30 -12.52
N GLY C 102 29.99 16.45 -12.14
CA GLY C 102 29.42 16.48 -10.79
C GLY C 102 29.64 15.20 -10.01
N MET C 103 30.79 14.55 -10.24
CA MET C 103 31.08 13.26 -9.63
C MET C 103 32.54 12.88 -9.79
N GLY C 104 33.26 12.78 -8.68
CA GLY C 104 34.66 12.35 -8.69
C GLY C 104 35.61 13.39 -8.11
N ILE C 105 36.51 13.89 -8.95
CA ILE C 105 37.50 14.86 -8.52
C ILE C 105 36.96 16.30 -8.61
N ASN C 106 35.85 16.48 -9.34
CA ASN C 106 35.28 17.80 -9.53
C ASN C 106 34.62 18.37 -8.25
N PRO C 107 34.93 19.66 -7.92
CA PRO C 107 34.34 20.37 -6.79
C PRO C 107 32.84 20.43 -6.85
N PHE C 108 32.19 20.18 -5.72
CA PHE C 108 30.72 20.09 -5.62
C PHE C 108 30.00 21.23 -6.35
N PHE C 109 30.46 22.45 -6.16
CA PHE C 109 29.83 23.65 -6.75
C PHE C 109 29.97 23.83 -8.27
N ASP C 110 31.02 23.22 -8.85
CA ASP C 110 31.38 23.41 -10.26
C ASP C 110 30.65 22.49 -11.25
N ALA C 111 29.67 21.74 -10.74
CA ALA C 111 28.76 20.99 -11.59
C ALA C 111 27.61 21.91 -12.04
N PRO C 112 27.49 22.14 -13.38
CA PRO C 112 26.38 22.92 -13.93
C PRO C 112 25.08 22.15 -13.89
N TYR C 113 23.99 22.83 -13.56
CA TYR C 113 22.72 22.14 -13.36
C TYR C 113 22.25 21.18 -14.48
N ALA C 114 22.56 21.48 -15.74
CA ALA C 114 22.11 20.63 -16.87
C ALA C 114 22.76 19.26 -16.85
N ASP C 115 23.96 19.16 -16.30
CA ASP C 115 24.62 17.85 -16.11
C ASP C 115 23.94 17.11 -14.95
N VAL C 116 23.93 17.72 -13.76
CA VAL C 116 23.21 17.16 -12.59
C VAL C 116 21.73 16.79 -12.92
N SER C 117 21.10 17.54 -13.82
CA SER C 117 19.72 17.27 -14.25
C SER C 117 19.60 15.96 -15.04
N LYS C 118 20.63 15.65 -15.84
CA LYS C 118 20.71 14.41 -16.65
C LYS C 118 20.99 13.21 -15.78
N GLY C 119 21.96 13.35 -14.89
CA GLY C 119 22.20 12.37 -13.86
C GLY C 119 20.95 12.02 -13.07
N ILE C 120 20.26 13.05 -12.58
CA ILE C 120 19.05 12.80 -11.79
C ILE C 120 17.95 12.16 -12.65
N HIS C 121 17.73 12.68 -13.86
CA HIS C 121 16.76 12.12 -14.79
C HIS C 121 17.01 10.63 -14.96
N ILE C 122 18.26 10.28 -15.22
CA ILE C 122 18.65 8.87 -15.45
C ILE C 122 18.66 8.03 -14.18
N SER C 123 19.15 8.61 -13.08
CA SER C 123 19.37 7.84 -11.87
C SER C 123 18.14 7.75 -10.94
N ALA C 124 17.33 8.80 -10.90
CA ALA C 124 16.15 8.84 -10.01
C ALA C 124 14.78 8.91 -10.71
N TYR C 125 14.52 9.95 -11.52
CA TYR C 125 13.25 10.08 -12.27
C TYR C 125 12.86 8.85 -13.09
N SER C 126 13.86 8.16 -13.65
CA SER C 126 13.58 6.99 -14.48
C SER C 126 13.05 5.79 -13.69
N TYR C 127 13.11 5.86 -12.35
CA TYR C 127 12.52 4.79 -11.54
C TYR C 127 11.03 4.89 -11.60
N ALA C 128 10.54 6.12 -11.57
CA ALA C 128 9.10 6.37 -11.68
C ALA C 128 8.63 6.01 -13.09
N SER C 129 9.36 6.52 -14.08
CA SER C 129 8.93 6.40 -15.47
C SER C 129 8.98 4.95 -15.99
N MET C 130 9.89 4.13 -15.46
CA MET C 130 9.90 2.67 -15.76
C MET C 130 8.71 1.97 -15.12
N ALA C 131 8.47 2.25 -13.84
CA ALA C 131 7.30 1.71 -13.16
C ALA C 131 5.99 2.18 -13.81
N LYS C 132 5.96 3.42 -14.31
CA LYS C 132 4.79 3.93 -15.02
C LYS C 132 4.43 3.04 -16.22
N ALA C 133 5.48 2.59 -16.91
CA ALA C 133 5.33 1.91 -18.16
C ALA C 133 5.09 0.41 -17.95
N LEU C 134 5.59 -0.12 -16.84
CA LEU C 134 5.59 -1.57 -16.63
C LEU C 134 4.59 -2.08 -15.63
N LEU C 135 4.09 -1.21 -14.78
CA LEU C 135 3.03 -1.58 -13.81
C LEU C 135 1.75 -2.14 -14.46
N PRO C 136 1.34 -1.58 -15.60
CA PRO C 136 0.23 -2.16 -16.33
C PRO C 136 0.41 -3.67 -16.68
N ILE C 137 1.58 -4.04 -17.18
CA ILE C 137 1.86 -5.43 -17.53
C ILE C 137 2.58 -6.20 -16.41
N MET C 138 2.32 -5.81 -15.17
CA MET C 138 2.79 -6.55 -14.00
C MET C 138 1.64 -7.35 -13.35
N ASN C 139 1.99 -8.46 -12.70
CA ASN C 139 1.02 -9.30 -11.95
C ASN C 139 0.93 -8.97 -10.44
N PRO C 140 -0.27 -9.14 -9.83
CA PRO C 140 -0.42 -9.03 -8.37
C PRO C 140 0.65 -9.85 -7.66
N GLY C 141 1.15 -9.37 -6.53
CA GLY C 141 2.30 -9.99 -5.86
C GLY C 141 3.65 -9.72 -6.54
N GLY C 142 3.64 -8.91 -7.60
CA GLY C 142 4.87 -8.56 -8.30
C GLY C 142 5.79 -7.70 -7.44
N SER C 143 6.98 -7.41 -7.97
CA SER C 143 8.02 -6.70 -7.23
C SER C 143 8.79 -5.81 -8.16
N ILE C 144 9.09 -4.60 -7.70
CA ILE C 144 9.95 -3.69 -8.44
C ILE C 144 11.07 -3.28 -7.54
N VAL C 145 12.30 -3.49 -8.03
CA VAL C 145 13.52 -3.21 -7.27
C VAL C 145 14.48 -2.27 -8.04
N GLY C 146 15.09 -1.35 -7.31
CA GLY C 146 15.97 -0.31 -7.84
C GLY C 146 17.28 -0.32 -7.06
N MET C 147 18.39 -0.03 -7.73
CA MET C 147 19.71 -0.05 -7.07
C MET C 147 19.98 1.27 -6.39
N ASP C 148 20.58 1.18 -5.21
CA ASP C 148 20.81 2.35 -4.35
C ASP C 148 22.22 2.31 -3.75
N PHE C 149 22.67 3.44 -3.23
CA PHE C 149 23.92 3.52 -2.46
C PHE C 149 23.66 4.53 -1.34
N ASP C 150 23.65 4.04 -0.10
CA ASP C 150 23.30 4.81 1.08
C ASP C 150 23.72 6.28 0.89
N PRO C 151 22.73 7.18 0.78
CA PRO C 151 23.02 8.60 0.64
C PRO C 151 22.79 9.39 1.91
N SER C 152 22.51 8.72 3.02
CA SER C 152 22.10 9.40 4.25
C SER C 152 23.16 10.43 4.74
N ARG C 153 24.40 10.16 4.38
CA ARG C 153 25.51 10.96 4.82
C ARG C 153 26.31 11.28 3.58
N ALA C 154 26.72 12.53 3.48
CA ALA C 154 27.59 12.96 2.40
C ALA C 154 28.92 12.22 2.49
N MET C 155 29.66 12.21 1.38
CA MET C 155 30.94 11.54 1.30
C MET C 155 31.76 12.09 0.12
N PRO C 156 33.09 11.96 0.17
CA PRO C 156 33.85 12.47 -0.98
C PRO C 156 33.50 11.78 -2.32
N ALA C 157 33.85 12.46 -3.43
CA ALA C 157 33.77 11.90 -4.80
C ALA C 157 32.35 11.71 -5.34
N TYR C 158 31.56 10.97 -4.55
CA TYR C 158 30.19 10.59 -4.96
C TYR C 158 29.35 11.82 -5.31
N ASN C 159 29.61 12.93 -4.58
CA ASN C 159 29.06 14.28 -4.84
C ASN C 159 27.60 14.28 -5.24
N TRP C 160 27.32 14.63 -6.49
CA TRP C 160 25.94 14.80 -7.00
C TRP C 160 25.19 13.49 -7.27
N MET C 161 25.92 12.39 -7.40
CA MET C 161 25.30 11.06 -7.47
C MET C 161 24.58 10.68 -6.13
N THR C 162 25.18 11.10 -5.02
CA THR C 162 24.58 10.95 -3.72
C THR C 162 23.23 11.68 -3.69
N VAL C 163 23.21 12.89 -4.24
CA VAL C 163 22.02 13.70 -4.27
C VAL C 163 20.96 13.03 -5.14
N ALA C 164 21.41 12.31 -6.18
CA ALA C 164 20.49 11.57 -7.05
C ALA C 164 19.95 10.32 -6.33
N LYS C 165 20.81 9.64 -5.56
CA LYS C 165 20.33 8.51 -4.74
C LYS C 165 19.27 8.96 -3.73
N SER C 166 19.48 10.12 -3.09
CA SER C 166 18.51 10.74 -2.20
C SER C 166 17.13 10.97 -2.88
N ALA C 167 17.17 11.46 -4.11
CA ALA C 167 15.96 11.65 -4.91
C ALA C 167 15.29 10.32 -5.18
N LEU C 168 16.09 9.35 -5.65
CA LEU C 168 15.64 7.95 -5.86
C LEU C 168 14.89 7.36 -4.65
N GLU C 169 15.47 7.47 -3.45
CA GLU C 169 14.81 6.98 -2.22
C GLU C 169 13.41 7.58 -2.04
N SER C 170 13.29 8.87 -2.30
CA SER C 170 12.03 9.59 -2.25
C SER C 170 11.11 9.10 -3.39
N VAL C 171 11.64 9.00 -4.59
CA VAL C 171 10.84 8.47 -5.69
C VAL C 171 10.33 7.05 -5.39
N ASN C 172 11.17 6.20 -4.79
CA ASN C 172 10.78 4.82 -4.39
C ASN C 172 9.58 4.81 -3.41
N ARG C 173 9.58 5.70 -2.44
CA ARG C 173 8.41 5.82 -1.55
C ARG C 173 7.14 6.27 -2.30
N PHE C 174 7.24 7.10 -3.33
CA PHE C 174 6.05 7.45 -4.14
C PHE C 174 5.67 6.38 -5.15
N VAL C 175 6.68 5.73 -5.70
CA VAL C 175 6.44 4.62 -6.65
C VAL C 175 5.72 3.44 -5.98
N ALA C 176 6.04 3.15 -4.71
CA ALA C 176 5.34 2.12 -3.93
C ALA C 176 3.84 2.41 -3.73
N ARG C 177 3.49 3.70 -3.69
CA ARG C 177 2.10 4.14 -3.50
C ARG C 177 1.24 3.89 -4.71
N GLU C 178 1.83 4.10 -5.90
CA GLU C 178 1.21 3.75 -7.18
C GLU C 178 1.28 2.26 -7.47
N ALA C 179 2.31 1.58 -7.00
CA ALA C 179 2.46 0.15 -7.26
C ALA C 179 1.46 -0.64 -6.45
N GLY C 180 1.10 -0.10 -5.28
CA GLY C 180 0.18 -0.77 -4.36
C GLY C 180 -1.18 -0.94 -4.98
N LYS C 181 -1.53 -0.01 -5.88
CA LYS C 181 -2.77 -0.07 -6.68
C LYS C 181 -2.80 -1.27 -7.61
N TYR C 182 -1.67 -1.95 -7.75
CA TYR C 182 -1.54 -3.15 -8.58
C TYR C 182 -1.21 -4.42 -7.79
N GLY C 183 -1.06 -4.32 -6.46
CA GLY C 183 -0.56 -5.44 -5.66
C GLY C 183 0.95 -5.61 -5.78
N VAL C 184 1.62 -4.56 -6.26
CA VAL C 184 3.04 -4.64 -6.52
C VAL C 184 3.77 -3.88 -5.41
N ARG C 185 4.88 -4.44 -4.98
CA ARG C 185 5.80 -3.86 -4.01
C ARG C 185 6.94 -3.17 -4.77
N SER C 186 7.39 -2.05 -4.23
CA SER C 186 8.51 -1.30 -4.79
C SER C 186 9.53 -1.16 -3.67
N ASN C 187 10.77 -1.56 -3.93
CA ASN C 187 11.83 -1.56 -2.93
C ASN C 187 13.18 -1.27 -3.55
N LEU C 188 14.12 -0.89 -2.70
CA LEU C 188 15.45 -0.46 -3.16
C LEU C 188 16.50 -1.30 -2.51
N VAL C 189 17.51 -1.68 -3.27
CA VAL C 189 18.64 -2.36 -2.66
C VAL C 189 19.84 -1.42 -2.55
N ALA C 190 20.14 -0.99 -1.31
CA ALA C 190 21.37 -0.25 -1.05
C ALA C 190 22.49 -1.24 -0.93
N ALA C 191 23.24 -1.36 -2.02
CA ALA C 191 24.44 -2.19 -2.06
C ALA C 191 25.66 -1.41 -1.57
N GLY C 192 26.63 -2.14 -1.04
CA GLY C 192 27.97 -1.62 -0.82
C GLY C 192 28.74 -1.40 -2.13
N PRO C 193 29.96 -0.84 -2.02
CA PRO C 193 30.77 -0.58 -3.22
C PRO C 193 31.21 -1.90 -3.91
N ILE C 194 30.73 -2.10 -5.13
CA ILE C 194 31.09 -3.26 -5.96
C ILE C 194 32.04 -2.80 -7.08
N ARG C 195 33.23 -3.41 -7.12
CA ARG C 195 34.23 -3.21 -8.20
C ARG C 195 33.66 -3.49 -9.59
N THR C 196 32.88 -2.55 -10.12
CA THR C 196 32.36 -2.65 -11.46
C THR C 196 33.37 -2.05 -12.44
N LEU C 217 40.29 4.11 0.53
CA LEU C 217 39.98 4.49 1.91
C LEU C 217 38.49 4.31 2.19
N LEU C 218 37.64 4.74 1.27
CA LEU C 218 36.18 4.51 1.38
C LEU C 218 35.79 3.01 1.36
N GLU C 219 36.61 2.19 0.69
CA GLU C 219 36.34 0.76 0.54
C GLU C 219 36.95 -0.02 1.72
N GLU C 220 38.15 0.37 2.13
CA GLU C 220 38.84 -0.24 3.28
C GLU C 220 38.01 -0.17 4.56
N GLY C 221 37.33 0.96 4.76
CA GLY C 221 36.46 1.15 5.92
C GLY C 221 35.20 0.32 5.83
N TRP C 222 34.73 0.07 4.61
CA TRP C 222 33.50 -0.67 4.40
C TRP C 222 33.65 -2.08 4.96
N ASP C 223 34.73 -2.75 4.58
CA ASP C 223 35.05 -4.08 5.13
C ASP C 223 35.36 -4.05 6.63
N GLN C 224 35.97 -2.97 7.10
CA GLN C 224 36.26 -2.85 8.53
C GLN C 224 34.96 -2.76 9.33
N ARG C 225 34.11 -1.83 8.93
CA ARG C 225 32.79 -1.62 9.56
C ARG C 225 31.92 -2.87 9.51
N ALA C 226 31.77 -3.40 8.31
CA ALA C 226 30.96 -4.58 8.03
C ALA C 226 31.28 -5.77 8.97
N PRO C 227 30.38 -6.08 9.92
CA PRO C 227 30.63 -7.14 10.90
C PRO C 227 31.01 -8.47 10.25
N ILE C 228 30.27 -8.85 9.21
CA ILE C 228 30.60 -10.02 8.40
C ILE C 228 31.68 -9.73 7.33
N GLY C 229 31.93 -8.46 7.08
CA GLY C 229 32.98 -8.06 6.17
C GLY C 229 32.37 -7.84 4.81
N TRP C 230 33.19 -7.39 3.88
CA TRP C 230 32.73 -7.00 2.57
C TRP C 230 33.76 -7.25 1.45
N ASN C 231 33.45 -8.20 0.57
CA ASN C 231 34.23 -8.45 -0.65
C ASN C 231 33.72 -7.61 -1.83
N MET C 232 34.45 -6.52 -2.13
CA MET C 232 34.02 -5.58 -3.15
C MET C 232 34.33 -6.08 -4.54
N LYS C 233 34.63 -7.37 -4.66
CA LYS C 233 34.89 -8.01 -5.94
C LYS C 233 33.85 -9.11 -6.20
N ASP C 234 32.95 -9.32 -5.24
CA ASP C 234 31.94 -10.36 -5.35
C ASP C 234 30.52 -9.76 -5.39
N ALA C 235 29.93 -9.72 -6.58
CA ALA C 235 28.60 -9.15 -6.81
C ALA C 235 27.48 -10.12 -6.43
N THR C 236 27.83 -11.37 -6.15
CA THR C 236 26.83 -12.37 -5.80
C THR C 236 25.84 -11.90 -4.72
N PRO C 237 26.31 -11.57 -3.50
CA PRO C 237 25.39 -11.30 -2.38
C PRO C 237 24.34 -10.19 -2.64
N VAL C 238 24.72 -9.18 -3.42
CA VAL C 238 23.83 -8.11 -3.82
C VAL C 238 22.68 -8.64 -4.67
N ALA C 239 23.07 -9.33 -5.73
CA ALA C 239 22.13 -9.98 -6.63
C ALA C 239 21.18 -11.00 -5.96
N LYS C 240 21.60 -11.67 -4.88
CA LYS C 240 20.68 -12.60 -4.19
C LYS C 240 19.61 -11.79 -3.45
N THR C 241 20.06 -10.74 -2.76
CA THR C 241 19.19 -9.81 -2.03
C THR C 241 18.13 -9.18 -2.96
N VAL C 242 18.48 -8.99 -4.23
CA VAL C 242 17.48 -8.57 -5.21
C VAL C 242 16.39 -9.65 -5.43
N CYS C 243 16.81 -10.89 -5.60
CA CYS C 243 15.91 -12.00 -5.91
C CYS C 243 15.00 -12.34 -4.73
N ALA C 244 15.49 -12.20 -3.51
CA ALA C 244 14.62 -12.31 -2.33
C ALA C 244 13.44 -11.34 -2.37
N LEU C 245 13.71 -10.10 -2.83
CA LEU C 245 12.66 -9.07 -3.04
C LEU C 245 11.80 -9.32 -4.27
N LEU C 246 12.38 -9.95 -5.27
CA LEU C 246 11.62 -10.44 -6.40
C LEU C 246 10.84 -11.68 -6.02
N SER C 247 11.22 -12.34 -4.92
CA SER C 247 10.50 -13.52 -4.43
C SER C 247 9.21 -13.11 -3.71
N ASP C 248 8.46 -14.11 -3.25
CA ASP C 248 7.27 -13.90 -2.42
C ASP C 248 7.59 -14.15 -0.94
N TRP C 249 8.85 -13.93 -0.58
CA TRP C 249 9.30 -14.19 0.79
C TRP C 249 9.58 -12.91 1.54
N LEU C 250 9.38 -11.76 0.87
CA LEU C 250 9.34 -10.44 1.48
C LEU C 250 8.07 -9.68 1.08
N PRO C 251 6.90 -10.23 1.42
CA PRO C 251 5.64 -9.81 0.79
C PRO C 251 5.03 -8.55 1.37
N ALA C 252 5.57 -8.11 2.51
CA ALA C 252 4.98 -7.08 3.34
C ALA C 252 5.91 -5.88 3.45
N THR C 253 6.86 -5.78 2.51
CA THR C 253 7.84 -4.68 2.48
C THR C 253 7.78 -4.03 1.11
N THR C 254 7.43 -2.74 1.13
CA THR C 254 7.35 -1.88 -0.05
C THR C 254 7.78 -0.46 0.36
N GLY C 255 8.18 0.37 -0.60
CA GLY C 255 8.61 1.72 -0.28
C GLY C 255 9.84 1.79 0.61
N ASP C 256 10.62 0.72 0.64
CA ASP C 256 11.65 0.50 1.65
C ASP C 256 12.98 0.18 1.04
N ILE C 257 14.01 0.25 1.89
CA ILE C 257 15.42 0.07 1.56
C ILE C 257 16.03 -1.08 2.39
N ILE C 258 16.43 -2.16 1.71
CA ILE C 258 17.24 -3.22 2.32
C ILE C 258 18.70 -3.03 1.94
N TYR C 259 19.58 -3.10 2.93
CA TYR C 259 20.99 -2.81 2.73
C TYR C 259 21.81 -4.10 2.53
N ALA C 260 22.30 -4.28 1.30
CA ALA C 260 23.25 -5.35 0.98
C ALA C 260 24.63 -4.76 0.99
N ASP C 261 25.14 -4.50 2.19
CA ASP C 261 26.38 -3.72 2.44
C ASP C 261 27.27 -4.31 3.60
N GLY C 262 27.08 -5.60 3.88
CA GLY C 262 27.83 -6.25 4.97
C GLY C 262 27.52 -5.73 6.38
N GLY C 263 26.41 -5.00 6.51
CA GLY C 263 26.06 -4.32 7.77
C GLY C 263 26.92 -3.14 8.16
N ALA C 264 27.66 -2.58 7.20
CA ALA C 264 28.58 -1.44 7.42
C ALA C 264 27.88 -0.16 7.80
N HIS C 265 26.67 0.05 7.29
CA HIS C 265 25.92 1.27 7.62
C HIS C 265 25.42 1.22 9.06
N THR C 266 25.42 0.02 9.66
CA THR C 266 24.89 -0.21 11.01
C THR C 266 25.93 0.01 12.10
N GLN C 267 27.17 0.35 11.70
CA GLN C 267 28.34 0.53 12.59
C GLN C 267 29.07 1.88 12.37
N LEU C 268 29.60 2.48 13.44
CA LEU C 268 30.28 3.79 13.32
C LEU C 268 31.78 3.66 13.02
N LEU C 269 32.54 2.99 13.88
CA LEU C 269 33.95 2.62 13.53
C LEU C 269 34.08 1.17 12.93
N THR D 2 20.34 43.87 24.59
CA THR D 2 20.98 43.68 23.26
C THR D 2 20.08 42.85 22.35
N GLY D 3 20.71 42.00 21.53
CA GLY D 3 20.02 41.31 20.47
C GLY D 3 20.81 40.09 20.03
N LEU D 4 20.07 39.04 19.75
CA LEU D 4 20.65 37.75 19.41
C LEU D 4 21.54 37.86 18.14
N LEU D 5 21.18 38.73 17.19
CA LEU D 5 21.93 38.87 15.92
C LEU D 5 22.68 40.22 15.80
N ASP D 6 22.97 40.84 16.95
CA ASP D 6 23.66 42.15 17.01
C ASP D 6 25.02 42.11 16.34
N GLY D 7 25.22 43.01 15.37
CA GLY D 7 26.47 43.10 14.59
C GLY D 7 26.48 42.30 13.28
N LYS D 8 25.49 41.41 13.12
CA LYS D 8 25.54 40.42 12.07
C LYS D 8 24.93 40.94 10.78
N ARG D 9 25.68 40.81 9.69
CA ARG D 9 25.19 41.10 8.35
C ARG D 9 24.68 39.81 7.70
N ILE D 10 23.36 39.74 7.49
CA ILE D 10 22.68 38.55 6.98
C ILE D 10 21.89 38.88 5.73
N LEU D 11 22.20 38.18 4.66
CA LEU D 11 21.37 38.17 3.46
C LEU D 11 20.09 37.35 3.73
N VAL D 12 18.94 37.82 3.24
CA VAL D 12 17.65 37.09 3.35
C VAL D 12 16.90 36.99 2.00
N SER D 13 16.47 35.78 1.65
CA SER D 13 15.81 35.50 0.39
C SER D 13 14.45 34.87 0.64
N GLY D 14 13.63 34.84 -0.41
CA GLY D 14 12.35 34.16 -0.35
C GLY D 14 11.15 35.07 -0.17
N ILE D 15 11.38 36.34 0.17
CA ILE D 15 10.25 37.24 0.40
C ILE D 15 9.47 37.42 -0.89
N ILE D 16 8.18 37.13 -0.82
CA ILE D 16 7.22 37.38 -1.92
C ILE D 16 6.00 38.14 -1.40
N THR D 17 5.54 37.78 -0.19
CA THR D 17 4.49 38.50 0.49
C THR D 17 4.78 38.62 2.02
N ASP D 18 3.83 39.21 2.74
CA ASP D 18 3.94 39.44 4.19
C ASP D 18 3.59 38.19 4.98
N SER D 19 3.04 37.19 4.28
CA SER D 19 2.77 35.85 4.85
C SER D 19 3.95 34.88 4.71
N SER D 20 4.81 35.11 3.71
CA SER D 20 6.06 34.34 3.59
C SER D 20 6.78 34.15 4.91
N ILE D 21 7.40 32.99 5.05
CA ILE D 21 8.23 32.64 6.21
C ILE D 21 9.42 33.57 6.27
N ALA D 22 9.96 33.86 5.09
CA ALA D 22 11.12 34.73 4.90
C ALA D 22 10.91 36.08 5.52
N PHE D 23 9.70 36.63 5.32
CA PHE D 23 9.36 37.96 5.82
C PHE D 23 9.50 38.03 7.32
N HIS D 24 9.11 36.94 7.98
CA HIS D 24 9.17 36.85 9.43
C HIS D 24 10.60 36.65 9.94
N ILE D 25 11.39 35.85 9.21
CA ILE D 25 12.80 35.65 9.54
C ILE D 25 13.55 36.98 9.47
N ALA D 26 13.31 37.74 8.40
CA ALA D 26 13.84 39.11 8.28
C ALA D 26 13.27 40.03 9.36
N ARG D 27 11.96 39.91 9.62
CA ARG D 27 11.34 40.63 10.73
C ARG D 27 12.00 40.33 12.08
N VAL D 28 12.17 39.06 12.41
CA VAL D 28 12.70 38.68 13.71
C VAL D 28 14.17 39.06 13.79
N ALA D 29 14.92 38.75 12.73
CA ALA D 29 16.35 39.08 12.62
C ALA D 29 16.62 40.55 12.90
N GLN D 30 15.80 41.43 12.31
CA GLN D 30 15.98 42.88 12.47
C GLN D 30 15.74 43.30 13.90
N GLU D 31 14.70 42.75 14.49
CA GLU D 31 14.36 42.91 15.90
C GLU D 31 15.50 42.49 16.86
N GLN D 32 16.22 41.44 16.45
CA GLN D 32 17.41 40.97 17.16
C GLN D 32 18.74 41.61 16.67
N GLY D 33 18.63 42.72 15.94
CA GLY D 33 19.76 43.61 15.71
C GLY D 33 20.65 43.28 14.53
N ALA D 34 20.08 42.61 13.54
CA ALA D 34 20.84 42.18 12.36
C ALA D 34 20.70 43.22 11.30
N GLN D 35 21.76 43.37 10.49
CA GLN D 35 21.72 44.17 9.27
C GLN D 35 21.44 43.24 8.12
N LEU D 36 20.29 43.41 7.47
CA LEU D 36 19.92 42.52 6.38
C LEU D 36 20.27 43.03 4.98
N VAL D 37 20.32 42.06 4.06
CA VAL D 37 20.30 42.28 2.65
C VAL D 37 19.25 41.30 2.14
N LEU D 38 18.18 41.82 1.55
CA LEU D 38 17.11 40.96 1.05
C LEU D 38 17.28 40.73 -0.45
N THR D 39 16.73 39.63 -0.97
CA THR D 39 16.67 39.44 -2.43
C THR D 39 15.24 39.16 -2.90
N GLY D 40 15.03 39.29 -4.22
CA GLY D 40 13.74 39.01 -4.86
C GLY D 40 13.91 38.31 -6.18
N PHE D 41 12.82 37.71 -6.68
CA PHE D 41 12.82 36.86 -7.91
C PHE D 41 12.15 37.49 -9.14
N ASP D 42 10.86 37.77 -9.04
CA ASP D 42 10.11 38.19 -10.21
C ASP D 42 9.29 39.47 -10.02
N ARG D 43 8.66 39.63 -8.86
CA ARG D 43 7.74 40.74 -8.65
C ARG D 43 8.38 41.83 -7.78
N LEU D 44 9.63 42.16 -8.10
CA LEU D 44 10.45 43.11 -7.31
C LEU D 44 9.70 44.33 -6.85
N ARG D 45 9.06 45.01 -7.80
CA ARG D 45 8.22 46.16 -7.51
C ARG D 45 7.25 45.88 -6.38
N LEU D 46 6.57 44.73 -6.45
CA LEU D 46 5.60 44.31 -5.42
C LEU D 46 6.24 44.01 -4.07
N ILE D 47 7.39 43.35 -4.10
CA ILE D 47 8.04 42.89 -2.87
C ILE D 47 8.89 44.00 -2.25
N GLN D 48 9.18 45.02 -3.05
CA GLN D 48 9.67 46.30 -2.54
C GLN D 48 8.67 46.90 -1.55
N ARG D 49 7.38 46.86 -1.90
CA ARG D 49 6.30 47.35 -1.03
C ARG D 49 6.08 46.49 0.21
N ILE D 50 6.31 45.18 0.10
CA ILE D 50 6.20 44.25 1.21
C ILE D 50 7.42 44.38 2.11
N THR D 51 8.58 44.63 1.52
CA THR D 51 9.79 44.82 2.31
C THR D 51 9.74 46.12 3.11
N ASP D 52 9.01 47.10 2.57
CA ASP D 52 8.78 48.37 3.25
C ASP D 52 8.02 48.13 4.56
N ARG D 53 7.25 47.03 4.61
CA ARG D 53 6.47 46.69 5.79
C ARG D 53 7.29 46.04 6.91
N LEU D 54 8.61 45.94 6.72
CA LEU D 54 9.51 45.45 7.77
C LEU D 54 9.83 46.52 8.82
N PRO D 55 10.30 46.10 10.01
CA PRO D 55 10.85 47.03 11.03
C PRO D 55 11.85 48.06 10.50
N ALA D 56 13.00 47.59 9.99
CA ALA D 56 14.06 48.47 9.50
C ALA D 56 14.18 48.35 7.98
N LYS D 57 14.97 49.23 7.37
CA LYS D 57 15.14 49.25 5.90
C LYS D 57 16.44 48.56 5.48
N ALA D 58 16.37 47.80 4.39
CA ALA D 58 17.50 47.04 3.88
C ALA D 58 17.50 47.12 2.35
N PRO D 59 18.68 46.97 1.72
CA PRO D 59 18.77 46.86 0.25
C PRO D 59 18.11 45.59 -0.33
N LEU D 60 17.36 45.73 -1.42
CA LEU D 60 16.63 44.62 -2.09
C LEU D 60 17.19 44.26 -3.49
N LEU D 61 18.03 43.24 -3.55
CA LEU D 61 18.70 42.85 -4.80
C LEU D 61 17.92 41.78 -5.56
N GLU D 62 18.15 41.69 -6.85
CA GLU D 62 17.40 40.77 -7.70
C GLU D 62 18.07 39.41 -7.69
N LEU D 63 17.28 38.35 -7.51
CA LEU D 63 17.85 37.00 -7.44
C LEU D 63 16.85 35.96 -7.96
N ASP D 64 17.17 35.44 -9.14
CA ASP D 64 16.51 34.29 -9.77
C ASP D 64 17.57 33.18 -9.95
N VAL D 65 17.65 32.27 -8.99
CA VAL D 65 18.61 31.16 -9.01
C VAL D 65 18.73 30.30 -10.28
N GLN D 66 17.81 30.47 -11.24
CA GLN D 66 17.91 29.82 -12.56
C GLN D 66 18.64 30.68 -13.58
N ASN D 67 18.91 31.92 -13.21
CA ASN D 67 19.67 32.88 -13.99
C ASN D 67 21.14 32.82 -13.52
N GLU D 68 22.04 32.59 -14.49
CA GLU D 68 23.46 32.37 -14.25
C GLU D 68 24.19 33.69 -13.98
N GLU D 69 23.71 34.78 -14.60
CA GLU D 69 24.27 36.12 -14.37
C GLU D 69 23.94 36.74 -13.00
N HIS D 70 22.79 36.42 -12.43
CA HIS D 70 22.46 36.90 -11.07
C HIS D 70 23.46 36.30 -10.09
N LEU D 71 23.65 34.99 -10.26
CA LEU D 71 24.57 34.20 -9.42
C LEU D 71 26.00 34.70 -9.52
N ALA D 72 26.45 35.06 -10.72
CA ALA D 72 27.84 35.50 -10.95
C ALA D 72 28.10 36.90 -10.43
N SER D 73 27.06 37.73 -10.45
CA SER D 73 27.14 39.13 -10.02
C SER D 73 26.79 39.29 -8.55
N LEU D 74 26.22 38.26 -7.95
CA LEU D 74 25.60 38.39 -6.63
C LEU D 74 26.61 38.80 -5.54
N ALA D 75 27.80 38.24 -5.56
CA ALA D 75 28.74 38.53 -4.46
C ALA D 75 29.06 40.02 -4.47
N GLY D 76 29.48 40.52 -5.62
CA GLY D 76 29.76 41.96 -5.82
C GLY D 76 28.55 42.86 -5.60
N ARG D 77 27.35 42.40 -5.90
CA ARG D 77 26.16 43.21 -5.62
C ARG D 77 25.89 43.39 -4.11
N VAL D 78 26.05 42.32 -3.32
CA VAL D 78 25.86 42.39 -1.86
C VAL D 78 26.94 43.24 -1.20
N THR D 79 28.19 43.05 -1.64
CA THR D 79 29.34 43.82 -1.15
C THR D 79 29.24 45.30 -1.49
N GLU D 80 28.43 45.63 -2.50
CA GLU D 80 28.19 47.02 -2.92
C GLU D 80 27.17 47.71 -2.00
N ALA D 81 26.27 46.92 -1.44
CA ALA D 81 25.28 47.40 -0.48
C ALA D 81 25.85 47.55 0.94
N ILE D 82 26.59 46.54 1.41
CA ILE D 82 26.99 46.50 2.83
C ILE D 82 28.33 47.18 3.06
N GLY D 83 28.91 47.68 1.97
CA GLY D 83 30.21 48.39 2.02
C GLY D 83 31.33 47.40 1.81
N ALA D 84 32.27 47.73 0.93
CA ALA D 84 33.37 46.81 0.59
C ALA D 84 34.38 46.76 1.73
N GLY D 85 34.96 45.59 1.92
CA GLY D 85 35.77 45.28 3.09
C GLY D 85 34.96 44.41 4.04
N ASN D 86 33.66 44.68 4.15
CA ASN D 86 32.77 43.99 5.10
C ASN D 86 32.16 42.72 4.49
N LYS D 87 31.93 41.71 5.34
CA LYS D 87 31.44 40.39 4.88
C LYS D 87 30.14 39.91 5.55
N LEU D 88 29.43 39.01 4.86
CA LEU D 88 28.21 38.43 5.39
C LEU D 88 28.50 37.45 6.52
N ASP D 89 27.62 37.47 7.52
CA ASP D 89 27.68 36.53 8.65
C ASP D 89 26.59 35.41 8.53
N GLY D 90 25.44 35.75 7.94
CA GLY D 90 24.41 34.78 7.64
C GLY D 90 23.98 34.79 6.18
N VAL D 91 23.18 33.79 5.81
CA VAL D 91 22.51 33.68 4.49
C VAL D 91 21.27 32.79 4.69
N VAL D 92 20.10 33.25 4.26
CA VAL D 92 18.86 32.45 4.41
C VAL D 92 18.28 32.06 3.05
N HIS D 93 18.21 30.74 2.81
CA HIS D 93 17.59 30.20 1.62
C HIS D 93 16.17 29.74 2.00
N SER D 94 15.20 30.52 1.55
CA SER D 94 13.78 30.30 1.82
C SER D 94 13.10 30.37 0.47
N ILE D 95 13.74 29.70 -0.48
CA ILE D 95 13.33 29.67 -1.87
C ILE D 95 12.74 28.27 -2.13
N GLY D 96 11.64 28.17 -2.85
CA GLY D 96 11.15 26.88 -3.38
C GLY D 96 10.15 27.02 -4.52
N PHE D 97 10.06 26.02 -5.39
CA PHE D 97 9.04 25.90 -6.42
C PHE D 97 8.99 24.52 -7.09
N MET D 98 7.77 24.03 -7.32
CA MET D 98 7.53 22.92 -8.22
C MET D 98 6.37 23.34 -9.14
N PRO D 99 6.42 22.99 -10.44
CA PRO D 99 5.20 23.12 -11.28
C PRO D 99 4.04 22.27 -10.75
N GLN D 100 2.80 22.77 -10.88
CA GLN D 100 1.59 22.14 -10.31
C GLN D 100 1.38 20.72 -10.82
N THR D 101 2.13 20.39 -11.87
CA THR D 101 2.08 19.10 -12.53
C THR D 101 2.54 17.97 -11.60
N GLY D 102 3.47 18.28 -10.69
CA GLY D 102 3.98 17.30 -9.72
C GLY D 102 3.72 17.64 -8.27
N MET D 103 2.44 17.86 -7.96
CA MET D 103 2.01 18.54 -6.74
C MET D 103 0.47 18.55 -6.67
N GLY D 104 -0.08 17.96 -5.61
CA GLY D 104 -1.50 18.03 -5.32
C GLY D 104 -2.27 16.90 -5.95
N ILE D 105 -3.24 17.27 -6.78
CA ILE D 105 -4.21 16.36 -7.39
C ILE D 105 -3.65 15.61 -8.60
N ASN D 106 -2.56 16.13 -9.14
CA ASN D 106 -2.01 15.61 -10.37
C ASN D 106 -1.23 14.31 -10.11
N PRO D 107 -1.54 13.23 -10.87
CA PRO D 107 -0.92 11.92 -10.67
C PRO D 107 0.62 11.91 -10.73
N PHE D 108 1.24 11.10 -9.87
CA PHE D 108 2.69 11.13 -9.67
C PHE D 108 3.46 10.85 -10.96
N PHE D 109 2.99 9.88 -11.73
CA PHE D 109 3.65 9.46 -12.97
C PHE D 109 3.44 10.45 -14.10
N ASP D 110 2.43 11.32 -13.98
CA ASP D 110 2.09 12.23 -15.06
C ASP D 110 2.97 13.49 -15.14
N ALA D 111 3.78 13.76 -14.12
CA ALA D 111 4.71 14.90 -14.18
C ALA D 111 5.84 14.59 -15.16
N PRO D 112 6.01 15.41 -16.23
CA PRO D 112 7.13 15.24 -17.12
C PRO D 112 8.39 15.81 -16.48
N TYR D 113 9.56 15.40 -16.95
CA TYR D 113 10.82 15.68 -16.23
C TYR D 113 11.25 17.16 -16.21
N ALA D 114 10.94 17.87 -17.31
CA ALA D 114 11.23 19.29 -17.48
C ALA D 114 10.55 20.19 -16.44
N ASP D 115 9.43 19.71 -15.91
CA ASP D 115 8.76 20.38 -14.81
C ASP D 115 9.44 20.01 -13.49
N VAL D 116 9.64 18.71 -13.26
CA VAL D 116 10.27 18.22 -12.04
C VAL D 116 11.70 18.80 -11.89
N SER D 117 12.41 18.87 -13.03
CA SER D 117 13.79 19.36 -13.06
C SER D 117 13.86 20.85 -12.82
N LYS D 118 12.82 21.57 -13.21
CA LYS D 118 12.75 22.98 -12.96
C LYS D 118 12.57 23.18 -11.47
N GLY D 119 11.73 22.36 -10.87
CA GLY D 119 11.48 22.46 -9.43
C GLY D 119 12.64 22.04 -8.54
N ILE D 120 13.41 21.05 -8.99
CA ILE D 120 14.66 20.68 -8.34
C ILE D 120 15.76 21.76 -8.50
N HIS D 121 15.80 22.40 -9.67
CA HIS D 121 16.72 23.54 -9.88
C HIS D 121 16.50 24.59 -8.81
N ILE D 122 15.25 25.05 -8.71
CA ILE D 122 14.87 26.13 -7.79
C ILE D 122 14.86 25.66 -6.30
N SER D 123 14.52 24.40 -6.06
CA SER D 123 14.30 23.95 -4.66
C SER D 123 15.47 23.26 -3.98
N ALA D 124 16.28 22.53 -4.76
CA ALA D 124 17.41 21.79 -4.21
C ALA D 124 18.74 22.39 -4.66
N TYR D 125 19.04 22.29 -5.96
CA TYR D 125 20.35 22.69 -6.53
C TYR D 125 20.75 24.13 -6.16
N SER D 126 19.76 25.03 -6.09
CA SER D 126 20.05 26.44 -5.84
C SER D 126 20.83 26.67 -4.55
N TYR D 127 20.61 25.81 -3.56
CA TYR D 127 21.18 25.94 -2.24
C TYR D 127 22.70 25.86 -2.32
N ALA D 128 23.18 24.99 -3.20
CA ALA D 128 24.60 24.88 -3.55
C ALA D 128 25.10 26.15 -4.28
N SER D 129 24.42 26.51 -5.36
CA SER D 129 24.81 27.69 -6.13
C SER D 129 24.85 28.95 -5.28
N MET D 130 23.83 29.18 -4.46
CA MET D 130 23.83 30.33 -3.54
C MET D 130 25.02 30.25 -2.58
N ALA D 131 25.31 29.04 -2.10
CA ALA D 131 26.40 28.85 -1.18
C ALA D 131 27.71 29.17 -1.90
N LYS D 132 27.81 28.72 -3.14
CA LYS D 132 28.96 29.00 -4.03
C LYS D 132 29.22 30.50 -4.22
N ALA D 133 28.16 31.27 -4.22
CA ALA D 133 28.23 32.67 -4.57
C ALA D 133 28.61 33.52 -3.37
N LEU D 134 28.18 33.10 -2.19
CA LEU D 134 28.20 33.98 -1.03
C LEU D 134 29.27 33.60 -0.01
N LEU D 135 29.75 32.36 -0.08
CA LEU D 135 30.79 31.86 0.82
C LEU D 135 32.11 32.67 0.76
N PRO D 136 32.57 33.07 -0.46
CA PRO D 136 33.70 34.01 -0.61
C PRO D 136 33.48 35.41 0.00
N ILE D 137 32.23 35.79 0.27
CA ILE D 137 31.94 36.98 1.06
C ILE D 137 31.32 36.66 2.43
N MET D 138 31.70 35.54 3.04
CA MET D 138 31.19 35.21 4.39
C MET D 138 32.30 35.11 5.42
N ASN D 139 31.99 35.56 6.65
CA ASN D 139 32.96 35.53 7.76
C ASN D 139 33.01 34.18 8.45
N PRO D 140 34.20 33.77 8.94
CA PRO D 140 34.29 32.64 9.87
C PRO D 140 33.30 32.79 11.02
N GLY D 141 32.70 31.67 11.43
CA GLY D 141 31.61 31.70 12.42
C GLY D 141 30.25 31.82 11.77
N GLY D 142 30.23 31.98 10.45
CA GLY D 142 29.00 32.25 9.72
C GLY D 142 28.07 31.06 9.64
N SER D 143 26.90 31.32 9.06
CA SER D 143 25.80 30.36 9.10
C SER D 143 24.87 30.42 7.88
N ILE D 144 24.82 29.35 7.11
CA ILE D 144 23.90 29.29 5.99
C ILE D 144 22.70 28.42 6.39
N VAL D 145 21.51 28.92 6.14
CA VAL D 145 20.33 28.13 6.48
C VAL D 145 19.32 28.12 5.36
N GLY D 146 18.88 26.91 5.00
CA GLY D 146 17.77 26.70 4.07
C GLY D 146 16.49 26.32 4.80
N MET D 147 15.40 26.12 4.05
CA MET D 147 14.11 25.73 4.62
C MET D 147 13.64 24.41 4.02
N ASP D 148 13.16 23.53 4.89
CA ASP D 148 12.84 22.12 4.58
C ASP D 148 11.42 21.74 5.03
N PHE D 149 10.82 20.72 4.42
CA PHE D 149 9.66 20.02 4.98
C PHE D 149 10.06 18.56 5.02
N ASP D 150 10.02 17.95 6.21
CA ASP D 150 10.47 16.57 6.38
C ASP D 150 9.98 15.62 5.26
N PRO D 151 10.91 15.10 4.42
CA PRO D 151 10.54 14.23 3.30
C PRO D 151 10.76 12.73 3.55
N SER D 152 11.14 12.34 4.79
CA SER D 152 11.63 10.97 5.05
C SER D 152 10.59 9.89 4.71
N ARG D 153 9.32 10.30 4.67
CA ARG D 153 8.21 9.40 4.34
C ARG D 153 7.35 10.07 3.29
N ALA D 154 6.80 9.28 2.38
CA ALA D 154 5.97 9.85 1.33
C ALA D 154 4.64 10.35 1.94
N MET D 155 4.01 11.30 1.27
CA MET D 155 2.76 11.84 1.73
C MET D 155 1.95 12.28 0.51
N PRO D 156 0.62 12.43 0.66
CA PRO D 156 -0.21 12.75 -0.51
C PRO D 156 -0.13 14.23 -0.82
N ALA D 157 -0.25 14.60 -2.09
CA ALA D 157 -0.31 16.00 -2.52
C ALA D 157 1.04 16.68 -2.65
N TYR D 158 1.94 16.41 -1.73
CA TYR D 158 3.22 17.08 -1.73
C TYR D 158 4.07 16.54 -2.88
N ASN D 159 3.85 15.27 -3.22
CA ASN D 159 4.37 14.67 -4.45
C ASN D 159 5.83 15.07 -4.77
N TRP D 160 6.10 15.59 -5.96
CA TRP D 160 7.50 15.77 -6.39
C TRP D 160 8.31 16.80 -5.58
N MET D 161 7.62 17.66 -4.84
CA MET D 161 8.29 18.60 -3.93
C MET D 161 8.96 17.85 -2.78
N THR D 162 8.36 16.72 -2.39
CA THR D 162 9.00 15.78 -1.46
C THR D 162 10.37 15.37 -2.04
N VAL D 163 10.33 14.94 -3.29
CA VAL D 163 11.56 14.50 -3.95
C VAL D 163 12.54 15.66 -3.97
N ALA D 164 12.04 16.88 -4.19
CA ALA D 164 12.92 18.07 -4.19
C ALA D 164 13.48 18.48 -2.83
N LYS D 165 12.91 17.98 -1.72
CA LYS D 165 13.45 18.22 -0.35
C LYS D 165 14.43 17.12 0.08
N SER D 166 14.20 15.91 -0.44
CA SER D 166 15.17 14.79 -0.20
C SER D 166 16.52 15.10 -0.83
N ALA D 167 16.50 15.78 -1.97
CA ALA D 167 17.73 16.12 -2.64
C ALA D 167 18.38 17.29 -1.91
N LEU D 168 17.57 18.26 -1.48
CA LEU D 168 18.02 19.46 -0.77
C LEU D 168 18.83 19.05 0.44
N GLU D 169 18.27 18.09 1.19
CA GLU D 169 18.87 17.60 2.42
C GLU D 169 20.24 17.07 2.12
N SER D 170 20.29 16.23 1.10
CA SER D 170 21.53 15.74 0.53
C SER D 170 22.48 16.90 0.14
N VAL D 171 21.96 17.90 -0.58
CA VAL D 171 22.77 19.06 -1.01
C VAL D 171 23.42 19.76 0.21
N ASN D 172 22.59 20.01 1.22
CA ASN D 172 23.01 20.67 2.47
C ASN D 172 24.19 19.97 3.19
N ARG D 173 24.23 18.65 3.18
CA ARG D 173 25.32 17.92 3.79
C ARG D 173 26.63 18.18 3.06
N PHE D 174 26.54 18.28 1.74
CA PHE D 174 27.68 18.64 0.89
C PHE D 174 28.04 20.12 0.93
N VAL D 175 27.03 20.98 1.18
CA VAL D 175 27.29 22.42 1.32
C VAL D 175 28.11 22.67 2.62
N ALA D 176 27.81 21.89 3.66
CA ALA D 176 28.53 21.91 4.93
C ALA D 176 29.98 21.54 4.77
N ARG D 177 30.26 20.62 3.86
CA ARG D 177 31.65 20.22 3.62
C ARG D 177 32.44 21.42 3.11
N GLU D 178 31.87 22.11 2.11
CA GLU D 178 32.54 23.22 1.46
C GLU D 178 32.59 24.38 2.45
N ALA D 179 31.45 24.62 3.12
CA ALA D 179 31.33 25.74 4.07
C ALA D 179 32.41 25.73 5.15
N GLY D 180 32.85 24.54 5.55
CA GLY D 180 33.72 24.37 6.69
C GLY D 180 35.11 24.90 6.43
N LYS D 181 35.53 24.84 5.16
CA LYS D 181 36.77 25.49 4.68
C LYS D 181 36.75 27.00 4.94
N TYR D 182 35.56 27.58 5.13
CA TYR D 182 35.44 28.99 5.46
C TYR D 182 35.02 29.17 6.93
N GLY D 183 35.09 28.10 7.72
CA GLY D 183 34.55 28.12 9.07
C GLY D 183 33.07 28.47 9.19
N VAL D 184 32.28 27.97 8.23
CA VAL D 184 30.86 28.33 8.10
C VAL D 184 29.98 27.08 8.27
N ARG D 185 28.78 27.28 8.82
CA ARG D 185 27.87 26.18 9.14
C ARG D 185 26.70 26.21 8.18
N SER D 186 26.39 25.04 7.63
CA SER D 186 25.23 24.88 6.76
C SER D 186 24.24 23.94 7.44
N ASN D 187 23.02 24.46 7.64
CA ASN D 187 21.97 23.73 8.34
C ASN D 187 20.61 23.98 7.67
N LEU D 188 19.69 23.03 7.81
CA LEU D 188 18.29 23.14 7.29
C LEU D 188 17.27 23.27 8.42
N VAL D 189 16.16 23.94 8.15
CA VAL D 189 15.06 24.06 9.13
C VAL D 189 13.82 23.34 8.63
N ALA D 190 13.49 22.21 9.28
CA ALA D 190 12.33 21.40 8.86
C ALA D 190 11.07 21.91 9.59
N ALA D 191 10.39 22.84 8.91
CA ALA D 191 9.28 23.55 9.48
C ALA D 191 7.97 22.80 9.31
N GLY D 192 7.06 22.96 10.25
CA GLY D 192 5.70 22.51 10.07
C GLY D 192 4.97 23.42 9.08
N PRO D 193 3.75 23.02 8.67
CA PRO D 193 2.96 23.70 7.64
C PRO D 193 2.54 25.11 8.07
N ILE D 194 2.96 26.12 7.31
CA ILE D 194 2.61 27.52 7.59
C ILE D 194 1.77 28.02 6.43
N ARG D 195 0.66 28.69 6.78
CA ARG D 195 -0.28 29.32 5.84
C ARG D 195 0.37 30.49 5.13
N THR D 196 0.66 30.32 3.85
CA THR D 196 1.32 31.34 3.03
C THR D 196 0.61 31.50 1.67
N LEU D 197 1.13 30.89 0.61
CA LEU D 197 0.51 30.96 -0.73
C LEU D 197 0.09 29.54 -1.11
N ALA D 198 1.11 28.72 -1.42
CA ALA D 198 0.95 27.26 -1.52
C ALA D 198 0.83 26.81 -0.10
N MET D 199 -0.32 26.22 0.25
CA MET D 199 -0.66 25.93 1.64
C MET D 199 -0.23 27.10 2.51
N GLU D 220 -4.82 20.23 11.56
CA GLU D 220 -5.60 19.50 12.54
C GLU D 220 -4.82 18.32 13.10
N GLY D 221 -4.12 17.60 12.22
CA GLY D 221 -3.38 16.39 12.60
C GLY D 221 -1.98 16.74 13.07
N TRP D 222 -1.42 17.80 12.49
CA TRP D 222 -0.10 18.29 12.85
C TRP D 222 -0.11 18.90 14.28
N ASP D 223 -1.19 19.62 14.60
CA ASP D 223 -1.48 20.08 15.96
C ASP D 223 -1.69 18.86 16.88
N GLN D 224 -2.45 17.86 16.44
CA GLN D 224 -2.71 16.66 17.25
C GLN D 224 -1.40 15.99 17.66
N ARG D 225 -0.56 15.70 16.66
CA ARG D 225 0.76 15.05 16.85
C ARG D 225 1.76 15.91 17.65
N ALA D 226 1.92 17.17 17.31
CA ALA D 226 2.88 18.06 18.01
C ALA D 226 2.64 18.09 19.51
N PRO D 227 3.59 17.53 20.29
CA PRO D 227 3.51 17.62 21.76
C PRO D 227 3.20 19.01 22.32
N ILE D 228 3.73 20.07 21.70
CA ILE D 228 3.47 21.44 22.18
C ILE D 228 2.53 22.18 21.25
N GLY D 229 1.67 21.43 20.57
CA GLY D 229 0.76 21.99 19.58
C GLY D 229 1.43 22.73 18.43
N TRP D 230 0.70 22.87 17.33
CA TRP D 230 1.21 23.57 16.16
C TRP D 230 0.18 24.59 15.65
N ASN D 231 0.69 25.72 15.15
CA ASN D 231 -0.15 26.84 14.75
C ASN D 231 0.24 27.35 13.35
N MET D 232 -0.54 26.93 12.34
CA MET D 232 -0.22 27.24 10.95
C MET D 232 -0.36 28.72 10.57
N LYS D 233 -1.01 29.51 11.42
CA LYS D 233 -1.16 30.95 11.20
C LYS D 233 -0.03 31.77 11.82
N ASP D 234 0.88 31.11 12.55
CA ASP D 234 2.01 31.79 13.20
C ASP D 234 3.36 31.28 12.70
N ALA D 235 4.07 32.12 11.94
CA ALA D 235 5.38 31.80 11.41
C ALA D 235 6.55 32.22 12.31
N THR D 236 6.26 32.82 13.47
CA THR D 236 7.27 33.33 14.40
C THR D 236 8.12 32.29 15.16
N PRO D 237 7.51 31.18 15.62
CA PRO D 237 8.33 30.08 16.15
C PRO D 237 9.39 29.54 15.15
N VAL D 238 8.96 29.28 13.92
CA VAL D 238 9.87 28.89 12.80
C VAL D 238 10.99 29.93 12.56
N ALA D 239 10.64 31.20 12.39
CA ALA D 239 11.63 32.28 12.19
C ALA D 239 12.62 32.42 13.37
N LYS D 240 12.16 32.18 14.60
CA LYS D 240 13.06 32.19 15.79
C LYS D 240 14.16 31.11 15.68
N THR D 241 13.73 29.90 15.31
CA THR D 241 14.63 28.78 15.05
C THR D 241 15.71 29.08 13.99
N VAL D 242 15.30 29.79 12.93
CA VAL D 242 16.22 30.22 11.87
C VAL D 242 17.19 31.25 12.44
N CYS D 243 16.67 32.14 13.24
CA CYS D 243 17.51 33.15 13.88
C CYS D 243 18.56 32.52 14.83
N ALA D 244 18.12 31.55 15.63
CA ALA D 244 18.97 30.75 16.50
C ALA D 244 20.11 30.08 15.75
N LEU D 245 19.80 29.59 14.54
CA LEU D 245 20.81 28.99 13.65
C LEU D 245 21.78 30.02 13.09
N LEU D 246 21.26 31.18 12.73
CA LEU D 246 22.11 32.31 12.34
C LEU D 246 22.99 32.86 13.49
N SER D 247 22.53 32.70 14.73
CA SER D 247 23.34 33.07 15.92
C SER D 247 24.53 32.14 16.17
N ASP D 248 25.30 32.45 17.22
CA ASP D 248 26.45 31.65 17.62
C ASP D 248 26.11 30.71 18.78
N TRP D 249 24.85 30.32 18.90
CA TRP D 249 24.48 29.41 19.98
C TRP D 249 24.32 27.95 19.53
N LEU D 250 24.52 27.68 18.24
CA LEU D 250 24.66 26.30 17.76
C LEU D 250 25.94 26.20 16.92
N PRO D 251 27.10 26.47 17.54
CA PRO D 251 28.36 26.56 16.83
C PRO D 251 29.00 25.24 16.46
N ALA D 252 28.53 24.13 17.02
CA ALA D 252 29.01 22.79 16.59
C ALA D 252 27.98 21.98 15.74
N THR D 253 27.06 22.69 15.09
CA THR D 253 25.95 22.05 14.33
C THR D 253 26.02 22.49 12.85
N THR D 254 26.21 21.50 11.98
CA THR D 254 26.42 21.72 10.58
C THR D 254 26.10 20.47 9.76
N GLY D 255 25.55 20.68 8.55
CA GLY D 255 25.07 19.62 7.67
C GLY D 255 23.81 18.93 8.19
N ASP D 256 23.04 19.65 8.99
CA ASP D 256 22.06 19.03 9.83
C ASP D 256 20.69 19.62 9.54
N ILE D 257 19.71 19.11 10.26
CA ILE D 257 18.31 19.50 10.12
C ILE D 257 17.75 19.69 11.51
N ILE D 258 17.14 20.85 11.71
CA ILE D 258 16.54 21.23 13.00
C ILE D 258 15.05 21.41 12.74
N TYR D 259 14.25 20.59 13.41
CA TYR D 259 12.82 20.44 13.15
C TYR D 259 11.97 21.47 13.95
N ALA D 260 11.55 22.54 13.27
CA ALA D 260 10.61 23.52 13.89
C ALA D 260 9.22 23.15 13.44
N ASP D 261 8.73 22.06 14.04
CA ASP D 261 7.42 21.47 13.70
C ASP D 261 6.57 21.09 14.93
N GLY D 262 6.86 21.73 16.07
CA GLY D 262 6.18 21.38 17.33
C GLY D 262 6.38 19.92 17.76
N GLY D 263 7.41 19.27 17.21
CA GLY D 263 7.74 17.89 17.57
C GLY D 263 6.92 16.82 16.87
N ALA D 264 6.12 17.27 15.90
CA ALA D 264 5.15 16.41 15.25
C ALA D 264 5.81 15.18 14.65
N HIS D 265 6.98 15.36 14.05
CA HIS D 265 7.71 14.28 13.37
C HIS D 265 8.29 13.20 14.32
N THR D 266 8.25 13.44 15.64
CA THR D 266 8.78 12.52 16.65
C THR D 266 7.71 11.59 17.18
N GLN D 267 6.47 11.81 16.76
CA GLN D 267 5.31 11.09 17.24
C GLN D 267 4.60 10.41 16.07
N LEU D 268 4.03 9.24 16.30
CA LEU D 268 3.33 8.49 15.24
C LEU D 268 1.87 8.96 15.18
N LEU D 269 1.23 8.96 16.36
CA LEU D 269 -0.17 9.39 16.56
C LEU D 269 -0.23 10.35 17.74
N THR E 2 22.28 42.36 27.34
CA THR E 2 21.49 41.51 28.29
C THR E 2 22.04 40.08 28.32
N GLY E 3 21.23 39.10 28.71
CA GLY E 3 21.67 37.71 28.70
C GLY E 3 20.76 36.84 27.87
N LEU E 4 21.32 35.77 27.33
CA LEU E 4 20.58 34.81 26.53
C LEU E 4 19.52 34.09 27.37
N LEU E 5 19.85 33.80 28.64
CA LEU E 5 18.92 33.14 29.58
C LEU E 5 18.55 34.05 30.77
N ASP E 6 18.27 35.31 30.45
CA ASP E 6 18.05 36.35 31.47
C ASP E 6 16.75 36.07 32.22
N GLY E 7 16.76 36.28 33.53
CA GLY E 7 15.55 36.11 34.33
C GLY E 7 15.15 34.67 34.58
N LYS E 8 15.79 33.73 33.89
CA LYS E 8 15.37 32.32 33.93
C LYS E 8 16.01 31.54 35.10
N ARG E 9 15.17 30.75 35.75
CA ARG E 9 15.57 29.86 36.82
C ARG E 9 15.71 28.46 36.22
N ILE E 10 16.94 27.95 36.22
CA ILE E 10 17.29 26.71 35.53
C ILE E 10 17.90 25.67 36.50
N LEU E 11 17.41 24.44 36.49
CA LEU E 11 18.08 23.38 37.25
C LEU E 11 19.11 22.68 36.36
N VAL E 12 20.33 22.58 36.88
CA VAL E 12 21.38 21.85 36.21
C VAL E 12 21.82 20.72 37.14
N SER E 13 21.91 19.51 36.58
CA SER E 13 22.40 18.32 37.27
C SER E 13 23.69 17.89 36.57
N GLY E 14 24.44 16.97 37.18
CA GLY E 14 25.54 16.27 36.50
C GLY E 14 26.98 16.70 36.76
N ILE E 15 27.19 17.79 37.53
CA ILE E 15 28.52 18.22 37.93
C ILE E 15 29.18 17.26 38.93
N ILE E 16 30.28 16.64 38.50
CA ILE E 16 31.18 15.91 39.40
C ILE E 16 32.57 16.58 39.47
N THR E 17 33.10 16.99 38.33
CA THR E 17 34.35 17.76 38.25
C THR E 17 34.14 19.00 37.40
N ASP E 18 35.18 19.84 37.26
CA ASP E 18 35.14 20.97 36.30
C ASP E 18 35.50 20.53 34.86
N SER E 19 35.64 19.22 34.62
CA SER E 19 35.70 18.70 33.22
C SER E 19 34.36 18.07 32.80
N SER E 20 33.36 18.18 33.67
CA SER E 20 32.01 17.75 33.34
C SER E 20 31.50 18.67 32.22
N ILE E 21 30.67 18.13 31.31
CA ILE E 21 29.87 18.96 30.38
C ILE E 21 28.87 19.85 31.17
N ALA E 22 28.34 19.30 32.25
CA ALA E 22 27.42 20.02 33.12
C ALA E 22 28.03 21.27 33.77
N PHE E 23 29.33 21.22 34.06
CA PHE E 23 30.03 22.39 34.58
C PHE E 23 29.96 23.55 33.59
N HIS E 24 30.24 23.22 32.34
CA HIS E 24 30.30 24.19 31.25
C HIS E 24 28.93 24.73 30.83
N ILE E 25 27.91 23.89 30.92
CA ILE E 25 26.52 24.32 30.79
C ILE E 25 26.16 25.28 31.94
N ALA E 26 26.65 24.96 33.13
CA ALA E 26 26.39 25.79 34.29
C ALA E 26 27.15 27.11 34.18
N ARG E 27 28.40 27.03 33.75
CA ARG E 27 29.20 28.25 33.51
C ARG E 27 28.54 29.20 32.51
N VAL E 28 28.28 28.68 31.31
CA VAL E 28 27.73 29.48 30.23
C VAL E 28 26.31 29.94 30.52
N ALA E 29 25.56 29.16 31.30
CA ALA E 29 24.20 29.56 31.68
C ALA E 29 24.19 30.75 32.64
N GLN E 30 25.04 30.73 33.66
CA GLN E 30 25.16 31.91 34.57
C GLN E 30 25.64 33.15 33.83
N GLU E 31 26.76 33.00 33.12
CA GLU E 31 27.25 33.98 32.14
C GLU E 31 26.12 34.70 31.41
N GLN E 32 25.10 33.95 30.98
CA GLN E 32 23.96 34.52 30.22
C GLN E 32 22.73 34.83 31.11
N GLY E 33 22.97 35.09 32.40
CA GLY E 33 21.99 35.69 33.30
C GLY E 33 20.98 34.74 33.93
N ALA E 34 21.34 33.46 34.03
CA ALA E 34 20.44 32.45 34.56
C ALA E 34 20.67 32.24 36.04
N GLN E 35 19.57 32.11 36.77
CA GLN E 35 19.59 31.79 38.19
C GLN E 35 19.47 30.26 38.34
N LEU E 36 20.59 29.61 38.65
CA LEU E 36 20.66 28.15 38.67
C LEU E 36 20.44 27.55 40.05
N VAL E 37 19.74 26.42 40.06
CA VAL E 37 19.79 25.48 41.16
C VAL E 37 20.50 24.22 40.65
N LEU E 38 21.54 23.77 41.37
CA LEU E 38 22.33 22.61 40.94
C LEU E 38 22.05 21.39 41.79
N THR E 39 22.18 20.18 41.21
CA THR E 39 22.08 18.95 42.01
C THR E 39 23.34 18.08 41.90
N GLY E 40 23.60 17.31 42.95
CA GLY E 40 24.77 16.45 42.98
C GLY E 40 24.52 15.06 43.53
N PHE E 41 25.42 14.13 43.22
CA PHE E 41 25.29 12.75 43.63
C PHE E 41 26.55 12.21 44.30
N ASP E 42 26.37 11.74 45.54
CA ASP E 42 27.38 11.01 46.29
C ASP E 42 28.44 11.96 46.89
N ARG E 43 29.27 12.57 46.06
CA ARG E 43 30.41 13.34 46.55
C ARG E 43 30.09 14.84 46.65
N LEU E 44 29.25 15.17 47.63
CA LEU E 44 28.71 16.52 47.74
C LEU E 44 29.78 17.53 48.15
N ARG E 45 30.56 17.18 49.17
CA ARG E 45 31.63 18.05 49.65
C ARG E 45 32.52 18.41 48.47
N LEU E 46 32.82 17.41 47.64
CA LEU E 46 33.66 17.59 46.48
C LEU E 46 33.05 18.55 45.44
N ILE E 47 31.75 18.43 45.15
CA ILE E 47 31.13 19.27 44.11
C ILE E 47 30.70 20.68 44.61
N GLN E 48 30.45 20.81 45.91
CA GLN E 48 30.43 22.13 46.54
C GLN E 48 31.71 22.86 46.17
N ARG E 49 32.85 22.26 46.50
CA ARG E 49 34.17 22.88 46.21
C ARG E 49 34.35 23.29 44.74
N ILE E 50 33.80 22.50 43.82
CA ILE E 50 33.91 22.74 42.39
C ILE E 50 33.02 23.90 41.97
N THR E 51 31.76 23.86 42.38
CA THR E 51 30.79 24.89 41.97
C THR E 51 31.01 26.28 42.55
N ASP E 52 31.96 26.40 43.47
CA ASP E 52 32.39 27.70 44.00
C ASP E 52 33.27 28.41 42.96
N ARG E 53 33.87 27.64 42.06
CA ARG E 53 34.57 28.17 40.88
C ARG E 53 33.66 28.55 39.70
N LEU E 54 32.34 28.38 39.86
CA LEU E 54 31.40 28.87 38.85
C LEU E 54 31.27 30.39 38.98
N PRO E 55 30.95 31.09 37.87
CA PRO E 55 30.88 32.55 37.90
C PRO E 55 30.10 33.08 39.11
N ALA E 56 28.85 32.60 39.28
CA ALA E 56 27.97 33.03 40.36
C ALA E 56 27.68 31.86 41.29
N LYS E 57 27.16 32.19 42.47
CA LYS E 57 26.78 31.18 43.46
C LYS E 57 25.38 30.63 43.18
N ALA E 58 25.24 29.32 43.39
CA ALA E 58 23.96 28.65 43.23
C ALA E 58 23.73 27.63 44.37
N PRO E 59 22.45 27.45 44.77
CA PRO E 59 22.11 26.40 45.72
C PRO E 59 22.53 25.01 45.23
N LEU E 60 22.91 24.14 46.15
CA LEU E 60 23.30 22.76 45.82
C LEU E 60 22.56 21.77 46.70
N LEU E 61 21.82 20.87 46.05
CA LEU E 61 21.03 19.85 46.73
C LEU E 61 21.49 18.46 46.27
N GLU E 62 21.06 17.44 47.01
CA GLU E 62 21.45 16.07 46.74
C GLU E 62 20.46 15.39 45.76
N LEU E 63 20.99 14.74 44.73
CA LEU E 63 20.13 14.02 43.80
C LEU E 63 20.80 12.74 43.33
N ASP E 64 20.42 11.64 43.97
CA ASP E 64 20.65 10.31 43.46
C ASP E 64 19.35 9.89 42.76
N VAL E 65 19.39 9.89 41.43
CA VAL E 65 18.20 9.54 40.62
C VAL E 65 17.72 8.08 40.76
N GLN E 66 18.50 7.25 41.46
CA GLN E 66 18.08 5.90 41.86
C GLN E 66 17.42 5.91 43.25
N ASN E 67 17.37 7.08 43.90
CA ASN E 67 16.73 7.25 45.22
C ASN E 67 15.32 7.85 45.10
N GLU E 68 14.31 7.02 45.36
CA GLU E 68 12.90 7.45 45.33
C GLU E 68 12.62 8.63 46.23
N GLU E 69 13.14 8.56 47.47
CA GLU E 69 13.02 9.63 48.47
C GLU E 69 13.53 10.98 47.98
N HIS E 70 14.68 10.97 47.29
CA HIS E 70 15.25 12.20 46.71
C HIS E 70 14.37 12.69 45.57
N LEU E 71 13.82 11.77 44.80
CA LEU E 71 12.92 12.12 43.70
C LEU E 71 11.63 12.68 44.28
N ALA E 72 11.11 11.96 45.28
CA ALA E 72 9.86 12.32 45.93
C ALA E 72 9.91 13.67 46.62
N SER E 73 11.11 14.11 47.01
CA SER E 73 11.31 15.36 47.75
C SER E 73 11.99 16.47 46.94
N LEU E 74 12.33 16.21 45.68
CA LEU E 74 13.08 17.18 44.86
C LEU E 74 12.31 18.48 44.67
N ALA E 75 11.05 18.39 44.28
CA ALA E 75 10.24 19.56 44.00
C ALA E 75 10.14 20.52 45.20
N GLY E 76 9.88 19.96 46.39
CA GLY E 76 9.71 20.79 47.58
C GLY E 76 11.01 21.50 47.91
N ARG E 77 12.10 20.75 47.75
CA ARG E 77 13.44 21.25 47.94
C ARG E 77 13.88 22.33 46.96
N VAL E 78 13.41 22.27 45.71
CA VAL E 78 13.79 23.26 44.68
C VAL E 78 13.05 24.57 44.88
N THR E 79 11.73 24.48 45.11
CA THR E 79 10.89 25.61 45.51
C THR E 79 11.46 26.26 46.78
N GLU E 80 11.95 25.44 47.71
CA GLU E 80 12.62 26.00 48.88
C GLU E 80 13.80 26.91 48.48
N ALA E 81 14.60 26.49 47.50
CA ALA E 81 15.79 27.28 47.09
C ALA E 81 15.43 28.53 46.31
N ILE E 82 14.67 28.35 45.22
CA ILE E 82 14.25 29.45 44.34
C ILE E 82 13.14 30.28 44.97
N GLY E 83 12.48 29.74 45.98
CA GLY E 83 11.48 30.50 46.72
C GLY E 83 10.05 30.12 46.37
N ALA E 84 9.17 30.22 47.37
CA ALA E 84 7.77 29.90 47.19
C ALA E 84 7.19 30.96 46.27
N GLY E 85 6.20 30.60 45.46
CA GLY E 85 5.71 31.45 44.38
C GLY E 85 6.50 31.34 43.07
N ASN E 86 7.82 31.12 43.14
CA ASN E 86 8.67 31.01 41.94
C ASN E 86 8.74 29.59 41.35
N LYS E 87 8.77 29.49 40.03
CA LYS E 87 8.91 28.20 39.38
C LYS E 87 10.10 28.17 38.41
N LEU E 88 10.65 26.98 38.16
CA LEU E 88 11.73 26.80 37.17
C LEU E 88 11.28 27.02 35.71
N ASP E 89 12.20 27.53 34.90
CA ASP E 89 12.04 27.65 33.44
C ASP E 89 12.85 26.62 32.66
N GLY E 90 13.81 25.97 33.30
CA GLY E 90 14.65 25.00 32.62
C GLY E 90 15.15 23.85 33.49
N VAL E 91 15.53 22.75 32.83
CA VAL E 91 16.08 21.57 33.49
C VAL E 91 17.15 20.95 32.59
N VAL E 92 18.31 20.71 33.18
CA VAL E 92 19.43 20.09 32.49
C VAL E 92 19.74 18.73 33.13
N HIS E 93 19.32 17.66 32.43
CA HIS E 93 19.74 16.31 32.75
C HIS E 93 21.13 16.10 32.14
N SER E 94 22.13 15.95 32.99
CA SER E 94 23.48 15.64 32.52
C SER E 94 24.00 14.47 33.36
N ILE E 95 23.18 13.44 33.43
CA ILE E 95 23.51 12.23 34.19
C ILE E 95 23.73 11.03 33.29
N GLY E 96 24.92 10.43 33.41
CA GLY E 96 25.24 9.17 32.73
C GLY E 96 26.15 8.30 33.58
N PHE E 97 25.81 7.03 33.70
CA PHE E 97 26.71 6.04 34.33
C PHE E 97 26.50 4.70 33.65
N MET E 98 27.59 3.95 33.46
CA MET E 98 27.51 2.53 33.11
C MET E 98 28.71 1.78 33.71
N PRO E 99 28.45 0.82 34.62
CA PRO E 99 29.55 0.05 35.19
C PRO E 99 30.55 -0.44 34.14
N GLN E 100 31.84 -0.44 34.51
CA GLN E 100 32.91 -0.83 33.56
C GLN E 100 32.58 -2.18 32.96
N THR E 101 31.81 -2.97 33.69
CA THR E 101 31.26 -4.25 33.21
C THR E 101 30.79 -4.17 31.74
N GLY E 102 30.01 -3.14 31.43
CA GLY E 102 29.41 -2.99 30.09
C GLY E 102 30.07 -1.91 29.27
N MET E 103 31.35 -1.67 29.52
CA MET E 103 32.07 -0.66 28.77
C MET E 103 33.56 -1.00 28.57
N GLY E 104 34.00 -0.86 27.33
CA GLY E 104 35.41 -0.95 26.99
C GLY E 104 35.92 -2.37 26.85
N ILE E 105 36.92 -2.72 27.66
CA ILE E 105 37.72 -3.95 27.49
C ILE E 105 36.88 -5.21 27.64
N ASN E 106 35.88 -5.14 28.50
CA ASN E 106 34.99 -6.26 28.79
C ASN E 106 34.11 -6.57 27.60
N PRO E 107 34.02 -7.85 27.19
CA PRO E 107 33.20 -8.10 26.00
C PRO E 107 31.72 -7.73 26.20
N PHE E 108 30.98 -7.57 25.09
CA PHE E 108 29.53 -7.21 25.11
C PHE E 108 28.72 -8.33 25.76
N PHE E 109 29.15 -9.55 25.49
CA PHE E 109 28.42 -10.70 25.99
C PHE E 109 28.60 -10.94 27.48
N ASP E 110 29.65 -10.38 28.09
CA ASP E 110 30.01 -10.71 29.49
C ASP E 110 29.45 -9.75 30.55
N ALA E 111 28.59 -8.81 30.15
CA ALA E 111 27.98 -7.86 31.11
C ALA E 111 26.67 -8.38 31.73
N PRO E 112 26.66 -8.63 33.06
CA PRO E 112 25.41 -9.08 33.68
C PRO E 112 24.27 -8.05 33.63
N TYR E 113 23.02 -8.49 33.75
CA TYR E 113 21.95 -7.53 33.56
C TYR E 113 21.88 -6.51 34.68
N ALA E 114 22.27 -6.91 35.88
CA ALA E 114 22.24 -6.02 37.04
C ALA E 114 23.05 -4.76 36.77
N ASP E 115 24.15 -4.93 36.06
CA ASP E 115 25.04 -3.81 35.77
C ASP E 115 24.41 -2.97 34.66
N VAL E 116 24.16 -3.60 33.52
CA VAL E 116 23.40 -2.98 32.43
C VAL E 116 22.12 -2.27 32.91
N SER E 117 21.40 -2.90 33.85
CA SER E 117 20.15 -2.31 34.38
C SER E 117 20.40 -1.05 35.22
N LYS E 118 21.46 -1.05 36.04
CA LYS E 118 21.80 0.11 36.84
C LYS E 118 22.16 1.30 35.93
N GLY E 119 23.02 1.06 34.93
CA GLY E 119 23.33 2.09 33.90
C GLY E 119 22.16 2.59 33.03
N ILE E 120 21.17 1.72 32.76
CA ILE E 120 19.93 2.14 32.05
C ILE E 120 19.05 2.94 33.02
N HIS E 121 19.03 2.55 34.28
CA HIS E 121 18.31 3.33 35.28
C HIS E 121 18.87 4.75 35.38
N ILE E 122 20.20 4.84 35.49
CA ILE E 122 20.86 6.12 35.70
C ILE E 122 20.78 6.96 34.44
N SER E 123 21.14 6.37 33.31
CA SER E 123 21.32 7.11 32.07
C SER E 123 20.04 7.30 31.20
N ALA E 124 19.03 6.46 31.37
CA ALA E 124 17.80 6.51 30.58
C ALA E 124 16.51 6.75 31.38
N TYR E 125 16.23 5.87 32.34
CA TYR E 125 14.99 6.02 33.13
C TYR E 125 15.01 7.35 33.92
N SER E 126 16.20 7.79 34.33
CA SER E 126 16.31 8.99 35.17
C SER E 126 15.81 10.30 34.55
N TYR E 127 15.74 10.34 33.22
CA TYR E 127 15.28 11.52 32.49
C TYR E 127 13.77 11.57 32.65
N ALA E 128 13.12 10.42 32.59
CA ALA E 128 11.67 10.33 32.85
C ALA E 128 11.33 10.64 34.31
N SER E 129 12.15 10.15 35.24
CA SER E 129 12.01 10.44 36.67
C SER E 129 12.07 11.93 36.98
N MET E 130 13.16 12.57 36.60
CA MET E 130 13.40 14.00 36.91
C MET E 130 12.30 14.90 36.41
N ALA E 131 12.03 14.77 35.11
CA ALA E 131 10.91 15.45 34.48
C ALA E 131 9.61 15.22 35.25
N LYS E 132 9.37 13.99 35.70
CA LYS E 132 8.16 13.71 36.48
C LYS E 132 8.20 14.57 37.75
N ALA E 133 9.32 14.55 38.45
CA ALA E 133 9.47 15.25 39.72
C ALA E 133 9.31 16.78 39.56
N LEU E 134 9.94 17.31 38.51
CA LEU E 134 10.12 18.76 38.32
C LEU E 134 9.09 19.46 37.44
N LEU E 135 8.33 18.69 36.65
CA LEU E 135 7.42 19.26 35.64
C LEU E 135 6.34 20.14 36.29
N PRO E 136 5.78 19.69 37.45
CA PRO E 136 4.84 20.48 38.25
C PRO E 136 5.35 21.82 38.80
N ILE E 137 6.65 21.95 39.04
CA ILE E 137 7.25 23.25 39.38
C ILE E 137 7.93 23.91 38.17
N MET E 138 7.30 23.87 37.00
CA MET E 138 7.90 24.53 35.84
C MET E 138 6.99 25.57 35.19
N ASN E 139 7.60 26.58 34.56
CA ASN E 139 6.82 27.61 33.86
C ASN E 139 6.52 27.16 32.43
N PRO E 140 5.33 27.51 31.90
CA PRO E 140 5.17 27.32 30.45
C PRO E 140 6.24 28.09 29.67
N GLY E 141 6.57 27.60 28.49
CA GLY E 141 7.81 28.01 27.80
C GLY E 141 9.04 27.36 28.43
N GLY E 142 8.84 26.29 29.19
CA GLY E 142 9.95 25.58 29.84
C GLY E 142 10.71 24.66 28.87
N SER E 143 11.92 24.26 29.25
CA SER E 143 12.79 23.45 28.40
C SER E 143 13.53 22.41 29.23
N ILE E 144 13.19 21.14 29.02
CA ILE E 144 13.94 20.05 29.63
C ILE E 144 14.97 19.60 28.61
N VAL E 145 16.22 19.47 29.03
CA VAL E 145 17.32 19.07 28.17
C VAL E 145 18.21 17.99 28.82
N GLY E 146 18.65 17.03 28.00
CA GLY E 146 19.42 15.87 28.44
C GLY E 146 20.60 15.67 27.50
N MET E 147 21.60 14.92 27.96
CA MET E 147 22.82 14.72 27.18
C MET E 147 22.85 13.33 26.51
N ASP E 148 23.11 13.36 25.21
CA ASP E 148 22.99 12.19 24.35
C ASP E 148 24.27 12.00 23.58
N PHE E 149 24.54 10.75 23.18
CA PHE E 149 25.60 10.42 22.23
C PHE E 149 24.97 9.57 21.13
N ASP E 150 24.95 10.09 19.92
CA ASP E 150 24.25 9.40 18.80
C ASP E 150 24.49 7.89 18.86
N PRO E 151 23.46 7.12 19.25
CA PRO E 151 23.56 5.67 19.33
C PRO E 151 22.89 4.93 18.14
N SER E 152 22.82 5.61 16.98
CA SER E 152 22.19 5.09 15.77
C SER E 152 22.93 3.91 15.18
N ARG E 153 24.25 3.94 15.31
CA ARG E 153 25.04 2.81 14.88
C ARG E 153 25.69 2.24 16.14
N ALA E 154 26.15 1.01 16.06
CA ALA E 154 26.97 0.44 17.10
C ALA E 154 28.39 1.02 16.97
N MET E 155 29.06 1.21 18.11
CA MET E 155 30.45 1.61 18.12
C MET E 155 31.12 0.92 19.27
N PRO E 156 32.25 0.24 19.01
CA PRO E 156 32.91 -0.59 20.01
C PRO E 156 33.37 0.20 21.24
N ALA E 157 33.75 -0.51 22.29
CA ALA E 157 34.11 0.10 23.58
C ALA E 157 32.91 0.66 24.34
N TYR E 158 32.19 1.58 23.70
CA TYR E 158 31.09 2.29 24.33
C TYR E 158 30.01 1.28 24.66
N ASN E 159 29.95 0.23 23.84
CA ASN E 159 29.17 -0.96 24.09
C ASN E 159 27.75 -0.72 24.65
N TRP E 160 27.48 -1.12 25.89
CA TRP E 160 26.13 -1.01 26.46
C TRP E 160 25.71 0.43 26.80
N MET E 161 26.65 1.38 26.79
CA MET E 161 26.25 2.78 27.00
C MET E 161 25.55 3.32 25.75
N THR E 162 25.95 2.84 24.58
CA THR E 162 25.21 3.09 23.35
C THR E 162 23.75 2.61 23.49
N VAL E 163 23.54 1.48 24.15
CA VAL E 163 22.21 0.91 24.33
C VAL E 163 21.33 1.75 25.29
N ALA E 164 22.01 2.45 26.20
CA ALA E 164 21.40 3.31 27.20
C ALA E 164 20.97 4.61 26.55
N LYS E 165 21.71 5.05 25.54
CA LYS E 165 21.31 6.26 24.82
C LYS E 165 20.15 6.02 23.86
N SER E 166 20.13 4.87 23.19
CA SER E 166 19.03 4.50 22.33
C SER E 166 17.75 4.45 23.15
N ALA E 167 17.83 3.84 24.34
CA ALA E 167 16.73 3.85 25.32
C ALA E 167 16.38 5.28 25.71
N LEU E 168 17.39 6.06 26.09
CA LEU E 168 17.25 7.50 26.39
C LEU E 168 16.47 8.25 25.33
N GLU E 169 16.92 8.18 24.07
CA GLU E 169 16.22 8.83 22.94
C GLU E 169 14.73 8.51 22.96
N SER E 170 14.40 7.24 23.13
CA SER E 170 12.99 6.81 23.17
C SER E 170 12.28 7.38 24.40
N VAL E 171 13.00 7.52 25.51
CA VAL E 171 12.45 8.13 26.72
C VAL E 171 12.08 9.58 26.47
N ASN E 172 13.02 10.34 25.88
CA ASN E 172 12.81 11.74 25.51
C ASN E 172 11.51 11.96 24.70
N ARG E 173 11.21 11.02 23.77
CA ARG E 173 10.01 11.11 22.89
C ARG E 173 8.71 11.07 23.67
N PHE E 174 8.70 10.23 24.69
CA PHE E 174 7.59 10.13 25.64
C PHE E 174 7.55 11.21 26.70
N VAL E 175 8.72 11.61 27.21
CA VAL E 175 8.76 12.75 28.12
C VAL E 175 8.15 13.98 27.45
N ALA E 176 8.52 14.21 26.19
CA ALA E 176 8.04 15.38 25.44
C ALA E 176 6.53 15.45 25.38
N ARG E 177 5.91 14.27 25.24
CA ARG E 177 4.43 14.12 25.32
C ARG E 177 3.82 14.65 26.60
N GLU E 178 4.44 14.32 27.74
CA GLU E 178 3.90 14.72 29.05
C GLU E 178 4.25 16.17 29.27
N ALA E 179 5.49 16.51 28.90
CA ALA E 179 6.03 17.87 29.03
C ALA E 179 5.20 18.92 28.32
N GLY E 180 4.67 18.59 27.15
CA GLY E 180 3.90 19.54 26.31
C GLY E 180 2.60 19.98 26.95
N LYS E 181 2.01 19.12 27.79
CA LYS E 181 0.80 19.43 28.57
C LYS E 181 1.05 20.56 29.56
N TYR E 182 2.33 20.83 29.85
CA TYR E 182 2.73 22.00 30.67
C TYR E 182 3.14 23.23 29.86
N GLY E 183 3.19 23.12 28.53
CA GLY E 183 3.81 24.16 27.71
C GLY E 183 5.34 24.11 27.73
N VAL E 184 5.88 22.98 28.16
CA VAL E 184 7.32 22.79 28.34
C VAL E 184 7.82 21.80 27.27
N ARG E 185 8.97 22.09 26.68
CA ARG E 185 9.60 21.21 25.70
C ARG E 185 10.62 20.28 26.36
N SER E 186 10.85 19.14 25.71
CA SER E 186 11.85 18.15 26.12
C SER E 186 12.71 17.85 24.90
N ASN E 187 14.01 18.10 25.04
CA ASN E 187 14.94 17.92 23.96
C ASN E 187 16.24 17.26 24.42
N LEU E 188 17.04 16.84 23.46
CA LEU E 188 18.25 16.07 23.71
C LEU E 188 19.38 16.69 22.92
N VAL E 189 20.55 16.80 23.57
CA VAL E 189 21.74 17.29 22.90
C VAL E 189 22.72 16.14 22.64
N ALA E 190 22.84 15.79 21.36
CA ALA E 190 23.75 14.76 20.92
C ALA E 190 25.12 15.38 20.73
N ALA E 191 26.00 15.18 21.70
CA ALA E 191 27.34 15.79 21.71
C ALA E 191 28.42 14.85 21.15
N GLY E 192 29.46 15.44 20.55
CA GLY E 192 30.65 14.65 20.23
C GLY E 192 31.46 14.25 21.46
N PRO E 193 32.49 13.38 21.27
CA PRO E 193 33.38 12.97 22.35
C PRO E 193 34.06 14.16 23.06
N ILE E 194 33.98 14.16 24.39
CA ILE E 194 34.52 15.23 25.21
C ILE E 194 35.41 14.60 26.26
N ARG E 195 36.60 15.16 26.42
CA ARG E 195 37.55 14.69 27.42
C ARG E 195 37.24 15.24 28.79
N THR E 196 36.48 14.45 29.54
CA THR E 196 36.12 14.69 30.93
C THR E 196 37.24 14.07 31.76
N ALA E 211 40.18 -0.82 23.73
CA ALA E 211 39.28 -0.17 24.69
C ALA E 211 39.52 1.34 24.72
N GLY E 212 40.74 1.72 25.09
CA GLY E 212 41.21 3.09 24.91
C GLY E 212 41.58 3.31 23.45
N ALA E 213 42.09 2.26 22.82
CA ALA E 213 42.40 2.28 21.40
C ALA E 213 41.14 2.55 20.55
N GLN E 214 40.03 1.90 20.89
CA GLN E 214 38.76 2.10 20.15
C GLN E 214 38.16 3.50 20.30
N ILE E 215 38.30 4.10 21.47
CA ILE E 215 37.84 5.46 21.67
C ILE E 215 38.76 6.40 20.90
N GLN E 216 40.07 6.21 21.04
CA GLN E 216 41.03 7.06 20.33
C GLN E 216 40.81 7.10 18.82
N LEU E 217 40.60 5.94 18.19
CA LEU E 217 40.25 5.90 16.76
C LEU E 217 38.96 6.66 16.44
N LEU E 218 37.97 6.56 17.33
CA LEU E 218 36.68 7.22 17.17
C LEU E 218 36.82 8.73 17.33
N GLU E 219 37.51 9.15 18.39
CA GLU E 219 37.85 10.55 18.55
C GLU E 219 38.59 11.14 17.34
N GLU E 220 39.68 10.47 16.94
CA GLU E 220 40.42 10.82 15.74
C GLU E 220 39.52 10.87 14.52
N GLY E 221 38.68 9.84 14.31
CA GLY E 221 37.74 9.82 13.20
C GLY E 221 36.80 11.01 13.22
N TRP E 222 36.27 11.33 14.40
CA TRP E 222 35.28 12.41 14.61
C TRP E 222 35.69 13.79 14.06
N ASP E 223 36.88 14.25 14.41
CA ASP E 223 37.43 15.53 13.93
C ASP E 223 37.66 15.50 12.41
N GLN E 224 38.21 14.38 11.97
CA GLN E 224 38.41 14.13 10.56
C GLN E 224 37.11 14.23 9.75
N ARG E 225 36.04 13.63 10.26
CA ARG E 225 34.72 13.71 9.60
C ARG E 225 34.01 15.07 9.72
N ALA E 226 34.28 15.83 10.79
CA ALA E 226 33.49 17.02 11.07
C ALA E 226 33.78 18.14 10.07
N PRO E 227 32.79 18.55 9.27
CA PRO E 227 33.12 19.63 8.34
C PRO E 227 33.77 20.84 9.01
N ILE E 228 33.33 21.15 10.24
CA ILE E 228 33.85 22.33 10.98
C ILE E 228 34.89 21.91 12.03
N GLY E 229 35.22 20.62 12.03
CA GLY E 229 36.17 20.08 13.00
C GLY E 229 35.57 19.87 14.39
N TRP E 230 36.41 19.34 15.28
CA TRP E 230 35.95 18.96 16.61
C TRP E 230 37.08 18.99 17.63
N ASN E 231 36.88 19.70 18.73
CA ASN E 231 37.84 19.68 19.84
C ASN E 231 37.28 18.91 21.07
N MET E 232 37.77 17.69 21.25
CA MET E 232 37.37 16.84 22.37
C MET E 232 37.78 17.43 23.74
N LYS E 233 38.57 18.52 23.75
CA LYS E 233 39.00 19.22 24.99
C LYS E 233 38.20 20.53 25.26
N ASP E 234 37.00 20.64 24.68
CA ASP E 234 36.24 21.89 24.78
C ASP E 234 34.72 21.67 24.81
N ALA E 235 34.13 21.62 25.99
CA ALA E 235 32.69 21.38 26.09
C ALA E 235 31.87 22.62 25.75
N THR E 236 32.55 23.69 25.35
CA THR E 236 31.94 25.03 25.27
C THR E 236 30.94 25.21 24.12
N PRO E 237 31.25 24.66 22.92
CA PRO E 237 30.26 24.50 21.86
C PRO E 237 29.02 23.71 22.29
N VAL E 238 29.26 22.58 22.94
CA VAL E 238 28.19 21.73 23.45
C VAL E 238 27.34 22.48 24.46
N ALA E 239 28.00 23.02 25.50
CA ALA E 239 27.35 23.82 26.50
C ALA E 239 26.49 24.93 25.89
N LYS E 240 27.05 25.64 24.93
CA LYS E 240 26.31 26.67 24.19
C LYS E 240 25.05 26.09 23.51
N THR E 241 25.18 24.90 22.90
CA THR E 241 24.04 24.24 22.28
C THR E 241 22.91 23.97 23.32
N VAL E 242 23.30 23.57 24.54
CA VAL E 242 22.32 23.28 25.59
C VAL E 242 21.49 24.51 25.98
N CYS E 243 22.19 25.60 26.28
CA CYS E 243 21.54 26.83 26.65
C CYS E 243 20.63 27.38 25.58
N ALA E 244 20.96 27.09 24.32
CA ALA E 244 20.13 27.48 23.18
C ALA E 244 18.80 26.72 23.25
N LEU E 245 18.88 25.46 23.66
CA LEU E 245 17.69 24.68 23.95
C LEU E 245 16.91 25.23 25.16
N LEU E 246 17.61 25.66 26.20
CA LEU E 246 16.99 26.32 27.36
C LEU E 246 16.33 27.67 27.01
N SER E 247 16.89 28.37 26.03
CA SER E 247 16.32 29.62 25.55
C SER E 247 14.94 29.46 24.92
N ASP E 248 14.32 30.62 24.70
CA ASP E 248 13.07 30.71 23.99
C ASP E 248 13.30 30.75 22.49
N TRP E 249 14.55 30.60 22.06
CA TRP E 249 14.92 30.76 20.64
C TRP E 249 14.81 29.48 19.82
N LEU E 250 14.19 28.47 20.40
CA LEU E 250 13.89 27.24 19.69
C LEU E 250 12.57 26.66 20.15
N PRO E 251 11.49 27.47 20.08
CA PRO E 251 10.26 27.08 20.77
C PRO E 251 9.39 26.14 19.95
N ALA E 252 9.90 25.64 18.82
CA ALA E 252 9.11 24.77 17.98
C ALA E 252 9.73 23.37 17.86
N THR E 253 10.67 23.05 18.75
CA THR E 253 11.44 21.81 18.65
C THR E 253 11.33 21.02 19.95
N THR E 254 10.60 19.91 19.91
CA THR E 254 10.47 19.05 21.10
C THR E 254 10.43 17.59 20.75
N GLY E 255 10.83 16.77 21.73
CA GLY E 255 10.92 15.32 21.56
C GLY E 255 12.12 14.95 20.71
N ASP E 256 13.04 15.91 20.59
CA ASP E 256 14.01 15.91 19.53
C ASP E 256 15.46 15.89 20.01
N ILE E 257 16.34 15.77 19.03
CA ILE E 257 17.76 15.63 19.25
C ILE E 257 18.45 16.69 18.42
N ILE E 258 19.25 17.54 19.10
CA ILE E 258 20.05 18.54 18.42
C ILE E 258 21.49 18.17 18.56
N TYR E 259 22.13 17.97 17.41
CA TYR E 259 23.48 17.43 17.37
C TYR E 259 24.48 18.58 17.43
N ALA E 260 25.30 18.54 18.47
CA ALA E 260 26.47 19.38 18.57
C ALA E 260 27.69 18.45 18.49
N ASP E 261 27.93 17.92 17.30
CA ASP E 261 28.96 16.92 17.08
C ASP E 261 29.95 17.35 16.00
N GLY E 262 29.88 18.64 15.64
CA GLY E 262 30.66 19.21 14.55
C GLY E 262 30.16 18.72 13.20
N GLY E 263 28.94 18.21 13.16
CA GLY E 263 28.37 17.63 11.97
C GLY E 263 29.03 16.34 11.55
N ALA E 264 29.68 15.62 12.49
CA ALA E 264 30.35 14.36 12.15
C ALA E 264 29.35 13.23 11.81
N HIS E 265 28.14 13.28 12.38
CA HIS E 265 27.05 12.33 12.04
C HIS E 265 26.30 12.66 10.70
N THR E 266 26.79 13.64 9.96
CA THR E 266 26.24 13.99 8.66
C THR E 266 27.18 13.52 7.52
N GLN E 267 28.31 12.94 7.91
CA GLN E 267 29.40 12.63 6.99
C GLN E 267 29.89 11.18 7.16
N LEU E 268 30.05 10.45 6.05
CA LEU E 268 30.48 9.05 6.15
C LEU E 268 31.99 9.01 6.30
N LEU E 269 32.68 9.59 5.33
CA LEU E 269 34.12 9.80 5.43
C LEU E 269 34.37 11.28 5.17
N THR F 2 12.15 -28.50 -3.91
CA THR F 2 12.59 -28.35 -2.50
C THR F 2 11.89 -27.13 -1.82
N GLY F 3 12.42 -26.73 -0.65
CA GLY F 3 11.94 -25.57 0.10
C GLY F 3 13.05 -24.62 0.54
N LEU F 4 12.65 -23.43 0.98
CA LEU F 4 13.52 -22.32 1.38
C LEU F 4 14.60 -22.72 2.42
N LEU F 5 14.21 -23.54 3.38
CA LEU F 5 15.01 -23.79 4.58
C LEU F 5 15.36 -25.27 4.66
N ASP F 6 15.59 -25.89 3.50
CA ASP F 6 15.88 -27.32 3.44
C ASP F 6 17.21 -27.63 4.09
N GLY F 7 17.20 -28.61 5.00
CA GLY F 7 18.40 -29.08 5.66
C GLY F 7 18.93 -28.18 6.76
N LYS F 8 18.12 -27.17 7.13
CA LYS F 8 18.50 -26.17 8.11
C LYS F 8 17.89 -26.47 9.48
N ARG F 9 18.74 -26.37 10.50
CA ARG F 9 18.34 -26.52 11.88
C ARG F 9 18.30 -25.13 12.51
N ILE F 10 17.12 -24.78 13.04
CA ILE F 10 16.80 -23.42 13.46
C ILE F 10 16.12 -23.47 14.82
N LEU F 11 16.60 -22.64 15.74
CA LEU F 11 16.01 -22.53 17.06
C LEU F 11 14.86 -21.51 17.02
N VAL F 12 13.67 -21.92 17.47
CA VAL F 12 12.51 -21.02 17.53
C VAL F 12 11.97 -20.87 18.96
N SER F 13 12.00 -19.64 19.44
CA SER F 13 11.51 -19.29 20.78
C SER F 13 10.26 -18.43 20.65
N GLY F 14 9.50 -18.28 21.74
CA GLY F 14 8.39 -17.34 21.81
C GLY F 14 6.97 -17.86 21.67
N ILE F 15 6.81 -19.16 21.39
CA ILE F 15 5.47 -19.75 21.26
C ILE F 15 4.85 -19.97 22.63
N ILE F 16 3.66 -19.42 22.81
CA ILE F 16 2.83 -19.72 23.99
C ILE F 16 1.39 -20.09 23.58
N THR F 17 0.85 -19.41 22.58
CA THR F 17 -0.43 -19.73 21.96
C THR F 17 -0.23 -19.95 20.48
N ASP F 18 -1.27 -20.44 19.80
CA ASP F 18 -1.24 -20.63 18.35
C ASP F 18 -1.31 -19.28 17.62
N SER F 19 -1.80 -18.27 18.32
CA SER F 19 -1.80 -16.92 17.83
C SER F 19 -0.43 -16.21 18.02
N SER F 20 0.57 -16.91 18.56
CA SER F 20 1.93 -16.33 18.67
C SER F 20 2.54 -16.17 17.28
N ILE F 21 3.25 -15.07 17.04
CA ILE F 21 3.91 -14.90 15.73
C ILE F 21 4.97 -16.03 15.59
N ALA F 22 5.50 -16.46 16.74
CA ALA F 22 6.44 -17.58 16.80
C ALA F 22 5.82 -18.92 16.38
N PHE F 23 4.56 -19.17 16.70
CA PHE F 23 3.88 -20.34 16.12
C PHE F 23 4.03 -20.32 14.59
N HIS F 24 3.62 -19.21 13.97
CA HIS F 24 3.61 -19.10 12.50
C HIS F 24 5.00 -19.16 11.85
N ILE F 25 5.98 -18.53 12.50
CA ILE F 25 7.36 -18.63 12.04
C ILE F 25 7.78 -20.09 12.06
N ALA F 26 7.52 -20.76 13.19
CA ALA F 26 7.79 -22.19 13.30
C ALA F 26 7.08 -22.98 12.19
N ARG F 27 5.79 -22.70 12.05
CA ARG F 27 4.90 -23.31 11.03
C ARG F 27 5.36 -23.08 9.61
N VAL F 28 5.74 -21.85 9.24
CA VAL F 28 6.16 -21.59 7.85
C VAL F 28 7.52 -22.23 7.56
N ALA F 29 8.39 -22.19 8.57
CA ALA F 29 9.73 -22.76 8.51
C ALA F 29 9.72 -24.27 8.26
N GLN F 30 8.85 -24.98 8.97
CA GLN F 30 8.65 -26.42 8.75
C GLN F 30 8.03 -26.72 7.37
N GLU F 31 7.02 -25.93 6.99
CA GLU F 31 6.47 -25.91 5.61
C GLU F 31 7.56 -25.88 4.53
N GLN F 32 8.74 -25.30 4.87
CA GLN F 32 9.85 -25.15 3.95
C GLN F 32 11.12 -25.94 4.35
N GLY F 33 10.95 -27.09 5.00
CA GLY F 33 12.03 -28.06 5.17
C GLY F 33 13.01 -27.82 6.30
N ALA F 34 12.63 -26.98 7.26
CA ALA F 34 13.46 -26.74 8.42
C ALA F 34 13.20 -27.82 9.48
N GLN F 35 14.26 -28.15 10.23
CA GLN F 35 14.17 -29.00 11.40
C GLN F 35 14.32 -28.07 12.59
N LEU F 36 13.31 -28.04 13.45
CA LEU F 36 13.26 -27.05 14.52
C LEU F 36 13.52 -27.63 15.90
N VAL F 37 14.21 -26.82 16.70
CA VAL F 37 14.25 -26.95 18.14
C VAL F 37 13.44 -25.76 18.65
N LEU F 38 12.58 -26.02 19.64
CA LEU F 38 11.63 -25.04 20.16
C LEU F 38 11.89 -24.83 21.66
N THR F 39 11.66 -23.60 22.14
CA THR F 39 11.87 -23.25 23.56
C THR F 39 10.60 -22.64 24.17
N GLY F 40 10.47 -22.77 25.49
CA GLY F 40 9.25 -22.31 26.17
C GLY F 40 9.53 -21.67 27.50
N PHE F 41 8.60 -20.86 27.98
CA PHE F 41 8.89 -20.03 29.14
C PHE F 41 8.40 -20.65 30.43
N ASP F 42 7.09 -20.78 30.57
CA ASP F 42 6.48 -21.15 31.84
C ASP F 42 5.63 -22.42 31.67
N ARG F 43 4.53 -22.26 30.93
CA ARG F 43 3.48 -23.27 30.89
C ARG F 43 3.89 -24.36 29.91
N LEU F 44 4.87 -25.19 30.29
CA LEU F 44 5.44 -26.14 29.32
C LEU F 44 4.46 -27.23 28.88
N ARG F 45 3.66 -27.73 29.82
CA ARG F 45 2.53 -28.60 29.51
C ARG F 45 1.61 -27.94 28.49
N LEU F 46 1.26 -26.68 28.75
CA LEU F 46 0.30 -25.96 27.91
C LEU F 46 0.81 -25.74 26.48
N ILE F 47 2.12 -25.56 26.34
CA ILE F 47 2.75 -25.31 25.04
C ILE F 47 3.36 -26.56 24.39
N GLN F 48 3.20 -27.72 25.04
CA GLN F 48 3.37 -29.02 24.35
C GLN F 48 2.16 -29.28 23.45
N ARG F 49 0.97 -28.94 23.96
CA ARG F 49 -0.29 -29.06 23.21
C ARG F 49 -0.33 -28.11 22.05
N ILE F 50 0.27 -26.93 22.22
CA ILE F 50 0.25 -25.94 21.15
C ILE F 50 1.24 -26.32 20.04
N THR F 51 2.41 -26.83 20.42
CA THR F 51 3.42 -27.18 19.41
C THR F 51 3.06 -28.48 18.70
N ASP F 52 2.19 -29.29 19.31
CA ASP F 52 1.61 -30.50 18.67
C ASP F 52 0.90 -30.14 17.36
N ARG F 53 0.42 -28.91 17.28
CA ARG F 53 -0.37 -28.42 16.13
C ARG F 53 0.52 -27.85 15.01
N LEU F 54 1.84 -27.98 15.16
CA LEU F 54 2.80 -27.55 14.15
C LEU F 54 3.07 -28.70 13.17
N PRO F 55 3.26 -28.38 11.88
CA PRO F 55 3.42 -29.34 10.78
C PRO F 55 4.31 -30.55 11.04
N ALA F 56 5.35 -30.37 11.85
CA ALA F 56 6.30 -31.43 12.14
C ALA F 56 6.65 -31.43 13.62
N LYS F 57 6.98 -32.61 14.13
CA LYS F 57 7.46 -32.76 15.50
C LYS F 57 8.79 -32.06 15.67
N ALA F 58 9.08 -31.59 16.89
CA ALA F 58 10.32 -30.86 17.20
C ALA F 58 10.55 -30.80 18.70
N PRO F 59 11.81 -31.00 19.13
CA PRO F 59 12.11 -30.86 20.56
C PRO F 59 11.54 -29.58 21.20
N LEU F 60 11.05 -29.69 22.43
CA LEU F 60 10.53 -28.53 23.15
C LEU F 60 11.27 -28.33 24.47
N LEU F 61 12.29 -27.47 24.43
CA LEU F 61 13.18 -27.21 25.58
C LEU F 61 12.66 -26.06 26.43
N GLU F 62 13.22 -25.90 27.62
CA GLU F 62 12.79 -24.82 28.52
C GLU F 62 13.80 -23.69 28.50
N LEU F 63 13.27 -22.47 28.43
CA LEU F 63 14.11 -21.29 28.46
C LEU F 63 13.33 -20.10 28.99
N ASP F 64 13.74 -19.68 30.18
CA ASP F 64 13.42 -18.39 30.74
C ASP F 64 14.73 -17.60 30.69
N VAL F 65 14.77 -16.64 29.76
CA VAL F 65 15.92 -15.77 29.53
C VAL F 65 16.33 -14.86 30.72
N GLN F 66 15.52 -14.80 31.77
CA GLN F 66 15.94 -14.18 33.07
C GLN F 66 16.69 -15.22 33.94
N ASN F 67 16.74 -16.46 33.48
CA ASN F 67 17.37 -17.53 34.23
C ASN F 67 18.74 -17.82 33.64
N GLU F 68 19.78 -17.58 34.43
CA GLU F 68 21.16 -17.75 33.93
C GLU F 68 21.56 -19.24 33.81
N GLU F 69 21.05 -20.08 34.72
CA GLU F 69 21.14 -21.54 34.55
C GLU F 69 20.69 -21.99 33.14
N HIS F 70 19.41 -21.74 32.81
CA HIS F 70 18.86 -22.03 31.47
C HIS F 70 19.79 -21.54 30.33
N LEU F 71 20.26 -20.30 30.43
CA LEU F 71 21.18 -19.73 29.43
C LEU F 71 22.45 -20.57 29.31
N ALA F 72 23.20 -20.61 30.39
CA ALA F 72 24.48 -21.31 30.41
C ALA F 72 24.37 -22.80 30.01
N SER F 73 23.16 -23.37 30.08
CA SER F 73 22.92 -24.79 29.72
C SER F 73 22.09 -25.01 28.45
N LEU F 74 21.77 -23.95 27.72
CA LEU F 74 20.97 -24.03 26.50
C LEU F 74 21.72 -24.74 25.36
N ALA F 75 22.97 -24.35 25.12
CA ALA F 75 23.78 -24.92 24.04
C ALA F 75 23.80 -26.44 24.06
N GLY F 76 24.11 -26.99 25.24
CA GLY F 76 24.25 -28.42 25.46
C GLY F 76 22.92 -29.15 25.40
N ARG F 77 21.87 -28.47 25.83
CA ARG F 77 20.50 -29.04 25.79
C ARG F 77 19.91 -29.00 24.39
N VAL F 78 20.46 -28.13 23.55
CA VAL F 78 20.18 -28.11 22.14
C VAL F 78 21.03 -29.19 21.49
N THR F 79 22.35 -29.19 21.72
CA THR F 79 23.24 -30.17 21.08
C THR F 79 22.69 -31.59 21.24
N GLU F 80 22.21 -31.89 22.45
CA GLU F 80 21.62 -33.19 22.77
C GLU F 80 20.40 -33.46 21.91
N ALA F 81 19.66 -32.42 21.54
CA ALA F 81 18.43 -32.59 20.78
C ALA F 81 18.70 -32.83 19.30
N ILE F 82 19.59 -32.04 18.70
CA ILE F 82 19.89 -32.16 17.26
C ILE F 82 21.01 -33.16 16.92
N GLY F 83 21.47 -33.93 17.90
CA GLY F 83 22.61 -34.85 17.73
C GLY F 83 23.95 -34.16 17.93
N ALA F 84 24.95 -34.92 18.39
CA ALA F 84 26.31 -34.40 18.59
C ALA F 84 27.06 -34.23 17.27
N GLY F 85 27.97 -33.26 17.23
CA GLY F 85 28.66 -32.90 16.00
C GLY F 85 27.82 -32.01 15.08
N ASN F 86 26.60 -31.69 15.52
CA ASN F 86 25.66 -30.91 14.71
C ASN F 86 25.44 -29.56 15.32
N LYS F 87 25.22 -28.57 14.47
CA LYS F 87 25.07 -27.17 14.92
C LYS F 87 23.77 -26.58 14.39
N LEU F 88 23.32 -25.49 15.02
CA LEU F 88 22.18 -24.73 14.53
C LEU F 88 22.56 -23.85 13.33
N ASP F 89 21.60 -23.61 12.46
CA ASP F 89 21.76 -22.71 11.33
C ASP F 89 21.08 -21.38 11.60
N GLY F 90 19.97 -21.39 12.33
CA GLY F 90 19.21 -20.18 12.63
C GLY F 90 18.79 -20.07 14.08
N VAL F 91 18.53 -18.84 14.51
CA VAL F 91 17.97 -18.60 15.84
C VAL F 91 16.95 -17.48 15.79
N VAL F 92 15.74 -17.79 16.22
CA VAL F 92 14.64 -16.85 16.23
C VAL F 92 14.32 -16.46 17.67
N HIS F 93 14.43 -15.17 17.97
CA HIS F 93 14.00 -14.53 19.24
C HIS F 93 12.65 -13.87 19.02
N SER F 94 11.61 -14.44 19.59
CA SER F 94 10.26 -13.89 19.46
C SER F 94 9.65 -13.83 20.86
N ILE F 95 10.45 -13.26 21.75
CA ILE F 95 10.14 -13.09 23.17
C ILE F 95 9.99 -11.60 23.46
N GLY F 96 9.06 -11.24 24.33
CA GLY F 96 8.77 -9.83 24.60
C GLY F 96 7.77 -9.69 25.74
N PHE F 97 8.12 -8.90 26.76
CA PHE F 97 7.30 -8.70 27.95
C PHE F 97 7.51 -7.31 28.53
N MET F 98 6.41 -6.73 29.01
CA MET F 98 6.46 -5.47 29.71
C MET F 98 5.30 -5.52 30.68
N PRO F 99 5.57 -5.26 31.97
CA PRO F 99 4.43 -5.19 32.85
C PRO F 99 3.44 -4.11 32.40
N GLN F 100 2.19 -4.27 32.81
CA GLN F 100 1.06 -3.42 32.44
C GLN F 100 1.23 -2.02 32.97
N THR F 101 2.05 -1.91 33.99
CA THR F 101 2.43 -0.65 34.57
C THR F 101 3.20 0.23 33.56
N GLY F 102 3.96 -0.41 32.67
CA GLY F 102 4.73 0.30 31.66
C GLY F 102 4.08 0.36 30.28
N MET F 103 2.81 -0.05 30.17
CA MET F 103 2.25 -0.33 28.85
C MET F 103 0.74 -0.29 28.82
N GLY F 104 0.17 0.73 28.16
CA GLY F 104 -1.27 0.89 28.04
C GLY F 104 -1.85 2.14 28.71
N ILE F 105 -2.89 1.94 29.52
CA ILE F 105 -3.65 3.03 30.14
C ILE F 105 -2.87 3.76 31.27
N ASN F 106 -1.85 3.09 31.83
CA ASN F 106 -1.12 3.66 32.96
C ASN F 106 -0.20 4.76 32.49
N PRO F 107 -0.11 5.86 33.26
CA PRO F 107 0.72 6.96 32.76
C PRO F 107 2.19 6.53 32.54
N PHE F 108 2.86 7.15 31.57
CA PHE F 108 4.26 6.83 31.23
C PHE F 108 5.18 6.99 32.44
N PHE F 109 4.90 8.02 33.21
CA PHE F 109 5.72 8.42 34.35
C PHE F 109 5.50 7.56 35.55
N ASP F 110 4.56 6.63 35.48
CA ASP F 110 4.10 5.86 36.63
C ASP F 110 4.59 4.41 36.63
N ALA F 111 5.33 4.04 35.59
CA ALA F 111 6.06 2.76 35.57
C ALA F 111 7.26 2.82 36.50
N PRO F 112 7.30 1.95 37.56
CA PRO F 112 8.48 1.87 38.45
C PRO F 112 9.58 1.13 37.74
N TYR F 113 10.83 1.40 38.10
CA TYR F 113 11.94 0.89 37.33
C TYR F 113 12.02 -0.65 37.32
N ALA F 114 11.73 -1.25 38.46
CA ALA F 114 11.82 -2.71 38.63
C ALA F 114 10.92 -3.48 37.66
N ASP F 115 9.89 -2.81 37.15
CA ASP F 115 9.00 -3.39 36.16
C ASP F 115 9.56 -3.03 34.78
N VAL F 116 9.88 -1.75 34.59
CA VAL F 116 10.57 -1.31 33.38
C VAL F 116 11.78 -2.22 33.04
N SER F 117 12.56 -2.54 34.08
CA SER F 117 13.80 -3.27 33.94
C SER F 117 13.58 -4.73 33.61
N LYS F 118 12.54 -5.32 34.19
CA LYS F 118 12.13 -6.69 33.88
C LYS F 118 11.87 -6.76 32.37
N GLY F 119 11.02 -5.86 31.90
CA GLY F 119 10.67 -5.80 30.47
C GLY F 119 11.80 -5.43 29.53
N ILE F 120 12.90 -4.89 30.04
CA ILE F 120 14.05 -4.58 29.17
C ILE F 120 15.00 -5.77 29.14
N HIS F 121 15.18 -6.36 30.32
CA HIS F 121 15.79 -7.68 30.42
C HIS F 121 15.17 -8.58 29.36
N ILE F 122 13.85 -8.75 29.46
CA ILE F 122 13.13 -9.77 28.70
C ILE F 122 13.03 -9.41 27.22
N SER F 123 12.72 -8.16 26.92
CA SER F 123 12.60 -7.74 25.50
C SER F 123 13.90 -7.29 24.79
N ALA F 124 14.88 -6.79 25.53
CA ALA F 124 16.14 -6.32 24.90
C ALA F 124 17.39 -7.15 25.19
N TYR F 125 17.73 -7.32 26.48
CA TYR F 125 19.00 -7.96 26.92
C TYR F 125 19.00 -9.41 26.52
N SER F 126 17.81 -10.03 26.60
CA SER F 126 17.61 -11.42 26.19
C SER F 126 18.13 -11.72 24.77
N TYR F 127 18.09 -10.72 23.88
CA TYR F 127 18.60 -10.90 22.51
C TYR F 127 20.09 -11.20 22.45
N ALA F 128 20.88 -10.51 23.28
CA ALA F 128 22.34 -10.77 23.40
C ALA F 128 22.64 -12.08 24.13
N SER F 129 21.93 -12.34 25.23
CA SER F 129 22.18 -13.53 26.05
C SER F 129 21.81 -14.87 25.37
N MET F 130 20.98 -14.81 24.33
CA MET F 130 20.63 -15.99 23.54
C MET F 130 21.66 -16.16 22.45
N ALA F 131 22.02 -15.07 21.81
CA ALA F 131 23.11 -15.09 20.83
C ALA F 131 24.41 -15.58 21.46
N LYS F 132 24.69 -15.19 22.71
CA LYS F 132 25.88 -15.63 23.44
C LYS F 132 25.86 -17.13 23.65
N ALA F 133 24.74 -17.62 24.16
CA ALA F 133 24.62 -19.04 24.50
C ALA F 133 24.73 -19.90 23.27
N LEU F 134 24.10 -19.48 22.17
CA LEU F 134 23.88 -20.36 21.02
C LEU F 134 24.91 -20.18 19.89
N LEU F 135 25.53 -18.99 19.86
CA LEU F 135 26.53 -18.65 18.83
C LEU F 135 27.58 -19.75 18.68
N PRO F 136 28.15 -20.25 19.80
CA PRO F 136 29.14 -21.35 19.77
C PRO F 136 28.67 -22.60 18.99
N ILE F 137 27.38 -22.90 19.03
CA ILE F 137 26.78 -24.02 18.26
C ILE F 137 25.98 -23.52 17.06
N MET F 138 26.60 -22.63 16.27
CA MET F 138 25.99 -22.13 15.04
C MET F 138 26.91 -22.18 13.81
N ASN F 139 26.46 -22.87 12.76
CA ASN F 139 27.16 -22.93 11.48
C ASN F 139 27.38 -21.57 10.77
N PRO F 140 28.57 -21.38 10.18
CA PRO F 140 28.79 -20.16 9.38
C PRO F 140 27.73 -19.97 8.27
N GLY F 141 27.25 -18.76 8.12
CA GLY F 141 26.10 -18.51 7.22
C GLY F 141 24.81 -18.50 7.98
N GLY F 142 24.85 -18.76 9.28
CA GLY F 142 23.66 -18.78 10.11
C GLY F 142 22.96 -17.44 10.21
N SER F 143 21.90 -17.40 11.00
CA SER F 143 21.02 -16.23 11.09
C SER F 143 20.32 -16.17 12.42
N ILE F 144 20.64 -15.13 13.18
CA ILE F 144 19.89 -14.84 14.39
C ILE F 144 18.90 -13.74 13.99
N VAL F 145 17.63 -13.99 14.22
CA VAL F 145 16.60 -12.99 13.89
C VAL F 145 15.57 -12.83 15.04
N GLY F 146 15.20 -11.59 15.34
CA GLY F 146 14.30 -11.33 16.46
C GLY F 146 13.26 -10.32 16.09
N MET F 147 12.19 -10.24 16.89
CA MET F 147 11.01 -9.45 16.52
C MET F 147 11.00 -8.02 17.07
N ASP F 148 10.96 -7.06 16.15
CA ASP F 148 10.89 -5.64 16.48
C ASP F 148 9.47 -5.10 16.22
N PHE F 149 9.24 -3.91 16.77
CA PHE F 149 8.13 -3.06 16.38
C PHE F 149 8.76 -1.67 16.28
N ASP F 150 8.58 -0.99 15.18
CA ASP F 150 9.25 0.28 14.93
C ASP F 150 9.08 1.27 16.08
N PRO F 151 10.17 1.52 16.87
CA PRO F 151 10.11 2.47 17.99
C PRO F 151 10.68 3.85 17.74
N SER F 152 10.89 4.20 16.45
CA SER F 152 11.50 5.49 16.01
C SER F 152 10.74 6.75 16.46
N ARG F 153 9.43 6.63 16.63
CA ARG F 153 8.63 7.75 17.08
C ARG F 153 7.88 7.28 18.31
N ALA F 154 7.49 8.20 19.19
CA ALA F 154 6.66 7.86 20.34
C ALA F 154 5.27 7.65 19.82
N MET F 155 4.50 6.84 20.55
CA MET F 155 3.10 6.56 20.20
C MET F 155 2.32 6.26 21.48
N PRO F 156 0.97 6.45 21.45
CA PRO F 156 0.19 6.17 22.67
C PRO F 156 0.26 4.70 23.12
N ALA F 157 0.25 4.52 24.45
CA ALA F 157 -0.02 3.22 25.10
C ALA F 157 1.15 2.25 25.06
N TYR F 158 1.93 2.24 23.99
CA TYR F 158 3.04 1.30 23.87
C TYR F 158 4.13 1.67 24.87
N ASN F 159 4.42 2.96 24.96
CA ASN F 159 5.09 3.48 26.15
C ASN F 159 6.44 2.75 26.39
N TRP F 160 6.62 2.06 27.53
CA TRP F 160 7.94 1.55 27.90
C TRP F 160 8.39 0.35 27.04
N MET F 161 7.44 -0.31 26.41
CA MET F 161 7.81 -1.33 25.45
C MET F 161 8.46 -0.71 24.19
N THR F 162 8.06 0.52 23.84
CA THR F 162 8.74 1.32 22.81
C THR F 162 10.25 1.50 23.14
N VAL F 163 10.53 1.76 24.41
CA VAL F 163 11.89 1.93 24.90
C VAL F 163 12.65 0.60 24.90
N ALA F 164 11.98 -0.44 25.36
CA ALA F 164 12.50 -1.81 25.29
C ALA F 164 12.93 -2.15 23.86
N LYS F 165 12.14 -1.71 22.89
CA LYS F 165 12.36 -2.07 21.49
C LYS F 165 13.45 -1.20 20.84
N SER F 166 13.47 0.10 21.16
CA SER F 166 14.60 0.99 20.79
C SER F 166 15.89 0.38 21.26
N ALA F 167 15.89 -0.09 22.50
CA ALA F 167 17.07 -0.69 23.13
C ALA F 167 17.43 -2.01 22.45
N LEU F 168 16.43 -2.78 22.08
CA LEU F 168 16.64 -4.01 21.34
C LEU F 168 17.34 -3.72 20.04
N GLU F 169 16.83 -2.75 19.29
CA GLU F 169 17.47 -2.29 18.05
C GLU F 169 18.94 -1.98 18.29
N SER F 170 19.26 -1.28 19.38
CA SER F 170 20.65 -1.00 19.72
C SER F 170 21.46 -2.30 19.99
N VAL F 171 20.87 -3.19 20.78
CA VAL F 171 21.48 -4.49 21.06
C VAL F 171 21.70 -5.32 19.80
N ASN F 172 20.74 -5.31 18.88
CA ASN F 172 20.92 -6.06 17.61
C ASN F 172 22.19 -5.62 16.83
N ARG F 173 22.48 -4.32 16.82
CA ARG F 173 23.63 -3.75 16.09
C ARG F 173 24.97 -4.19 16.67
N PHE F 174 24.98 -4.47 17.98
CA PHE F 174 26.14 -5.01 18.72
C PHE F 174 26.23 -6.53 18.68
N VAL F 175 25.09 -7.22 18.74
CA VAL F 175 25.07 -8.67 18.55
C VAL F 175 25.63 -9.11 17.17
N ALA F 176 25.35 -8.30 16.15
CA ALA F 176 25.95 -8.48 14.82
C ALA F 176 27.49 -8.43 14.86
N ARG F 177 28.03 -7.65 15.79
CA ARG F 177 29.47 -7.47 15.90
C ARG F 177 30.16 -8.75 16.36
N GLU F 178 29.50 -9.46 17.26
CA GLU F 178 29.97 -10.74 17.80
C GLU F 178 29.59 -11.92 16.93
N ALA F 179 28.52 -11.77 16.13
CA ALA F 179 28.03 -12.80 15.20
C ALA F 179 28.80 -12.77 13.88
N GLY F 180 29.41 -11.62 13.56
CA GLY F 180 30.30 -11.52 12.39
C GLY F 180 31.56 -12.34 12.50
N LYS F 181 32.02 -12.54 13.74
CA LYS F 181 33.19 -13.39 14.06
C LYS F 181 32.95 -14.88 13.77
N TYR F 182 31.69 -15.26 13.74
CA TYR F 182 31.30 -16.62 13.40
C TYR F 182 30.74 -16.76 11.97
N GLY F 183 30.65 -15.66 11.23
CA GLY F 183 30.03 -15.67 9.90
C GLY F 183 28.53 -15.84 9.96
N VAL F 184 27.95 -15.32 11.05
CA VAL F 184 26.51 -15.35 11.27
C VAL F 184 25.93 -13.93 11.16
N ARG F 185 24.71 -13.83 10.67
CA ARG F 185 24.03 -12.54 10.59
C ARG F 185 23.00 -12.43 11.70
N SER F 186 22.72 -11.20 12.06
CA SER F 186 21.84 -10.84 13.13
C SER F 186 21.04 -9.69 12.55
N ASN F 187 19.73 -9.86 12.54
CA ASN F 187 18.82 -8.85 12.07
C ASN F 187 17.50 -8.90 12.82
N LEU F 188 16.72 -7.84 12.70
CA LEU F 188 15.38 -7.82 13.29
C LEU F 188 14.37 -7.71 12.17
N VAL F 189 13.15 -8.15 12.44
CA VAL F 189 12.02 -7.86 11.59
C VAL F 189 11.05 -6.97 12.36
N ALA F 190 10.83 -5.75 11.86
CA ALA F 190 9.89 -4.81 12.47
C ALA F 190 8.49 -4.96 11.86
N ALA F 191 7.63 -5.66 12.59
CA ALA F 191 6.37 -6.08 12.03
C ALA F 191 5.28 -5.08 12.33
N GLY F 192 4.26 -5.10 11.48
CA GLY F 192 3.02 -4.38 11.74
C GLY F 192 2.28 -5.07 12.87
N PRO F 193 1.26 -4.38 13.45
CA PRO F 193 0.33 -4.89 14.46
C PRO F 193 -0.41 -6.18 14.07
N ILE F 194 -0.30 -7.21 14.89
CA ILE F 194 -0.79 -8.55 14.55
C ILE F 194 -1.73 -8.99 15.67
N ARG F 195 -2.94 -9.45 15.29
CA ARG F 195 -3.94 -9.92 16.28
C ARG F 195 -3.58 -11.25 16.94
N THR F 196 -2.57 -11.22 17.80
CA THR F 196 -2.20 -12.34 18.64
C THR F 196 -3.24 -12.41 19.77
N GLN F 214 -7.26 3.95 22.72
CA GLN F 214 -7.20 4.50 21.37
C GLN F 214 -6.38 3.67 20.39
N ILE F 215 -6.49 2.35 20.48
CA ILE F 215 -5.90 1.44 19.49
C ILE F 215 -6.94 1.42 18.38
N GLN F 216 -6.97 0.41 17.52
CA GLN F 216 -7.83 0.44 16.31
C GLN F 216 -7.42 1.58 15.40
N LEU F 217 -7.51 2.83 15.88
CA LEU F 217 -6.96 3.99 15.17
C LEU F 217 -5.58 3.68 14.56
N LEU F 218 -4.80 2.84 15.25
CA LEU F 218 -3.58 2.22 14.69
C LEU F 218 -3.94 1.40 13.46
N GLU F 219 -4.70 0.33 13.68
CA GLU F 219 -4.98 -0.66 12.63
C GLU F 219 -5.69 -0.03 11.45
N GLU F 220 -6.39 1.08 11.70
CA GLU F 220 -6.94 1.89 10.63
C GLU F 220 -5.76 2.52 9.94
N GLY F 221 -4.98 3.25 10.73
CA GLY F 221 -3.85 4.02 10.27
C GLY F 221 -2.89 3.16 9.49
N TRP F 222 -2.56 2.01 10.06
CA TRP F 222 -1.61 1.08 9.48
C TRP F 222 -2.07 0.66 8.08
N ASP F 223 -3.34 0.26 7.99
CA ASP F 223 -3.91 -0.26 6.75
C ASP F 223 -3.93 0.85 5.71
N GLN F 224 -4.42 2.04 6.10
CA GLN F 224 -4.46 3.21 5.21
C GLN F 224 -3.06 3.61 4.74
N ARG F 225 -2.09 3.66 5.66
CA ARG F 225 -0.71 4.05 5.35
C ARG F 225 0.00 3.04 4.46
N ALA F 226 -0.15 1.76 4.77
CA ALA F 226 0.53 0.69 4.04
C ALA F 226 0.12 0.72 2.57
N PRO F 227 1.08 1.01 1.66
CA PRO F 227 0.72 1.11 0.24
C PRO F 227 0.03 -0.14 -0.30
N ILE F 228 0.54 -1.30 0.10
CA ILE F 228 0.01 -2.60 -0.33
C ILE F 228 -1.05 -3.15 0.61
N GLY F 229 -1.44 -2.36 1.62
CA GLY F 229 -2.37 -2.80 2.64
C GLY F 229 -1.67 -3.48 3.81
N TRP F 230 -2.44 -3.76 4.84
CA TRP F 230 -1.97 -4.49 6.00
C TRP F 230 -3.15 -5.21 6.63
N ASN F 231 -3.01 -6.52 6.80
CA ASN F 231 -4.00 -7.34 7.49
C ASN F 231 -3.49 -7.85 8.84
N MET F 232 -4.14 -7.44 9.91
CA MET F 232 -3.65 -7.69 11.27
C MET F 232 -3.98 -9.11 11.75
N LYS F 233 -4.84 -9.81 11.03
CA LYS F 233 -5.22 -11.15 11.41
C LYS F 233 -4.28 -12.22 10.85
N ASP F 234 -3.34 -11.82 9.99
CA ASP F 234 -2.43 -12.78 9.40
C ASP F 234 -0.96 -12.51 9.74
N ALA F 235 -0.36 -13.37 10.56
CA ALA F 235 1.06 -13.24 10.90
C ALA F 235 1.95 -13.80 9.81
N THR F 236 1.38 -14.63 8.93
CA THR F 236 2.09 -15.32 7.85
C THR F 236 3.14 -14.51 7.06
N PRO F 237 2.76 -13.33 6.51
CA PRO F 237 3.74 -12.58 5.75
C PRO F 237 4.98 -12.20 6.58
N VAL F 238 4.77 -11.93 7.87
CA VAL F 238 5.85 -11.59 8.79
C VAL F 238 6.70 -12.84 9.01
N ALA F 239 6.04 -14.00 9.09
CA ALA F 239 6.72 -15.26 9.31
C ALA F 239 7.64 -15.56 8.14
N LYS F 240 7.12 -15.41 6.92
CA LYS F 240 7.90 -15.56 5.67
C LYS F 240 9.11 -14.61 5.57
N THR F 241 8.89 -13.36 5.98
CA THR F 241 9.98 -12.39 6.13
C THR F 241 11.09 -12.96 7.04
N VAL F 242 10.68 -13.53 8.18
CA VAL F 242 11.64 -14.14 9.08
C VAL F 242 12.30 -15.28 8.35
N CYS F 243 11.53 -16.05 7.60
CA CYS F 243 12.11 -17.17 6.89
C CYS F 243 13.13 -16.74 5.84
N ALA F 244 12.91 -15.57 5.21
CA ALA F 244 13.88 -14.94 4.30
C ALA F 244 15.21 -14.59 4.96
N LEU F 245 15.16 -14.06 6.16
CA LEU F 245 16.33 -13.80 6.98
C LEU F 245 16.96 -15.08 7.48
N LEU F 246 16.16 -16.12 7.66
CA LEU F 246 16.72 -17.42 8.01
C LEU F 246 17.35 -18.12 6.77
N SER F 247 16.95 -17.69 5.57
CA SER F 247 17.47 -18.26 4.32
C SER F 247 18.88 -17.79 3.93
N ASP F 248 19.33 -18.27 2.77
CA ASP F 248 20.60 -17.85 2.16
C ASP F 248 20.40 -16.67 1.18
N TRP F 249 19.17 -16.14 1.12
CA TRP F 249 18.82 -15.09 0.16
C TRP F 249 18.85 -13.65 0.75
N LEU F 250 19.77 -13.41 1.67
CA LEU F 250 19.97 -12.09 2.27
C LEU F 250 21.31 -12.14 3.00
N PRO F 251 22.37 -12.57 2.28
CA PRO F 251 23.62 -12.94 2.89
C PRO F 251 24.54 -11.76 3.22
N ALA F 252 24.20 -10.58 2.70
CA ALA F 252 25.00 -9.38 2.91
C ALA F 252 24.31 -8.41 3.85
N THR F 253 23.21 -8.83 4.47
CA THR F 253 22.50 -7.95 5.42
C THR F 253 22.69 -8.44 6.85
N THR F 254 23.22 -7.55 7.69
CA THR F 254 23.39 -7.83 9.12
C THR F 254 23.36 -6.55 9.96
N GLY F 255 22.97 -6.70 11.22
CA GLY F 255 22.83 -5.58 12.14
C GLY F 255 21.63 -4.70 11.81
N ASP F 256 20.71 -5.21 11.00
CA ASP F 256 19.70 -4.39 10.39
C ASP F 256 18.30 -4.67 10.90
N ILE F 257 17.34 -3.97 10.27
CA ILE F 257 15.93 -4.16 10.52
C ILE F 257 15.18 -4.26 9.18
N ILE F 258 14.56 -5.40 8.94
CA ILE F 258 13.64 -5.54 7.81
C ILE F 258 12.24 -5.20 8.31
N TYR F 259 11.53 -4.41 7.52
CA TYR F 259 10.22 -3.95 7.92
C TYR F 259 9.14 -4.75 7.20
N ALA F 260 8.60 -5.73 7.92
CA ALA F 260 7.43 -6.50 7.46
C ALA F 260 6.17 -5.85 8.01
N ASP F 261 5.85 -4.68 7.48
CA ASP F 261 4.82 -3.81 8.06
C ASP F 261 3.84 -3.28 7.02
N GLY F 262 3.87 -3.86 5.82
CA GLY F 262 3.09 -3.35 4.68
C GLY F 262 3.61 -2.07 4.03
N GLY F 263 4.78 -1.56 4.47
CA GLY F 263 5.30 -0.27 4.01
C GLY F 263 4.80 0.95 4.76
N ALA F 264 4.10 0.74 5.86
CA ALA F 264 3.42 1.85 6.54
C ALA F 264 4.40 2.83 7.15
N HIS F 265 5.53 2.32 7.63
CA HIS F 265 6.60 3.18 8.18
C HIS F 265 7.32 3.98 7.09
N THR F 266 6.89 3.85 5.85
CA THR F 266 7.42 4.61 4.72
C THR F 266 6.51 5.79 4.35
N GLN F 267 5.28 5.79 4.89
CA GLN F 267 4.24 6.80 4.54
C GLN F 267 3.78 7.56 5.76
N LEU F 268 3.77 8.90 5.68
CA LEU F 268 3.26 9.74 6.78
C LEU F 268 1.73 9.65 6.87
N LEU F 269 1.04 9.94 5.77
CA LEU F 269 -0.40 9.85 5.76
C LEU F 269 -0.87 8.85 4.70
C1 TCL G . -29.98 -0.86 -21.03
C2 TCL G . -29.89 0.41 -21.58
C6 TCL G . -28.85 -1.66 -20.89
C5 TCL G . -27.52 -1.13 -21.35
C4 TCL G . -27.48 0.16 -21.89
C3 TCL G . -28.64 0.92 -22.01
C11 TCL G . -24.01 -3.58 -24.25
C10 TCL G . -23.42 -3.26 -23.04
C9 TCL G . -24.18 -2.71 -22.02
C8 TCL G . -25.64 -2.46 -22.23
C12 TCL G . -25.37 -3.36 -24.46
C13 TCL G . -26.18 -2.80 -23.47
O7 TCL G . -26.40 -1.91 -21.20
CL14 TCL G . -31.40 1.38 -21.73
CL15 TCL G . -22.98 -4.31 -25.53
CL16 TCL G . -23.32 -2.34 -20.52
O17 TCL G . -28.94 -2.87 -20.36
PA NAD H . -20.87 0.07 -19.15
O1A NAD H . -20.56 -0.09 -20.59
O2A NAD H . -20.37 1.37 -18.65
O5B NAD H . -20.33 -1.21 -18.32
C5B NAD H . -20.47 -2.54 -18.77
C4B NAD H . -19.32 -3.39 -18.23
O4B NAD H . -19.33 -4.73 -18.70
C3B NAD H . -17.99 -2.81 -18.69
O3B NAD H . -17.31 -2.28 -17.57
C2B NAD H . -17.27 -3.95 -19.37
O2B NAD H . -15.88 -3.98 -19.19
C1B NAD H . -17.97 -5.13 -18.72
N9A NAD H . -17.70 -6.37 -19.47
C8A NAD H . -18.04 -6.60 -20.78
N7A NAD H . -17.61 -7.84 -21.11
C5A NAD H . -17.00 -8.38 -20.03
C6A NAD H . -16.39 -9.60 -19.82
N6A NAD H . -16.30 -10.46 -20.83
N1A NAD H . -15.84 -9.89 -18.59
C2A NAD H . -15.89 -8.99 -17.55
N3A NAD H . -16.50 -7.77 -17.78
C4A NAD H . -17.05 -7.46 -18.98
O3 NAD H . -22.48 -0.16 -19.00
PN NAD H . -23.48 0.37 -17.87
O1N NAD H . -24.46 1.20 -18.62
O2N NAD H . -22.79 0.81 -16.67
O5D NAD H . -24.23 -0.99 -17.49
C5D NAD H . -23.68 -1.95 -16.61
C4D NAD H . -24.80 -2.94 -16.35
O4D NAD H . -26.03 -2.28 -16.07
C3D NAD H . -25.06 -3.76 -17.59
O3D NAD H . -25.34 -5.06 -17.19
C2D NAD H . -26.29 -3.15 -18.20
O2D NAD H . -26.95 -4.05 -19.05
C1D NAD H . -27.06 -2.73 -16.94
N1N NAD H . -28.07 -1.67 -17.17
C2N NAD H . -27.70 -0.44 -17.62
C3N NAD H . -28.62 0.58 -17.83
C7N NAD H . -28.25 1.66 -18.79
O7N NAD H . -29.20 2.52 -19.33
N7N NAD H . -26.97 1.81 -19.15
C4N NAD H . -29.97 0.33 -17.57
C5N NAD H . -30.35 -0.92 -17.11
C6N NAD H . -29.38 -1.91 -16.92
C1 TCL I . -40.91 -29.74 -18.57
C2 TCL I . -41.06 -30.97 -17.93
C6 TCL I . -40.17 -29.65 -19.75
C5 TCL I . -39.55 -30.88 -20.31
C4 TCL I . -39.74 -32.09 -19.64
C3 TCL I . -40.49 -32.13 -18.46
C11 TCL I . -34.94 -32.20 -22.37
C10 TCL I . -35.93 -32.20 -23.35
C9 TCL I . -37.19 -31.74 -23.04
C8 TCL I . -37.55 -31.26 -21.69
C12 TCL I . -35.26 -31.74 -21.09
C13 TCL I . -36.55 -31.28 -20.73
O7 TCL I . -38.83 -30.81 -21.48
CL14 TCL I . -42.02 -31.07 -16.42
CL15 TCL I . -33.30 -32.79 -22.78
CL16 TCL I . -38.41 -31.74 -24.30
O17 TCL I . -40.01 -28.48 -20.36
PA NAD J . -39.74 -34.70 -26.60
O1A NAD J . -38.42 -35.16 -26.11
O2A NAD J . -40.68 -35.78 -27.02
O5B NAD J . -39.53 -33.58 -27.73
C5B NAD J . -38.40 -32.75 -27.81
C4B NAD J . -38.12 -32.68 -29.30
O4B NAD J . -37.11 -31.73 -29.60
C3B NAD J . -37.71 -34.04 -29.83
O3B NAD J . -38.62 -34.50 -30.81
C2B NAD J . -36.30 -33.77 -30.38
O2B NAD J . -35.97 -34.54 -31.50
C1B NAD J . -36.37 -32.28 -30.68
N9A NAD J . -35.02 -31.72 -30.85
C8A NAD J . -33.98 -31.77 -29.96
N7A NAD J . -32.92 -31.17 -30.51
C5A NAD J . -33.26 -30.73 -31.75
C6A NAD J . -32.55 -30.06 -32.73
N6A NAD J . -31.30 -29.70 -32.47
N1A NAD J . -33.16 -29.73 -33.92
C2A NAD J . -34.49 -30.08 -34.15
N3A NAD J . -35.19 -30.76 -33.15
C4A NAD J . -34.58 -31.07 -31.99
O3 NAD J . -40.37 -33.81 -25.40
PN NAD J . -41.82 -33.09 -25.40
O1N NAD J . -42.26 -33.31 -24.01
O2N NAD J . -42.65 -33.55 -26.56
O5D NAD J . -41.38 -31.54 -25.52
C5D NAD J . -41.54 -30.73 -26.65
C4D NAD J . -41.66 -29.29 -26.17
O4D NAD J . -42.58 -29.19 -25.08
C3D NAD J . -40.35 -28.76 -25.62
O3D NAD J . -40.25 -27.40 -25.96
C2D NAD J . -40.49 -28.84 -24.12
O2D NAD J . -39.62 -27.92 -23.50
C1D NAD J . -41.98 -28.50 -23.99
N1N NAD J . -42.63 -28.82 -22.69
C2N NAD J . -42.66 -30.12 -22.21
C3N NAD J . -43.30 -30.40 -21.02
C7N NAD J . -43.31 -31.79 -20.43
O7N NAD J . -43.80 -31.92 -19.14
N7N NAD J . -42.94 -32.88 -21.11
C4N NAD J . -43.91 -29.36 -20.29
C5N NAD J . -43.86 -28.06 -20.78
C6N NAD J . -43.21 -27.82 -22.00
C1 TCL K . 28.18 3.63 -5.94
C2 TCL K . 29.55 3.36 -5.97
C6 TCL K . 27.44 3.72 -7.11
C5 TCL K . 28.14 3.51 -8.42
C4 TCL K . 29.49 3.23 -8.41
C3 TCL K . 30.19 3.17 -7.20
C11 TCL K . 27.93 6.54 -12.60
C10 TCL K . 27.47 5.28 -12.92
C9 TCL K . 27.30 4.33 -11.93
C8 TCL K . 27.63 4.60 -10.52
C12 TCL K . 28.24 6.84 -11.26
C13 TCL K . 28.10 5.89 -10.22
O7 TCL K . 27.43 3.59 -9.59
CL14 TCL K . 30.49 3.27 -4.43
CL15 TCL K . 28.15 7.75 -13.92
CL16 TCL K . 26.72 2.73 -12.35
O17 TCL K . 26.13 3.98 -7.08
PA NAD L . 26.94 -0.36 -14.57
O1A NAD L . 27.70 0.64 -15.33
O2A NAD L . 27.08 -1.71 -15.12
O5B NAD L . 25.37 0.05 -14.56
C5B NAD L . 24.86 1.30 -14.98
C4B NAD L . 23.85 1.03 -16.09
O4B NAD L . 23.07 2.18 -16.32
C3B NAD L . 24.49 0.65 -17.43
O3B NAD L . 24.16 -0.66 -17.88
C2B NAD L . 23.96 1.67 -18.40
O2B NAD L . 23.71 1.05 -19.64
C1B NAD L . 22.70 2.14 -17.68
N9A NAD L . 22.25 3.44 -18.20
C8A NAD L . 22.89 4.67 -18.15
N7A NAD L . 22.10 5.58 -18.79
C5A NAD L . 20.99 4.94 -19.26
C6A NAD L . 19.88 5.35 -19.99
N6A NAD L . 19.85 6.55 -20.56
N1A NAD L . 18.92 4.42 -20.33
C2A NAD L . 19.02 3.08 -19.94
N3A NAD L . 20.13 2.68 -19.22
C4A NAD L . 21.08 3.59 -18.89
O3 NAD L . 27.38 -0.28 -13.01
PN NAD L . 26.57 -0.96 -11.79
O1N NAD L . 27.50 -1.11 -10.63
O2N NAD L . 25.93 -2.20 -12.26
O5D NAD L . 25.45 0.11 -11.37
C5D NAD L . 24.06 -0.11 -11.57
C4D NAD L . 23.21 0.55 -10.48
O4D NAD L . 23.62 0.09 -9.20
C3D NAD L . 23.33 2.08 -10.51
O3D NAD L . 22.09 2.70 -10.29
C2D NAD L . 24.32 2.36 -9.39
O2D NAD L . 24.24 3.67 -8.85
C1D NAD L . 23.96 1.24 -8.40
N1N NAD L . 25.04 0.94 -7.43
C2N NAD L . 26.33 0.69 -7.86
C3N NAD L . 27.32 0.42 -6.92
C7N NAD L . 28.65 -0.08 -7.37
O7N NAD L . 29.67 -0.22 -6.42
N7N NAD L . 28.87 -0.37 -8.65
C4N NAD L . 27.01 0.42 -5.56
C5N NAD L . 25.70 0.68 -5.15
C6N NAD L . 24.72 0.95 -6.11
C1 TCL M . 5.41 22.75 2.73
C2 TCL M . 4.09 23.13 2.94
C6 TCL M . 6.22 23.46 1.88
C5 TCL M . 5.67 24.66 1.18
C4 TCL M . 4.34 24.99 1.40
C3 TCL M . 3.58 24.23 2.26
C11 TCL M . 5.53 25.21 -3.81
C10 TCL M . 6.30 26.27 -3.32
C9 TCL M . 6.60 26.37 -1.97
C8 TCL M . 6.11 25.33 -1.05
C12 TCL M . 5.05 24.24 -2.94
C13 TCL M . 5.33 24.29 -1.58
O7 TCL M . 6.41 25.40 0.30
CL14 TCL M . 3.02 22.20 4.04
CL15 TCL M . 5.11 25.07 -5.54
CL16 TCL M . 7.62 27.69 -1.31
O17 TCL M . 7.49 23.09 1.71
PA NAD N . 6.62 31.56 -0.18
O1A NAD N . 5.56 31.31 -1.20
O2A NAD N . 6.43 32.71 0.74
O5B NAD N . 7.99 31.84 -0.99
C5B NAD N . 8.31 31.17 -2.18
C4B NAD N . 9.53 31.85 -2.81
O4B NAD N . 10.20 31.04 -3.77
C3B NAD N . 9.17 33.16 -3.51
O3B NAD N . 9.60 34.25 -2.73
C2B NAD N . 9.93 33.08 -4.82
O2B NAD N . 10.63 34.24 -5.22
C1B NAD N . 10.90 31.94 -4.56
N9A NAD N . 11.37 31.45 -5.86
C8A NAD N . 10.69 30.73 -6.81
N7A NAD N . 11.51 30.59 -7.88
C5A NAD N . 12.69 31.19 -7.62
C6A NAD N . 13.85 31.35 -8.35
N6A NAD N . 13.87 31.06 -9.65
N1A NAD N . 14.89 32.07 -7.81
C2A NAD N . 14.79 32.65 -6.56
N3A NAD N . 13.63 32.49 -5.83
C4A NAD N . 12.60 31.77 -6.36
O3 NAD N . 6.95 30.18 0.60
PN NAD N . 7.17 30.02 2.18
O1N NAD N . 5.98 29.19 2.54
O2N NAD N . 7.49 31.32 2.78
O5D NAD N . 8.50 29.15 2.46
C5D NAD N . 9.76 29.37 1.85
C4D NAD N . 10.60 28.09 1.93
O4D NAD N . 10.32 27.36 3.12
C3D NAD N . 10.34 27.15 0.76
O3D NAD N . 11.51 26.54 0.28
C2D NAD N . 9.44 26.08 1.35
O2D NAD N . 9.53 24.86 0.70
C1D NAD N . 9.93 26.03 2.80
N1N NAD N . 8.87 25.50 3.69
C2N NAD N . 7.62 26.07 3.76
C3N NAD N . 6.64 25.54 4.60
C7N NAD N . 5.29 26.19 4.67
O7N NAD N . 4.29 25.61 5.44
N7N NAD N . 5.04 27.29 3.97
C4N NAD N . 6.92 24.40 5.38
C5N NAD N . 8.19 23.82 5.29
C6N NAD N . 9.15 24.38 4.45
C1 TCL O . 30.54 8.84 25.70
C2 TCL O . 31.92 8.69 25.59
C6 TCL O . 29.94 9.07 26.95
C5 TCL O . 30.82 9.18 28.13
C4 TCL O . 32.21 9.03 27.97
C3 TCL O . 32.75 8.79 26.71
C11 TCL O . 30.21 6.40 32.36
C10 TCL O . 29.57 7.61 32.58
C9 TCL O . 29.57 8.61 31.61
C8 TCL O . 30.28 8.39 30.32
C12 TCL O . 30.87 6.18 31.16
C13 TCL O . 30.90 7.15 30.16
O7 TCL O . 30.27 9.40 29.37
CL14 TCL O . 32.67 8.37 23.97
CL15 TCL O . 30.20 5.14 33.64
CL16 TCL O . 28.73 10.16 31.90
O17 TCL O . 28.62 9.20 27.08
PA NAD P . 30.74 13.21 33.87
O1A NAD P . 31.55 12.13 34.45
O2A NAD P . 31.40 14.53 33.88
O5B NAD P . 29.31 13.31 34.58
C5B NAD P . 28.53 12.17 34.81
C4B NAD P . 27.60 12.54 35.96
O4B NAD P . 26.61 11.52 36.11
C3B NAD P . 28.35 12.69 37.30
O3B NAD P . 28.25 13.98 37.88
C2B NAD P . 27.62 11.77 38.23
O2B NAD P . 27.48 12.40 39.50
C1B NAD P . 26.30 11.56 37.50
N9A NAD P . 25.64 10.36 38.03
C8A NAD P . 25.99 9.05 37.89
N7A NAD P . 25.10 8.33 38.60
C5A NAD P . 24.19 9.15 39.18
C6A NAD P . 23.08 8.97 40.01
N6A NAD P . 22.52 7.77 40.17
N1A NAD P . 22.38 10.07 40.44
C2A NAD P . 22.72 11.35 40.07
N3A NAD P . 23.83 11.51 39.27
C4A NAD P . 24.54 10.44 38.83
O3 NAD P . 30.46 12.75 32.36
PN NAD P . 29.92 13.74 31.22
O1N NAD P . 30.71 13.37 30.04
O2N NAD P . 29.82 15.14 31.66
O5D NAD P . 28.44 13.18 31.11
C5D NAD P . 27.30 13.97 31.25
C4D NAD P . 26.37 13.54 30.14
O4D NAD P . 26.95 13.85 28.88
C3D NAD P . 26.14 12.04 30.22
O3D NAD P . 24.78 11.74 29.99
C2D NAD P . 27.00 11.54 29.09
O2D NAD P . 26.54 10.29 28.62
C1D NAD P . 26.86 12.68 28.08
N1N NAD P . 27.85 12.66 27.00
C2N NAD P . 29.20 12.74 27.26
C3N NAD P . 30.11 12.68 26.18
C7N NAD P . 31.56 12.46 26.47
O7N NAD P . 32.34 11.85 25.49
N7N NAD P . 32.08 12.86 27.64
C4N NAD P . 29.64 12.57 24.87
C5N NAD P . 28.27 12.52 24.64
C6N NAD P . 27.39 12.55 25.71
C1 TCL Q . 3.61 -4.60 19.32
C2 TCL Q . 2.23 -4.57 19.23
C6 TCL Q . 4.24 -5.48 20.18
C5 TCL Q . 3.41 -6.39 21.03
C4 TCL Q . 2.03 -6.33 20.92
C3 TCL Q . 1.44 -5.43 20.03
C11 TCL Q . 3.48 -7.49 26.00
C10 TCL Q . 3.98 -8.60 25.35
C9 TCL Q . 4.19 -8.53 23.98
C8 TCL Q . 3.87 -7.29 23.22
C12 TCL Q . 3.19 -6.32 25.32
C13 TCL Q . 3.37 -6.20 23.94
O7 TCL Q . 4.08 -7.24 21.87
CL14 TCL Q . 1.43 -3.42 18.11
CL15 TCL Q . 3.20 -7.54 27.76
CL16 TCL Q . 4.82 -9.98 23.17
O17 TCL Q . 5.56 -5.57 20.30
PA NAD R . 3.60 -13.29 22.47
O1A NAD R . 2.82 -12.97 23.70
O2A NAD R . 3.04 -14.36 21.62
O5B NAD R . 5.12 -13.68 22.76
C5B NAD R . 5.77 -13.22 23.90
C4B NAD R . 6.53 -14.43 24.37
O4B NAD R . 7.51 -14.06 25.28
C3B NAD R . 5.63 -15.45 25.06
O3B NAD R . 5.46 -16.59 24.24
C2B NAD R . 6.30 -15.72 26.40
O2B NAD R . 6.29 -17.07 26.80
C1B NAD R . 7.69 -15.15 26.13
N9A NAD R . 8.36 -14.69 27.33
C8A NAD R . 7.97 -13.68 28.14
N7A NAD R . 8.87 -13.57 29.12
C5A NAD R . 9.84 -14.51 28.93
C6A NAD R . 10.99 -14.83 29.64
N6A NAD R . 11.10 -14.51 30.94
N1A NAD R . 11.77 -15.87 29.16
C2A NAD R . 11.44 -16.56 28.02
N3A NAD R . 10.29 -16.22 27.34
C4A NAD R . 9.52 -15.21 27.79
O3 NAD R . 3.75 -11.90 21.67
PN NAD R . 3.66 -11.81 20.07
O1N NAD R . 2.48 -10.98 19.77
O2N NAD R . 3.82 -13.14 19.47
O5D NAD R . 5.05 -11.08 19.91
C5D NAD R . 6.26 -11.80 20.01
C4D NAD R . 7.36 -10.82 19.68
O4D NAD R . 6.97 -10.09 18.50
C3D NAD R . 7.56 -9.79 20.79
O3D NAD R . 8.92 -9.41 20.91
C2D NAD R . 6.78 -8.58 20.31
O2D NAD R . 7.29 -7.37 20.85
C1D NAD R . 6.96 -8.72 18.79
N1N NAD R . 5.94 -8.01 18.00
C2N NAD R . 4.59 -8.17 18.20
C3N NAD R . 3.70 -7.44 17.42
C7N NAD R . 2.21 -7.55 17.59
O7N NAD R . 1.40 -6.57 17.00
N7N NAD R . 1.67 -8.54 18.31
C4N NAD R . 4.18 -6.56 16.43
C5N NAD R . 5.55 -6.41 16.23
C6N NAD R . 6.41 -7.15 17.04
#